data_1G23
#
_entry.id   1G23
#
_cell.length_a   71.583
_cell.length_b   73.901
_cell.length_c   133.748
_cell.angle_alpha   89.81
_cell.angle_beta   80.31
_cell.angle_gamma   80.18
#
_symmetry.space_group_name_H-M   'P 1'
#
loop_
_entity.id
_entity.type
_entity.pdbx_description
1 polymer 'GLUCOSE-1-PHOSPHATE THYMIDYLYLTRANSFERASE'
2 non-polymer 1-O-phosphono-alpha-D-glucopyranose
3 non-polymer 'SULFATE ION'
#
_entity_poly.entity_id   1
_entity_poly.type   'polypeptide(L)'
_entity_poly.pdbx_seq_one_letter_code
;(MSE)KRKGIILAGGSGTRLHPATLAISKQLLPVYDKP(MSE)IYYPLSTL(MSE)LAGIREILIISTPQDTPRFQQLLG
DGSNWGLDLQYAVQPSPDGLAQAFLIGESFIGNDLSALVLGDNLYYGHDFHELLGSASQRQTGASVFAYHVLDPERYGVV
EFDQGGKAISLEEKPLEPKSNYAVTGLYFYDQQVVDIARDLKPSPRGELEITDVNRAYLERGQLSVEI(MSE)GRGYAWL
DTGTHDSLLEAGQFIATLENRQGLKVACPEEIAYRQKWIDAAQLEKLAAPLAKNGYGQYLKRLLTETVY
;
_entity_poly.pdbx_strand_id   A,B,C,D,E,F,G,H
#
loop_
_chem_comp.id
_chem_comp.type
_chem_comp.name
_chem_comp.formula
G1P D-saccharide 1-O-phosphono-alpha-D-glucopyranose 'C6 H13 O9 P'
SO4 non-polymer 'SULFATE ION' 'O4 S -2'
#
# COMPACT_ATOMS: atom_id res chain seq x y z
N LYS A 2 -36.59 -47.12 -46.44
CA LYS A 2 -35.81 -45.87 -46.28
C LYS A 2 -36.50 -45.00 -45.27
N ARG A 3 -35.74 -44.65 -44.26
CA ARG A 3 -36.09 -43.68 -43.27
C ARG A 3 -35.28 -42.45 -43.40
N LYS A 4 -35.90 -41.31 -43.17
CA LYS A 4 -35.18 -40.07 -43.29
C LYS A 4 -35.06 -39.50 -41.93
N GLY A 5 -34.06 -38.66 -41.76
CA GLY A 5 -33.85 -38.11 -40.44
C GLY A 5 -33.87 -36.62 -40.30
N ILE A 6 -34.22 -36.19 -39.10
CA ILE A 6 -34.25 -34.79 -38.76
C ILE A 6 -33.51 -34.52 -37.45
N ILE A 7 -32.63 -33.52 -37.48
CA ILE A 7 -31.99 -33.02 -36.27
C ILE A 7 -32.56 -31.67 -35.98
N LEU A 8 -33.21 -31.55 -34.85
CA LEU A 8 -33.80 -30.31 -34.45
C LEU A 8 -32.78 -29.67 -33.57
N ALA A 9 -32.16 -28.63 -34.08
CA ALA A 9 -31.04 -28.02 -33.38
C ALA A 9 -31.26 -26.58 -33.30
N GLY A 10 -32.45 -26.20 -32.94
CA GLY A 10 -32.74 -24.80 -32.95
C GLY A 10 -32.69 -24.23 -31.56
N GLY A 11 -33.52 -23.22 -31.38
CA GLY A 11 -33.63 -22.52 -30.12
C GLY A 11 -32.51 -21.57 -29.80
N SER A 12 -32.85 -20.77 -28.80
CA SER A 12 -31.97 -19.81 -28.19
C SER A 12 -30.99 -20.50 -27.26
N GLY A 13 -31.50 -21.26 -26.27
CA GLY A 13 -30.65 -21.89 -25.26
C GLY A 13 -30.12 -20.86 -24.27
N THR A 14 -31.02 -19.95 -23.83
CA THR A 14 -30.69 -18.91 -22.88
C THR A 14 -30.01 -19.54 -21.66
N ARG A 15 -30.39 -20.80 -21.34
CA ARG A 15 -29.81 -21.56 -20.18
C ARG A 15 -28.28 -21.59 -20.30
N LEU A 16 -27.84 -21.35 -21.54
CA LEU A 16 -26.43 -21.31 -21.91
C LEU A 16 -25.90 -19.86 -22.21
N HIS A 17 -26.66 -18.85 -21.78
CA HIS A 17 -26.16 -17.46 -21.74
C HIS A 17 -25.13 -17.15 -20.64
N PRO A 18 -24.07 -16.40 -20.96
CA PRO A 18 -23.78 -15.78 -22.26
C PRO A 18 -22.90 -16.58 -23.20
N ALA A 19 -22.53 -17.80 -22.84
CA ALA A 19 -21.72 -18.60 -23.74
C ALA A 19 -22.39 -18.58 -25.11
N THR A 20 -23.68 -18.94 -25.16
CA THR A 20 -24.41 -18.96 -26.44
C THR A 20 -24.77 -17.59 -27.06
N LEU A 21 -24.36 -16.49 -26.46
CA LEU A 21 -24.49 -15.27 -27.20
C LEU A 21 -23.61 -15.58 -28.42
N ALA A 22 -22.35 -15.86 -28.08
CA ALA A 22 -21.25 -16.08 -29.04
C ALA A 22 -21.51 -17.05 -30.22
N ILE A 23 -22.47 -17.97 -30.05
CA ILE A 23 -22.77 -19.08 -30.96
C ILE A 23 -23.91 -19.96 -30.49
N SER A 24 -24.61 -20.61 -31.40
CA SER A 24 -25.66 -21.53 -30.95
C SER A 24 -25.04 -22.72 -30.23
N LYS A 25 -25.85 -23.22 -29.30
CA LYS A 25 -25.56 -24.27 -28.38
C LYS A 25 -24.99 -25.43 -29.10
N GLN A 26 -25.59 -25.74 -30.24
CA GLN A 26 -25.21 -26.97 -30.95
C GLN A 26 -23.96 -26.82 -31.75
N LEU A 27 -23.30 -25.66 -31.61
CA LEU A 27 -21.94 -25.52 -32.15
C LEU A 27 -20.87 -25.64 -31.08
N LEU A 28 -21.23 -25.48 -29.81
CA LEU A 28 -20.20 -25.55 -28.79
C LEU A 28 -19.69 -26.99 -28.78
N PRO A 29 -18.46 -27.16 -28.35
CA PRO A 29 -17.86 -28.47 -28.37
C PRO A 29 -18.30 -29.24 -27.21
N VAL A 30 -18.37 -30.54 -27.37
CA VAL A 30 -18.39 -31.39 -26.22
C VAL A 30 -17.08 -32.11 -26.26
N TYR A 31 -16.17 -31.70 -25.39
CA TYR A 31 -14.80 -32.17 -25.36
C TYR A 31 -14.04 -31.80 -26.59
N ASP A 32 -14.17 -32.57 -27.65
CA ASP A 32 -13.26 -32.37 -28.79
C ASP A 32 -13.88 -32.24 -30.13
N LYS A 33 -15.19 -32.18 -30.20
CA LYS A 33 -15.83 -31.97 -31.47
C LYS A 33 -17.14 -31.29 -31.18
N PRO A 34 -17.75 -30.69 -32.17
CA PRO A 34 -18.99 -29.97 -31.96
C PRO A 34 -20.16 -30.83 -31.62
N MSE A 35 -21.04 -30.26 -30.84
CA MSE A 35 -22.16 -30.98 -30.22
C MSE A 35 -22.92 -31.69 -31.24
O MSE A 35 -23.26 -32.84 -31.08
CB MSE A 35 -23.09 -30.01 -29.49
CG MSE A 35 -24.04 -30.70 -28.54
SE MSE A 35 -25.41 -29.47 -27.95
CE MSE A 35 -24.49 -28.55 -26.90
N ILE A 36 -23.16 -31.01 -32.33
CA ILE A 36 -24.04 -31.57 -33.32
C ILE A 36 -23.52 -32.84 -33.91
N TYR A 37 -22.22 -33.10 -33.80
CA TYR A 37 -21.72 -34.36 -34.29
C TYR A 37 -22.36 -35.53 -33.61
N TYR A 38 -22.64 -35.41 -32.33
CA TYR A 38 -23.20 -36.53 -31.60
C TYR A 38 -24.51 -37.08 -32.17
N PRO A 39 -25.55 -36.30 -32.14
CA PRO A 39 -26.86 -36.72 -32.67
C PRO A 39 -26.81 -37.02 -34.18
N LEU A 40 -25.99 -36.28 -34.88
CA LEU A 40 -25.72 -36.64 -36.26
C LEU A 40 -25.24 -38.08 -36.38
N SER A 41 -24.23 -38.38 -35.59
CA SER A 41 -23.63 -39.68 -35.67
C SER A 41 -24.65 -40.73 -35.20
N THR A 42 -25.59 -40.31 -34.35
CA THR A 42 -26.64 -41.24 -33.89
C THR A 42 -27.50 -41.68 -35.05
N LEU A 43 -28.08 -40.74 -35.77
CA LEU A 43 -28.81 -41.12 -36.95
C LEU A 43 -27.94 -41.95 -37.87
N MSE A 44 -26.67 -41.64 -37.95
CA MSE A 44 -25.84 -42.39 -38.89
C MSE A 44 -25.85 -43.83 -38.43
O MSE A 44 -26.18 -44.72 -39.18
CB MSE A 44 -24.43 -41.79 -39.02
CG MSE A 44 -24.35 -40.54 -39.86
SE MSE A 44 -22.80 -39.59 -39.53
CE MSE A 44 -21.80 -40.53 -40.54
N LEU A 45 -25.55 -44.07 -37.17
CA LEU A 45 -25.56 -45.45 -36.71
C LEU A 45 -26.89 -46.11 -36.89
N ALA A 46 -27.96 -45.37 -37.04
CA ALA A 46 -29.22 -46.04 -37.31
C ALA A 46 -29.37 -46.37 -38.76
N GLY A 47 -28.35 -46.17 -39.57
CA GLY A 47 -28.56 -46.42 -40.97
C GLY A 47 -29.20 -45.31 -41.77
N ILE A 48 -29.29 -44.11 -41.22
CA ILE A 48 -29.90 -43.03 -41.97
C ILE A 48 -28.94 -42.08 -42.63
N ARG A 49 -29.02 -41.94 -43.95
CA ARG A 49 -28.12 -41.10 -44.75
C ARG A 49 -28.65 -39.79 -45.24
N GLU A 50 -29.96 -39.65 -45.22
CA GLU A 50 -30.56 -38.45 -45.73
C GLU A 50 -31.26 -37.71 -44.62
N ILE A 51 -30.66 -36.57 -44.25
CA ILE A 51 -31.01 -35.86 -43.04
C ILE A 51 -31.23 -34.39 -43.23
N LEU A 52 -32.29 -33.92 -42.61
CA LEU A 52 -32.60 -32.50 -42.60
C LEU A 52 -32.28 -31.86 -41.26
N ILE A 53 -31.52 -30.79 -41.30
CA ILE A 53 -31.13 -30.10 -40.10
C ILE A 53 -31.92 -28.82 -39.98
N ILE A 54 -32.60 -28.68 -38.86
CA ILE A 54 -33.42 -27.51 -38.61
C ILE A 54 -32.83 -26.65 -37.55
N SER A 55 -32.70 -25.37 -37.82
CA SER A 55 -32.17 -24.49 -36.83
C SER A 55 -32.71 -23.11 -36.91
N THR A 56 -32.20 -22.21 -36.06
CA THR A 56 -32.66 -20.82 -36.11
C THR A 56 -32.07 -20.22 -37.34
N PRO A 57 -32.68 -19.12 -37.75
CA PRO A 57 -32.30 -18.38 -38.94
C PRO A 57 -30.90 -17.86 -38.84
N GLN A 58 -30.51 -17.39 -37.67
CA GLN A 58 -29.14 -16.97 -37.52
C GLN A 58 -28.19 -18.19 -37.54
N ASP A 59 -28.59 -19.33 -36.99
CA ASP A 59 -27.66 -20.49 -36.89
C ASP A 59 -27.50 -21.38 -38.15
N THR A 60 -28.50 -21.36 -39.00
CA THR A 60 -28.42 -22.20 -40.20
C THR A 60 -27.19 -22.09 -41.09
N PRO A 61 -26.89 -20.89 -41.56
CA PRO A 61 -25.69 -20.69 -42.35
C PRO A 61 -24.49 -21.34 -41.67
N ARG A 62 -24.46 -21.30 -40.36
CA ARG A 62 -23.27 -21.78 -39.72
C ARG A 62 -23.20 -23.25 -39.86
N PHE A 63 -24.28 -23.89 -39.50
CA PHE A 63 -24.32 -25.33 -39.56
C PHE A 63 -23.93 -25.69 -40.96
N GLN A 64 -24.46 -24.92 -41.89
CA GLN A 64 -24.21 -25.15 -43.29
C GLN A 64 -22.78 -24.91 -43.67
N GLN A 65 -22.16 -23.92 -43.04
CA GLN A 65 -20.76 -23.69 -43.22
C GLN A 65 -19.96 -24.88 -42.72
N LEU A 66 -20.47 -25.62 -41.76
CA LEU A 66 -19.68 -26.63 -41.10
C LEU A 66 -19.83 -28.02 -41.71
N LEU A 67 -21.03 -28.36 -42.14
CA LEU A 67 -21.33 -29.73 -42.60
C LEU A 67 -21.47 -29.85 -44.08
N GLY A 68 -21.72 -28.75 -44.72
CA GLY A 68 -21.87 -28.80 -46.14
C GLY A 68 -23.13 -29.57 -46.50
N ASP A 69 -23.08 -30.20 -47.66
CA ASP A 69 -24.23 -30.92 -48.14
C ASP A 69 -24.05 -32.39 -47.77
N GLY A 70 -23.01 -32.69 -47.02
CA GLY A 70 -22.78 -34.08 -46.63
C GLY A 70 -22.14 -35.07 -47.59
N SER A 71 -21.94 -34.66 -48.83
CA SER A 71 -21.33 -35.56 -49.81
C SER A 71 -19.96 -36.06 -49.37
N ASN A 72 -19.16 -35.23 -48.73
CA ASN A 72 -17.87 -35.72 -48.24
C ASN A 72 -17.99 -36.88 -47.24
N TRP A 73 -19.08 -36.96 -46.49
CA TRP A 73 -19.24 -38.08 -45.59
C TRP A 73 -20.23 -39.13 -46.12
N GLY A 74 -20.53 -39.13 -47.41
CA GLY A 74 -21.51 -40.07 -47.88
C GLY A 74 -22.93 -39.78 -47.41
N LEU A 75 -23.19 -38.59 -46.89
CA LEU A 75 -24.58 -38.27 -46.55
C LEU A 75 -25.18 -37.34 -47.55
N ASP A 76 -26.45 -37.08 -47.35
CA ASP A 76 -27.15 -36.09 -48.10
C ASP A 76 -27.80 -35.18 -47.11
N LEU A 77 -27.23 -34.01 -46.89
CA LEU A 77 -27.75 -33.13 -45.88
C LEU A 77 -28.50 -31.99 -46.47
N GLN A 78 -29.60 -31.63 -45.82
CA GLN A 78 -30.37 -30.45 -46.17
C GLN A 78 -30.77 -29.63 -44.98
N TYR A 79 -31.16 -28.38 -45.24
CA TYR A 79 -31.38 -27.44 -44.16
C TYR A 79 -32.72 -26.75 -44.20
N ALA A 80 -33.17 -26.28 -43.05
CA ALA A 80 -34.40 -25.58 -42.98
C ALA A 80 -34.33 -24.82 -41.72
N VAL A 81 -35.26 -23.88 -41.60
CA VAL A 81 -35.29 -22.94 -40.49
C VAL A 81 -36.50 -23.00 -39.60
N GLN A 82 -36.31 -22.78 -38.31
CA GLN A 82 -37.43 -22.73 -37.37
C GLN A 82 -37.44 -21.30 -36.81
N PRO A 83 -38.18 -20.42 -37.44
CA PRO A 83 -38.26 -19.01 -37.05
C PRO A 83 -38.51 -18.81 -35.59
N SER A 84 -39.27 -19.69 -34.95
CA SER A 84 -39.52 -19.49 -33.52
C SER A 84 -39.84 -20.76 -32.79
N PRO A 85 -39.34 -20.88 -31.57
CA PRO A 85 -39.37 -22.15 -30.82
C PRO A 85 -40.75 -22.50 -30.32
N ASP A 86 -41.61 -22.95 -31.21
CA ASP A 86 -43.00 -23.32 -30.89
C ASP A 86 -43.30 -24.80 -30.62
N GLY A 87 -42.27 -25.58 -30.31
CA GLY A 87 -42.37 -27.00 -30.02
C GLY A 87 -41.58 -27.87 -30.99
N LEU A 88 -41.05 -28.98 -30.48
CA LEU A 88 -40.38 -29.95 -31.35
C LEU A 88 -41.28 -30.46 -32.45
N ALA A 89 -42.57 -30.55 -32.16
CA ALA A 89 -43.48 -31.17 -33.12
C ALA A 89 -43.55 -30.35 -34.40
N GLN A 90 -43.25 -29.07 -34.32
CA GLN A 90 -43.23 -28.29 -35.54
C GLN A 90 -42.24 -28.89 -36.55
N ALA A 91 -41.25 -29.60 -36.04
CA ALA A 91 -40.27 -30.20 -36.95
C ALA A 91 -40.97 -30.93 -38.07
N PHE A 92 -42.08 -31.59 -37.76
CA PHE A 92 -42.78 -32.38 -38.79
C PHE A 92 -43.52 -31.52 -39.77
N LEU A 93 -43.95 -30.34 -39.36
CA LEU A 93 -44.52 -29.41 -40.32
C LEU A 93 -43.42 -28.81 -41.13
N ILE A 94 -42.51 -28.15 -40.46
CA ILE A 94 -41.42 -27.58 -41.23
C ILE A 94 -40.83 -28.62 -42.18
N GLY A 95 -40.83 -29.92 -41.80
CA GLY A 95 -40.15 -30.94 -42.58
C GLY A 95 -41.06 -31.81 -43.40
N GLU A 96 -42.32 -31.42 -43.41
CA GLU A 96 -43.30 -32.12 -44.22
C GLU A 96 -42.89 -32.45 -45.65
N SER A 97 -42.32 -31.53 -46.38
CA SER A 97 -42.01 -31.89 -47.74
C SER A 97 -40.75 -32.68 -47.87
N PHE A 98 -39.81 -32.55 -46.93
CA PHE A 98 -38.56 -33.29 -46.96
C PHE A 98 -38.90 -34.74 -46.61
N ILE A 99 -39.87 -34.95 -45.74
CA ILE A 99 -40.21 -36.32 -45.44
C ILE A 99 -40.93 -37.03 -46.59
N GLY A 100 -41.83 -36.32 -47.26
CA GLY A 100 -42.67 -36.93 -48.27
C GLY A 100 -43.44 -38.12 -47.71
N ASN A 101 -43.48 -39.19 -48.45
CA ASN A 101 -44.20 -40.36 -47.99
C ASN A 101 -43.32 -41.44 -47.37
N ASP A 102 -42.23 -41.04 -46.73
CA ASP A 102 -41.31 -41.97 -46.15
C ASP A 102 -41.43 -42.11 -44.62
N LEU A 103 -40.73 -43.11 -44.10
CA LEU A 103 -40.56 -43.32 -42.66
C LEU A 103 -39.56 -42.29 -42.19
N SER A 104 -39.59 -41.93 -40.92
CA SER A 104 -38.68 -40.88 -40.44
C SER A 104 -38.24 -41.07 -39.02
N ALA A 105 -37.27 -40.24 -38.65
CA ALA A 105 -36.74 -40.23 -37.31
C ALA A 105 -36.33 -38.80 -36.95
N LEU A 106 -36.42 -38.50 -35.67
CA LEU A 106 -36.18 -37.15 -35.19
C LEU A 106 -35.31 -37.19 -34.00
N VAL A 107 -34.23 -36.45 -34.00
CA VAL A 107 -33.37 -36.49 -32.85
C VAL A 107 -33.06 -35.04 -32.48
N LEU A 108 -33.09 -34.75 -31.18
CA LEU A 108 -32.78 -33.42 -30.67
C LEU A 108 -31.31 -33.15 -30.59
N GLY A 109 -30.91 -31.94 -30.93
CA GLY A 109 -29.51 -31.57 -30.99
C GLY A 109 -28.65 -31.62 -29.76
N ASP A 110 -29.21 -31.73 -28.59
CA ASP A 110 -28.37 -31.70 -27.41
C ASP A 110 -28.47 -32.98 -26.61
N ASN A 111 -28.88 -34.04 -27.28
CA ASN A 111 -28.94 -35.33 -26.67
C ASN A 111 -27.70 -36.09 -27.18
N LEU A 112 -27.10 -36.80 -26.24
CA LEU A 112 -25.87 -37.48 -26.48
C LEU A 112 -26.01 -38.92 -25.95
N TYR A 113 -25.63 -39.91 -26.75
CA TYR A 113 -25.86 -41.33 -26.43
C TYR A 113 -24.59 -42.19 -26.50
N TYR A 114 -24.39 -43.12 -25.57
CA TYR A 114 -23.16 -43.92 -25.56
C TYR A 114 -23.40 -45.29 -24.97
N GLY A 115 -22.76 -46.29 -25.55
CA GLY A 115 -22.92 -47.65 -25.09
C GLY A 115 -22.94 -48.79 -26.07
N HIS A 116 -22.66 -49.96 -25.51
CA HIS A 116 -22.53 -51.24 -26.21
C HIS A 116 -23.75 -51.72 -26.95
N ASP A 117 -23.55 -52.07 -28.22
CA ASP A 117 -24.66 -52.45 -29.12
C ASP A 117 -25.67 -51.38 -29.38
N PHE A 118 -25.31 -50.13 -29.16
CA PHE A 118 -26.23 -49.07 -29.44
C PHE A 118 -26.78 -49.24 -30.85
N HIS A 119 -25.99 -49.84 -31.68
CA HIS A 119 -26.39 -49.94 -33.03
C HIS A 119 -27.34 -51.06 -33.39
N GLU A 120 -27.52 -52.02 -32.53
CA GLU A 120 -28.53 -53.02 -32.70
C GLU A 120 -29.79 -52.40 -32.14
N LEU A 121 -29.66 -51.73 -30.98
CA LEU A 121 -30.81 -51.07 -30.37
C LEU A 121 -31.48 -50.11 -31.32
N LEU A 122 -30.70 -49.26 -31.95
CA LEU A 122 -31.24 -48.39 -32.96
C LEU A 122 -31.84 -49.12 -34.11
N GLY A 123 -31.16 -50.17 -34.57
CA GLY A 123 -31.66 -51.05 -35.61
C GLY A 123 -33.05 -51.64 -35.39
N SER A 124 -33.35 -52.12 -34.20
CA SER A 124 -34.66 -52.65 -33.99
C SER A 124 -35.59 -51.63 -34.48
N ALA A 125 -35.57 -50.47 -33.83
CA ALA A 125 -36.54 -49.43 -34.10
C ALA A 125 -36.56 -48.93 -35.54
N SER A 126 -35.38 -48.76 -36.12
CA SER A 126 -35.31 -48.24 -37.48
C SER A 126 -35.87 -49.16 -38.54
N GLN A 127 -35.78 -50.44 -38.30
CA GLN A 127 -36.29 -51.38 -39.25
C GLN A 127 -37.76 -51.64 -39.09
N ARG A 128 -38.43 -51.07 -38.08
CA ARG A 128 -39.86 -51.28 -37.97
C ARG A 128 -40.43 -50.40 -39.02
N GLN A 129 -41.61 -50.76 -39.53
CA GLN A 129 -42.18 -50.03 -40.63
C GLN A 129 -43.59 -49.60 -40.39
N THR A 130 -43.93 -49.44 -39.13
CA THR A 130 -45.26 -49.05 -38.80
C THR A 130 -45.23 -48.55 -37.39
N GLY A 131 -46.12 -47.67 -37.03
CA GLY A 131 -46.15 -47.20 -35.67
C GLY A 131 -45.01 -46.28 -35.32
N ALA A 132 -44.86 -46.03 -34.04
CA ALA A 132 -43.74 -45.22 -33.64
C ALA A 132 -42.94 -45.90 -32.55
N SER A 133 -41.64 -45.62 -32.47
CA SER A 133 -40.85 -46.17 -31.36
C SER A 133 -40.14 -45.07 -30.61
N VAL A 134 -40.04 -45.21 -29.29
CA VAL A 134 -39.30 -44.26 -28.46
C VAL A 134 -38.53 -45.05 -27.42
N PHE A 135 -37.59 -44.40 -26.74
CA PHE A 135 -36.84 -45.12 -25.73
C PHE A 135 -37.03 -44.53 -24.34
N ALA A 136 -36.90 -45.35 -23.33
CA ALA A 136 -37.16 -44.88 -21.98
C ALA A 136 -36.00 -45.17 -21.07
N TYR A 137 -35.61 -44.15 -20.33
CA TYR A 137 -34.37 -44.23 -19.56
C TYR A 137 -34.58 -43.78 -18.16
N HIS A 138 -34.33 -44.66 -17.20
CA HIS A 138 -34.44 -44.30 -15.79
C HIS A 138 -33.55 -43.13 -15.43
N VAL A 139 -34.10 -42.09 -14.79
CA VAL A 139 -33.33 -40.89 -14.45
C VAL A 139 -33.68 -40.35 -13.08
N LEU A 140 -32.85 -39.45 -12.56
CA LEU A 140 -33.05 -38.90 -11.23
C LEU A 140 -34.17 -37.85 -11.13
N ASP A 141 -34.34 -37.07 -12.20
CA ASP A 141 -35.32 -36.02 -12.24
C ASP A 141 -36.25 -36.10 -13.43
N PRO A 142 -37.14 -37.03 -13.40
CA PRO A 142 -38.08 -37.16 -14.51
C PRO A 142 -38.93 -35.92 -14.73
N GLU A 143 -39.16 -35.14 -13.70
CA GLU A 143 -39.99 -33.94 -13.85
C GLU A 143 -39.56 -33.08 -15.00
N ARG A 144 -38.29 -33.20 -15.40
CA ARG A 144 -37.74 -32.35 -16.43
C ARG A 144 -38.07 -32.80 -17.82
N TYR A 145 -38.62 -34.00 -17.94
CA TYR A 145 -38.85 -34.63 -19.25
C TYR A 145 -40.22 -35.22 -19.50
N GLY A 146 -40.43 -35.69 -20.72
CA GLY A 146 -41.63 -36.43 -21.03
C GLY A 146 -41.46 -37.71 -20.22
N VAL A 147 -42.48 -38.12 -19.47
CA VAL A 147 -42.35 -39.29 -18.60
C VAL A 147 -43.34 -40.32 -19.02
N VAL A 148 -42.92 -41.57 -19.00
CA VAL A 148 -43.80 -42.68 -19.43
C VAL A 148 -43.99 -43.67 -18.31
N GLU A 149 -45.23 -44.10 -18.12
CA GLU A 149 -45.55 -45.04 -17.03
C GLU A 149 -45.84 -46.46 -17.52
N PHE A 150 -45.33 -47.48 -16.85
CA PHE A 150 -45.59 -48.85 -17.31
C PHE A 150 -46.49 -49.57 -16.34
N ASP A 151 -47.12 -50.63 -16.78
CA ASP A 151 -47.90 -51.40 -15.84
C ASP A 151 -47.04 -52.56 -15.39
N GLN A 152 -47.64 -53.42 -14.58
CA GLN A 152 -46.94 -54.55 -14.00
C GLN A 152 -46.48 -55.47 -15.05
N GLY A 153 -46.96 -55.25 -16.25
CA GLY A 153 -46.72 -56.21 -17.29
C GLY A 153 -45.72 -55.64 -18.25
N GLY A 154 -45.11 -54.52 -17.90
CA GLY A 154 -44.08 -53.96 -18.76
C GLY A 154 -44.64 -53.14 -19.88
N LYS A 155 -45.95 -52.98 -19.90
CA LYS A 155 -46.58 -52.25 -20.97
C LYS A 155 -46.84 -50.76 -20.71
N ALA A 156 -46.58 -49.90 -21.70
CA ALA A 156 -46.73 -48.50 -21.49
C ALA A 156 -48.20 -48.21 -21.36
N ILE A 157 -48.56 -47.36 -20.41
CA ILE A 157 -49.95 -46.94 -20.28
C ILE A 157 -50.19 -45.45 -20.09
N SER A 158 -49.15 -44.62 -19.99
CA SER A 158 -49.31 -43.15 -20.15
C SER A 158 -48.04 -42.33 -20.40
N LEU A 159 -48.24 -41.11 -20.84
CA LEU A 159 -47.15 -40.22 -21.13
C LEU A 159 -47.54 -38.86 -20.67
N GLU A 160 -46.72 -38.21 -19.85
CA GLU A 160 -46.99 -36.83 -19.41
C GLU A 160 -45.73 -36.04 -19.60
N GLU A 161 -45.87 -34.82 -20.09
CA GLU A 161 -44.71 -33.96 -20.32
C GLU A 161 -44.44 -33.16 -19.06
N LYS A 162 -43.20 -33.18 -18.57
CA LYS A 162 -42.82 -32.40 -17.40
C LYS A 162 -43.85 -32.30 -16.29
N PRO A 163 -44.25 -33.43 -15.76
CA PRO A 163 -45.19 -33.44 -14.67
C PRO A 163 -44.67 -33.03 -13.32
N LEU A 164 -45.48 -32.31 -12.52
CA LEU A 164 -45.08 -32.01 -11.15
C LEU A 164 -44.99 -33.28 -10.30
N GLU A 165 -45.80 -34.30 -10.63
CA GLU A 165 -45.77 -35.57 -9.88
C GLU A 165 -45.60 -36.81 -10.78
N PRO A 166 -44.38 -37.09 -11.21
CA PRO A 166 -44.15 -38.11 -12.21
C PRO A 166 -44.64 -39.44 -11.80
N LYS A 167 -45.24 -40.18 -12.70
CA LYS A 167 -45.68 -41.50 -12.29
C LYS A 167 -44.58 -42.53 -12.35
N SER A 168 -43.42 -42.17 -12.85
CA SER A 168 -42.31 -43.08 -12.76
C SER A 168 -41.04 -42.31 -12.88
N ASN A 169 -39.94 -43.02 -12.77
CA ASN A 169 -38.65 -42.44 -13.04
C ASN A 169 -38.11 -42.67 -14.48
N TYR A 170 -38.99 -43.03 -15.41
CA TYR A 170 -38.53 -43.30 -16.80
C TYR A 170 -38.83 -42.17 -17.71
N ALA A 171 -37.79 -41.53 -18.20
CA ALA A 171 -37.96 -40.39 -19.09
C ALA A 171 -37.87 -40.89 -20.50
N VAL A 172 -38.51 -40.18 -21.42
CA VAL A 172 -38.47 -40.56 -22.83
C VAL A 172 -37.42 -39.69 -23.48
N THR A 173 -36.35 -40.27 -23.96
CA THR A 173 -35.29 -39.45 -24.55
C THR A 173 -35.59 -38.80 -25.87
N GLY A 174 -34.69 -37.97 -26.34
CA GLY A 174 -34.94 -37.18 -27.52
C GLY A 174 -34.57 -37.75 -28.85
N LEU A 175 -34.94 -38.98 -29.03
CA LEU A 175 -34.70 -39.72 -30.22
C LEU A 175 -36.07 -40.37 -30.58
N TYR A 176 -36.62 -40.16 -31.76
CA TYR A 176 -37.94 -40.71 -32.01
C TYR A 176 -38.01 -41.33 -33.40
N PHE A 177 -38.60 -42.52 -33.52
CA PHE A 177 -38.83 -43.13 -34.85
C PHE A 177 -40.36 -43.08 -35.25
N TYR A 178 -40.68 -42.66 -36.47
CA TYR A 178 -42.08 -42.55 -36.94
C TYR A 178 -42.38 -43.15 -38.33
N ASP A 179 -43.60 -43.64 -38.49
CA ASP A 179 -44.07 -44.19 -39.76
C ASP A 179 -44.70 -43.05 -40.56
N GLN A 180 -45.53 -43.32 -41.55
CA GLN A 180 -46.08 -42.24 -42.35
C GLN A 180 -47.21 -41.46 -41.71
N GLN A 181 -47.70 -41.87 -40.55
CA GLN A 181 -48.80 -41.11 -39.95
C GLN A 181 -48.37 -39.83 -39.21
N VAL A 182 -47.09 -39.62 -39.02
CA VAL A 182 -46.69 -38.49 -38.16
C VAL A 182 -47.11 -37.09 -38.67
N VAL A 183 -46.76 -36.77 -39.89
CA VAL A 183 -47.12 -35.49 -40.42
C VAL A 183 -48.59 -35.13 -40.13
N ASP A 184 -49.51 -35.98 -40.56
CA ASP A 184 -50.90 -35.65 -40.34
C ASP A 184 -51.18 -35.52 -38.87
N ILE A 185 -50.64 -36.42 -38.07
CA ILE A 185 -50.89 -36.28 -36.66
C ILE A 185 -50.44 -34.93 -36.20
N ALA A 186 -49.26 -34.54 -36.65
CA ALA A 186 -48.77 -33.27 -36.18
C ALA A 186 -49.69 -32.15 -36.64
N ARG A 187 -50.24 -32.25 -37.84
CA ARG A 187 -51.10 -31.21 -38.41
C ARG A 187 -52.30 -30.91 -37.55
N ASP A 188 -52.76 -31.84 -36.73
CA ASP A 188 -53.90 -31.54 -35.84
C ASP A 188 -53.57 -31.14 -34.45
N LEU A 189 -52.32 -30.89 -34.13
CA LEU A 189 -52.06 -30.59 -32.74
C LEU A 189 -52.42 -29.17 -32.45
N LYS A 190 -52.76 -28.91 -31.20
CA LYS A 190 -52.95 -27.55 -30.76
C LYS A 190 -51.91 -27.26 -29.75
N PRO A 191 -51.42 -26.06 -29.78
CA PRO A 191 -50.35 -25.66 -28.90
C PRO A 191 -50.74 -25.96 -27.50
N SER A 192 -49.75 -26.32 -26.70
CA SER A 192 -50.01 -26.69 -25.33
C SER A 192 -50.19 -25.39 -24.61
N PRO A 193 -50.51 -25.46 -23.33
CA PRO A 193 -50.67 -24.23 -22.58
C PRO A 193 -49.35 -23.55 -22.67
N ARG A 194 -48.34 -24.32 -22.34
CA ARG A 194 -46.98 -23.85 -22.37
C ARG A 194 -46.73 -23.20 -23.74
N GLY A 195 -47.76 -23.24 -24.58
CA GLY A 195 -47.71 -22.67 -25.92
C GLY A 195 -46.73 -23.32 -26.88
N GLU A 196 -46.66 -24.64 -26.88
CA GLU A 196 -45.82 -25.30 -27.86
C GLU A 196 -46.58 -26.48 -28.47
N LEU A 197 -46.17 -26.88 -29.66
CA LEU A 197 -46.62 -28.16 -30.21
C LEU A 197 -45.69 -29.24 -29.72
N GLU A 198 -46.17 -30.08 -28.82
CA GLU A 198 -45.40 -31.10 -28.14
C GLU A 198 -45.29 -32.47 -28.72
N ILE A 199 -44.06 -32.92 -28.86
CA ILE A 199 -43.75 -34.27 -29.28
C ILE A 199 -44.45 -35.23 -28.36
N THR A 200 -44.57 -34.87 -27.11
CA THR A 200 -45.27 -35.79 -26.26
C THR A 200 -46.67 -36.03 -26.76
N ASP A 201 -47.36 -35.00 -27.19
CA ASP A 201 -48.70 -35.19 -27.77
C ASP A 201 -48.61 -36.11 -28.99
N VAL A 202 -47.63 -35.90 -29.85
CA VAL A 202 -47.51 -36.78 -30.99
C VAL A 202 -47.41 -38.25 -30.51
N ASN A 203 -46.54 -38.49 -29.54
CA ASN A 203 -46.35 -39.82 -29.02
C ASN A 203 -47.60 -40.42 -28.44
N ARG A 204 -48.35 -39.58 -27.75
CA ARG A 204 -49.60 -39.98 -27.12
C ARG A 204 -50.69 -40.34 -28.11
N ALA A 205 -50.65 -39.67 -29.22
CA ALA A 205 -51.56 -40.04 -30.23
C ALA A 205 -51.25 -41.52 -30.59
N TYR A 206 -50.00 -41.85 -30.91
CA TYR A 206 -49.74 -43.22 -31.35
C TYR A 206 -50.12 -44.21 -30.23
N LEU A 207 -49.99 -43.72 -29.00
CA LEU A 207 -50.25 -44.56 -27.85
C LEU A 207 -51.75 -44.88 -27.80
N GLU A 208 -52.57 -43.83 -27.89
CA GLU A 208 -54.00 -44.01 -27.88
C GLU A 208 -54.46 -45.02 -28.95
N ARG A 209 -53.74 -45.16 -30.07
CA ARG A 209 -54.08 -46.16 -31.09
C ARG A 209 -53.43 -47.51 -30.94
N GLY A 210 -52.74 -47.76 -29.84
CA GLY A 210 -52.10 -49.03 -29.73
C GLY A 210 -50.89 -49.16 -30.64
N GLN A 211 -50.29 -48.07 -31.06
CA GLN A 211 -49.17 -48.21 -31.98
C GLN A 211 -47.89 -47.56 -31.55
N LEU A 212 -47.65 -47.39 -30.26
CA LEU A 212 -46.45 -46.72 -29.82
C LEU A 212 -45.58 -47.76 -29.21
N SER A 213 -44.36 -47.92 -29.68
CA SER A 213 -43.48 -48.87 -29.08
C SER A 213 -42.46 -48.23 -28.21
N VAL A 214 -42.35 -48.73 -27.01
CA VAL A 214 -41.49 -48.09 -26.03
C VAL A 214 -40.48 -49.07 -25.57
N GLU A 215 -39.24 -48.94 -26.03
CA GLU A 215 -38.18 -49.86 -25.60
C GLU A 215 -37.38 -49.28 -24.46
N ILE A 216 -36.99 -50.11 -23.54
CA ILE A 216 -36.18 -49.64 -22.47
C ILE A 216 -34.77 -49.46 -22.91
N MSE A 217 -34.13 -48.34 -22.56
CA MSE A 217 -32.71 -48.17 -22.75
C MSE A 217 -32.19 -48.37 -21.31
O MSE A 217 -32.43 -47.57 -20.43
CB MSE A 217 -32.39 -46.77 -23.31
CG MSE A 217 -30.94 -46.39 -23.46
SE MSE A 217 -30.74 -44.60 -24.03
CE MSE A 217 -31.02 -44.95 -25.50
N GLY A 218 -31.56 -49.50 -21.09
CA GLY A 218 -30.91 -49.84 -19.82
C GLY A 218 -29.81 -48.98 -19.26
N ARG A 219 -29.58 -49.18 -17.96
CA ARG A 219 -28.71 -48.33 -17.16
C ARG A 219 -27.25 -48.51 -17.59
N GLY A 220 -27.05 -49.50 -18.44
CA GLY A 220 -25.78 -49.70 -19.11
C GLY A 220 -25.48 -48.79 -20.23
N TYR A 221 -26.45 -48.03 -20.71
CA TYR A 221 -26.16 -46.96 -21.63
C TYR A 221 -26.05 -45.66 -20.83
N ALA A 222 -25.52 -44.64 -21.51
CA ALA A 222 -25.46 -43.33 -21.03
C ALA A 222 -26.20 -42.42 -21.98
N TRP A 223 -27.21 -41.75 -21.45
CA TRP A 223 -27.93 -40.72 -22.14
C TRP A 223 -27.71 -39.46 -21.33
N LEU A 224 -27.06 -38.47 -21.94
CA LEU A 224 -26.83 -37.20 -21.32
C LEU A 224 -27.41 -36.07 -22.13
N ASP A 225 -27.86 -35.00 -21.50
CA ASP A 225 -28.25 -33.88 -22.34
C ASP A 225 -27.36 -32.70 -22.03
N THR A 226 -26.95 -31.96 -23.04
CA THR A 226 -25.96 -30.93 -22.85
C THR A 226 -26.60 -29.57 -22.86
N GLY A 227 -27.63 -29.39 -22.06
CA GLY A 227 -28.37 -28.13 -22.08
C GLY A 227 -28.04 -27.04 -21.09
N THR A 228 -27.25 -27.37 -20.08
CA THR A 228 -26.80 -26.40 -19.12
C THR A 228 -25.30 -26.38 -19.07
N HIS A 229 -24.76 -25.31 -18.52
CA HIS A 229 -23.35 -25.19 -18.38
C HIS A 229 -22.83 -26.44 -17.67
N ASP A 230 -23.49 -26.84 -16.61
CA ASP A 230 -22.94 -27.95 -15.86
C ASP A 230 -23.02 -29.20 -16.61
N SER A 231 -24.13 -29.42 -17.29
CA SER A 231 -24.27 -30.71 -17.95
C SER A 231 -23.31 -30.79 -19.11
N LEU A 232 -23.08 -29.63 -19.74
CA LEU A 232 -22.17 -29.53 -20.85
C LEU A 232 -20.82 -29.96 -20.38
N LEU A 233 -20.47 -29.50 -19.21
CA LEU A 233 -19.19 -29.76 -18.63
C LEU A 233 -19.05 -31.17 -18.17
N GLU A 234 -20.12 -31.73 -17.65
CA GLU A 234 -20.05 -33.12 -17.27
C GLU A 234 -19.90 -34.05 -18.45
N ALA A 235 -20.57 -33.70 -19.53
CA ALA A 235 -20.52 -34.52 -20.70
C ALA A 235 -19.12 -34.49 -21.30
N GLY A 236 -18.57 -33.30 -21.31
CA GLY A 236 -17.27 -33.15 -21.91
C GLY A 236 -16.27 -34.05 -21.20
N GLN A 237 -16.38 -34.10 -19.90
CA GLN A 237 -15.45 -34.88 -19.10
C GLN A 237 -15.74 -36.37 -19.28
N PHE A 238 -16.98 -36.68 -19.65
CA PHE A 238 -17.36 -38.07 -19.80
C PHE A 238 -16.73 -38.61 -21.09
N ILE A 239 -16.94 -37.89 -22.18
CA ILE A 239 -16.32 -38.29 -23.40
C ILE A 239 -14.77 -38.33 -23.27
N ALA A 240 -14.17 -37.30 -22.70
CA ALA A 240 -12.71 -37.27 -22.58
C ALA A 240 -12.24 -38.50 -21.79
N THR A 241 -13.00 -38.92 -20.79
CA THR A 241 -12.50 -40.05 -20.03
C THR A 241 -12.47 -41.26 -20.95
N LEU A 242 -13.54 -41.43 -21.73
CA LEU A 242 -13.59 -42.58 -22.63
C LEU A 242 -12.59 -42.47 -23.73
N GLU A 243 -12.51 -41.31 -24.37
CA GLU A 243 -11.60 -41.24 -25.51
C GLU A 243 -10.17 -41.45 -25.08
N ASN A 244 -9.74 -40.88 -23.97
CA ASN A 244 -8.35 -40.96 -23.64
C ASN A 244 -7.96 -42.34 -23.15
N ARG A 245 -8.94 -43.12 -22.69
CA ARG A 245 -8.61 -44.43 -22.24
C ARG A 245 -8.52 -45.39 -23.40
N GLN A 246 -9.37 -45.20 -24.41
CA GLN A 246 -9.47 -46.17 -25.51
C GLN A 246 -8.57 -45.89 -26.71
N GLY A 247 -8.16 -44.64 -26.86
CA GLY A 247 -7.51 -44.25 -28.09
C GLY A 247 -8.52 -44.31 -29.24
N LEU A 248 -9.79 -44.12 -28.96
CA LEU A 248 -10.79 -44.15 -30.02
C LEU A 248 -11.70 -43.02 -29.80
N LYS A 249 -12.41 -42.59 -30.82
CA LYS A 249 -13.27 -41.45 -30.60
C LYS A 249 -14.74 -41.89 -30.46
N VAL A 250 -15.58 -41.11 -29.79
CA VAL A 250 -17.00 -41.36 -29.78
C VAL A 250 -17.62 -40.41 -30.77
N ALA A 251 -18.62 -40.84 -31.51
CA ALA A 251 -19.29 -40.00 -32.48
C ALA A 251 -18.41 -39.25 -33.49
N CYS A 252 -17.54 -39.96 -34.18
CA CYS A 252 -16.73 -39.32 -35.20
C CYS A 252 -17.33 -39.72 -36.53
N PRO A 253 -18.03 -38.80 -37.17
CA PRO A 253 -18.77 -39.10 -38.39
C PRO A 253 -17.94 -39.72 -39.47
N GLU A 254 -16.69 -39.33 -39.57
CA GLU A 254 -15.94 -39.87 -40.66
C GLU A 254 -15.73 -41.33 -40.47
N GLU A 255 -15.45 -41.69 -39.24
CA GLU A 255 -15.18 -43.05 -38.98
C GLU A 255 -16.40 -43.89 -39.27
N ILE A 256 -17.53 -43.39 -38.86
CA ILE A 256 -18.74 -44.17 -39.02
C ILE A 256 -19.08 -44.36 -40.47
N ALA A 257 -19.01 -43.28 -41.24
CA ALA A 257 -19.14 -43.40 -42.69
C ALA A 257 -18.19 -44.44 -43.23
N TYR A 258 -16.97 -44.43 -42.75
CA TYR A 258 -15.98 -45.32 -43.29
C TYR A 258 -16.37 -46.74 -42.91
N ARG A 259 -16.96 -46.92 -41.76
CA ARG A 259 -17.29 -48.28 -41.38
C ARG A 259 -18.52 -48.83 -42.00
N GLN A 260 -19.43 -47.97 -42.41
CA GLN A 260 -20.59 -48.44 -43.12
C GLN A 260 -20.30 -48.51 -44.62
N LYS A 261 -19.06 -48.31 -45.01
CA LYS A 261 -18.77 -48.27 -46.45
C LYS A 261 -19.53 -47.21 -47.21
N TRP A 262 -19.87 -46.07 -46.60
CA TRP A 262 -20.50 -44.98 -47.33
C TRP A 262 -19.44 -44.15 -48.01
N ILE A 263 -18.21 -44.28 -47.57
CA ILE A 263 -17.12 -43.59 -48.21
C ILE A 263 -16.08 -44.67 -48.18
N ASP A 264 -15.01 -44.53 -48.94
CA ASP A 264 -13.97 -45.56 -49.00
C ASP A 264 -12.62 -45.08 -48.49
N ALA A 265 -11.61 -45.94 -48.50
CA ALA A 265 -10.32 -45.55 -47.95
C ALA A 265 -9.82 -44.29 -48.57
N ALA A 266 -10.03 -44.15 -49.85
CA ALA A 266 -9.48 -42.98 -50.49
C ALA A 266 -10.16 -41.73 -49.96
N GLN A 267 -11.49 -41.76 -49.85
CA GLN A 267 -12.21 -40.56 -49.44
C GLN A 267 -11.77 -40.20 -48.06
N LEU A 268 -11.59 -41.23 -47.27
CA LEU A 268 -11.17 -41.04 -45.92
C LEU A 268 -9.81 -40.36 -45.86
N GLU A 269 -8.88 -40.79 -46.69
CA GLU A 269 -7.57 -40.12 -46.71
C GLU A 269 -7.72 -38.63 -47.07
N LYS A 270 -8.48 -38.34 -48.09
CA LYS A 270 -8.70 -36.97 -48.46
C LYS A 270 -9.21 -36.18 -47.25
N LEU A 271 -10.13 -36.75 -46.48
CA LEU A 271 -10.71 -36.05 -45.38
C LEU A 271 -9.69 -35.73 -44.33
N ALA A 272 -8.72 -36.62 -44.17
CA ALA A 272 -7.68 -36.46 -43.14
C ALA A 272 -6.62 -35.42 -43.46
N ALA A 273 -6.24 -35.31 -44.73
CA ALA A 273 -5.17 -34.41 -45.13
C ALA A 273 -5.25 -33.06 -44.44
N PRO A 274 -6.34 -32.38 -44.67
CA PRO A 274 -6.51 -31.03 -44.18
C PRO A 274 -6.49 -30.95 -42.68
N LEU A 275 -6.68 -32.08 -42.03
CA LEU A 275 -6.62 -32.10 -40.59
C LEU A 275 -5.33 -32.68 -40.00
N ALA A 276 -4.34 -32.99 -40.85
CA ALA A 276 -3.12 -33.68 -40.39
C ALA A 276 -2.31 -33.00 -39.28
N LYS A 277 -2.40 -31.68 -39.17
CA LYS A 277 -1.63 -30.99 -38.14
C LYS A 277 -2.18 -31.31 -36.76
N ASN A 278 -3.38 -31.87 -36.68
CA ASN A 278 -3.87 -32.23 -35.34
C ASN A 278 -4.37 -33.64 -35.18
N GLY A 279 -4.57 -34.00 -33.92
CA GLY A 279 -4.97 -35.33 -33.54
C GLY A 279 -6.15 -35.88 -34.30
N TYR A 280 -7.13 -35.04 -34.59
CA TYR A 280 -8.32 -35.53 -35.22
C TYR A 280 -7.92 -36.20 -36.50
N GLY A 281 -7.19 -35.49 -37.33
CA GLY A 281 -6.75 -36.04 -38.60
C GLY A 281 -5.81 -37.18 -38.35
N GLN A 282 -4.95 -37.03 -37.35
CA GLN A 282 -4.02 -38.10 -37.02
C GLN A 282 -4.94 -39.32 -36.77
N TYR A 283 -6.05 -39.10 -36.05
CA TYR A 283 -6.94 -40.20 -35.72
C TYR A 283 -7.47 -40.82 -36.98
N LEU A 284 -7.98 -39.97 -37.85
CA LEU A 284 -8.55 -40.47 -39.10
C LEU A 284 -7.54 -41.29 -39.85
N LYS A 285 -6.28 -40.86 -39.87
CA LYS A 285 -5.28 -41.62 -40.64
C LYS A 285 -5.06 -42.99 -40.03
N ARG A 286 -4.86 -43.01 -38.73
CA ARG A 286 -4.60 -44.27 -38.08
C ARG A 286 -5.69 -45.30 -38.33
N LEU A 287 -6.90 -44.82 -38.58
CA LEU A 287 -7.99 -45.70 -38.83
C LEU A 287 -7.81 -46.53 -40.09
N LEU A 288 -7.05 -46.05 -41.07
CA LEU A 288 -6.89 -46.79 -42.30
C LEU A 288 -5.97 -47.97 -42.13
N THR A 289 -5.21 -48.01 -41.04
CA THR A 289 -4.25 -49.07 -40.85
C THR A 289 -4.47 -49.93 -39.62
N GLU A 290 -5.63 -49.87 -39.01
CA GLU A 290 -5.80 -50.63 -37.80
C GLU A 290 -7.15 -51.16 -37.86
N THR A 291 -7.28 -52.41 -37.48
CA THR A 291 -8.56 -53.02 -37.44
C THR A 291 -9.10 -52.73 -36.09
N VAL A 292 -10.34 -52.26 -36.04
CA VAL A 292 -11.01 -51.98 -34.79
C VAL A 292 -12.32 -52.78 -34.72
N TYR A 293 -12.35 -53.77 -33.88
CA TYR A 293 -13.53 -54.58 -33.80
C TYR A 293 -14.67 -53.94 -33.03
N LYS B 2 -2.15 6.80 -18.42
CA LYS B 2 -3.17 6.13 -19.27
C LYS B 2 -2.49 5.10 -20.08
N ARG B 3 -2.83 3.86 -19.76
CA ARG B 3 -2.40 2.71 -20.49
C ARG B 3 -3.49 2.17 -21.35
N LYS B 4 -3.14 1.74 -22.52
CA LYS B 4 -4.09 1.12 -23.39
C LYS B 4 -3.86 -0.35 -23.44
N GLY B 5 -4.93 -1.08 -23.71
CA GLY B 5 -4.82 -2.54 -23.80
C GLY B 5 -5.04 -3.23 -25.14
N ILE B 6 -4.38 -4.36 -25.29
CA ILE B 6 -4.57 -5.18 -26.47
C ILE B 6 -4.85 -6.62 -26.10
N ILE B 7 -5.90 -7.18 -26.66
CA ILE B 7 -6.10 -8.60 -26.51
C ILE B 7 -5.82 -9.25 -27.81
N LEU B 8 -4.80 -10.07 -27.85
CA LEU B 8 -4.47 -10.80 -29.03
C LEU B 8 -5.22 -12.10 -29.00
N ALA B 9 -6.26 -12.21 -29.81
CA ALA B 9 -7.11 -13.40 -29.77
C ALA B 9 -7.18 -14.02 -31.11
N GLY B 10 -6.06 -14.17 -31.73
CA GLY B 10 -6.12 -14.61 -33.08
C GLY B 10 -5.69 -16.05 -33.17
N GLY B 11 -4.74 -16.27 -34.09
CA GLY B 11 -4.14 -17.57 -34.36
C GLY B 11 -5.15 -18.56 -34.89
N SER B 12 -4.69 -19.63 -35.53
CA SER B 12 -5.64 -20.61 -36.09
C SER B 12 -6.26 -21.46 -34.98
N GLY B 13 -5.44 -21.81 -33.99
CA GLY B 13 -5.87 -22.61 -32.85
C GLY B 13 -6.37 -23.98 -33.29
N THR B 14 -5.45 -24.71 -33.95
CA THR B 14 -5.67 -26.03 -34.58
C THR B 14 -5.69 -27.21 -33.57
N ARG B 15 -5.16 -26.95 -32.37
CA ARG B 15 -5.02 -27.95 -31.30
C ARG B 15 -6.40 -28.30 -30.73
N LEU B 16 -7.33 -27.41 -31.09
CA LEU B 16 -8.72 -27.55 -30.77
C LEU B 16 -9.61 -28.02 -31.94
N HIS B 17 -9.07 -28.29 -33.15
CA HIS B 17 -9.85 -28.99 -34.21
C HIS B 17 -10.43 -30.35 -33.82
N PRO B 18 -11.68 -30.63 -34.19
CA PRO B 18 -12.58 -29.79 -34.99
C PRO B 18 -13.52 -28.87 -34.24
N ALA B 19 -13.42 -28.82 -32.91
CA ALA B 19 -14.28 -27.95 -32.14
C ALA B 19 -14.29 -26.57 -32.79
N THR B 20 -13.20 -26.10 -33.17
CA THR B 20 -13.11 -24.76 -33.68
C THR B 20 -13.44 -24.63 -35.18
N LEU B 21 -13.76 -25.73 -35.84
CA LEU B 21 -14.24 -25.61 -37.20
C LEU B 21 -15.52 -24.74 -37.11
N ALA B 22 -16.14 -24.71 -35.92
CA ALA B 22 -17.43 -24.03 -35.69
C ALA B 22 -17.32 -22.62 -35.12
N ILE B 23 -16.26 -22.41 -34.36
CA ILE B 23 -15.89 -21.07 -33.99
C ILE B 23 -14.48 -20.89 -33.55
N SER B 24 -14.04 -19.63 -33.46
CA SER B 24 -12.69 -19.40 -32.93
C SER B 24 -12.64 -19.84 -31.47
N LYS B 25 -11.45 -20.22 -31.09
CA LYS B 25 -11.12 -20.69 -29.78
C LYS B 25 -11.56 -19.72 -28.70
N GLN B 26 -11.36 -18.45 -28.94
CA GLN B 26 -11.67 -17.48 -27.91
C GLN B 26 -13.18 -17.20 -27.78
N LEU B 27 -14.01 -17.86 -28.56
CA LEU B 27 -15.44 -17.75 -28.37
C LEU B 27 -15.98 -18.94 -27.63
N LEU B 28 -15.21 -20.00 -27.53
CA LEU B 28 -15.73 -21.14 -26.83
C LEU B 28 -15.85 -20.78 -25.36
N PRO B 29 -16.79 -21.37 -24.68
CA PRO B 29 -16.99 -21.08 -23.26
C PRO B 29 -16.01 -21.74 -22.34
N VAL B 30 -15.78 -21.07 -21.22
CA VAL B 30 -15.02 -21.70 -20.18
C VAL B 30 -16.01 -21.71 -19.10
N TYR B 31 -16.58 -22.88 -18.89
CA TYR B 31 -17.68 -23.11 -17.96
C TYR B 31 -18.90 -22.37 -18.35
N ASP B 32 -19.02 -21.12 -17.97
CA ASP B 32 -20.30 -20.44 -18.22
C ASP B 32 -20.26 -19.10 -18.89
N LYS B 33 -19.14 -18.70 -19.50
CA LYS B 33 -19.07 -17.47 -20.24
C LYS B 33 -17.92 -17.60 -21.24
N PRO B 34 -17.91 -16.79 -22.26
CA PRO B 34 -16.92 -16.99 -23.32
C PRO B 34 -15.52 -16.73 -22.86
N MSE B 35 -14.57 -17.44 -23.45
CA MSE B 35 -13.17 -17.38 -23.07
C MSE B 35 -12.71 -15.96 -23.01
O MSE B 35 -12.11 -15.54 -22.05
CB MSE B 35 -12.31 -18.13 -24.06
CG MSE B 35 -10.96 -18.41 -23.55
SE MSE B 35 -9.81 -19.09 -24.92
CE MSE B 35 -10.48 -20.62 -25.14
N ILE B 36 -13.04 -15.21 -24.03
CA ILE B 36 -12.49 -13.88 -24.10
C ILE B 36 -12.84 -13.02 -22.94
N TYR B 37 -13.86 -13.40 -22.17
CA TYR B 37 -14.23 -12.57 -21.03
C TYR B 37 -13.11 -12.56 -20.02
N TYR B 38 -12.41 -13.67 -19.88
CA TYR B 38 -11.36 -13.75 -18.87
C TYR B 38 -10.26 -12.69 -19.02
N PRO B 39 -9.50 -12.71 -20.10
CA PRO B 39 -8.45 -11.73 -20.35
C PRO B 39 -9.01 -10.32 -20.45
N LEU B 40 -10.20 -10.22 -20.98
CA LEU B 40 -10.83 -8.92 -21.01
C LEU B 40 -10.99 -8.40 -19.60
N SER B 41 -11.41 -9.28 -18.74
CA SER B 41 -11.69 -8.85 -17.41
C SER B 41 -10.35 -8.57 -16.73
N THR B 42 -9.30 -9.24 -17.21
CA THR B 42 -7.98 -9.00 -16.65
C THR B 42 -7.51 -7.59 -16.88
N LEU B 43 -7.53 -7.13 -18.12
CA LEU B 43 -7.17 -5.75 -18.38
C LEU B 43 -8.05 -4.85 -17.57
N MSE B 44 -9.34 -5.16 -17.51
CA MSE B 44 -10.26 -4.32 -16.72
C MSE B 44 -9.76 -4.19 -15.27
O MSE B 44 -9.62 -3.09 -14.76
CB MSE B 44 -11.69 -4.83 -16.78
CG MSE B 44 -12.37 -4.50 -18.07
SE MSE B 44 -13.90 -5.54 -18.36
CE MSE B 44 -14.91 -4.67 -17.45
N LEU B 45 -9.44 -5.28 -14.61
CA LEU B 45 -8.90 -5.15 -13.28
C LEU B 45 -7.62 -4.35 -13.24
N ALA B 46 -6.87 -4.27 -14.32
CA ALA B 46 -5.69 -3.43 -14.26
C ALA B 46 -6.01 -1.97 -14.45
N GLY B 47 -7.29 -1.61 -14.51
CA GLY B 47 -7.63 -0.22 -14.73
C GLY B 47 -7.66 0.23 -16.17
N ILE B 48 -7.64 -0.71 -17.10
CA ILE B 48 -7.60 -0.31 -18.47
C ILE B 48 -8.97 -0.32 -19.11
N ARG B 49 -9.40 0.79 -19.68
CA ARG B 49 -10.73 0.89 -20.30
C ARG B 49 -10.73 1.00 -21.81
N GLU B 50 -9.59 1.27 -22.41
CA GLU B 50 -9.56 1.45 -23.83
C GLU B 50 -8.72 0.32 -24.38
N ILE B 51 -9.41 -0.60 -25.04
CA ILE B 51 -8.83 -1.84 -25.49
C ILE B 51 -9.06 -2.17 -26.93
N LEU B 52 -7.99 -2.57 -27.59
CA LEU B 52 -8.05 -3.06 -28.96
C LEU B 52 -8.01 -4.58 -29.03
N ILE B 53 -8.95 -5.17 -29.74
CA ILE B 53 -9.02 -6.61 -29.86
C ILE B 53 -8.55 -7.03 -31.24
N ILE B 54 -7.59 -7.93 -31.27
CA ILE B 54 -7.02 -8.34 -32.54
C ILE B 54 -7.37 -9.76 -32.82
N SER B 55 -7.87 -10.03 -34.03
CA SER B 55 -8.20 -11.37 -34.36
C SER B 55 -8.12 -11.70 -35.83
N THR B 56 -8.45 -12.93 -36.20
CA THR B 56 -8.41 -13.30 -37.60
C THR B 56 -9.55 -12.53 -38.24
N PRO B 57 -9.47 -12.46 -39.55
CA PRO B 57 -10.45 -11.80 -40.38
C PRO B 57 -11.76 -12.44 -40.24
N GLN B 58 -11.77 -13.77 -40.18
CA GLN B 58 -13.05 -14.45 -40.05
C GLN B 58 -13.65 -14.28 -38.66
N ASP B 59 -12.81 -14.15 -37.65
CA ASP B 59 -13.35 -14.04 -36.28
C ASP B 59 -13.80 -12.62 -35.81
N THR B 60 -13.13 -11.59 -36.31
CA THR B 60 -13.43 -10.23 -35.90
C THR B 60 -14.88 -9.88 -35.80
N PRO B 61 -15.62 -10.04 -36.88
CA PRO B 61 -17.03 -9.69 -36.86
C PRO B 61 -17.70 -10.32 -35.71
N ARG B 62 -17.32 -11.54 -35.42
CA ARG B 62 -17.97 -12.21 -34.31
C ARG B 62 -17.69 -11.55 -33.00
N PHE B 63 -16.43 -11.46 -32.66
CA PHE B 63 -16.10 -10.72 -31.47
C PHE B 63 -16.88 -9.44 -31.47
N GLN B 64 -16.89 -8.79 -32.61
CA GLN B 64 -17.56 -7.51 -32.76
C GLN B 64 -19.05 -7.68 -32.58
N GLN B 65 -19.58 -8.79 -33.08
CA GLN B 65 -20.97 -9.13 -32.83
C GLN B 65 -21.27 -9.38 -31.32
N LEU B 66 -20.28 -9.71 -30.51
CA LEU B 66 -20.48 -10.09 -29.11
C LEU B 66 -20.22 -8.96 -28.07
N LEU B 67 -19.20 -8.14 -28.30
CA LEU B 67 -18.83 -7.12 -27.33
C LEU B 67 -19.23 -5.72 -27.69
N GLY B 68 -19.57 -5.50 -28.93
CA GLY B 68 -19.92 -4.18 -29.35
C GLY B 68 -18.75 -3.26 -29.23
N ASP B 69 -19.04 -2.00 -28.92
CA ASP B 69 -18.02 -0.99 -28.86
C ASP B 69 -17.62 -0.79 -27.41
N GLY B 70 -18.20 -1.58 -26.53
CA GLY B 70 -17.87 -1.42 -25.11
C GLY B 70 -18.60 -0.39 -24.27
N SER B 71 -19.37 0.46 -24.91
CA SER B 71 -20.04 1.53 -24.19
C SER B 71 -20.97 1.01 -23.12
N ASN B 72 -21.64 -0.10 -23.36
CA ASN B 72 -22.49 -0.65 -22.32
C ASN B 72 -21.72 -1.11 -21.07
N TRP B 73 -20.45 -1.44 -21.18
CA TRP B 73 -19.71 -1.75 -19.96
C TRP B 73 -18.76 -0.59 -19.53
N GLY B 74 -18.97 0.61 -20.06
CA GLY B 74 -18.07 1.71 -19.79
C GLY B 74 -16.71 1.62 -20.45
N LEU B 75 -16.59 0.78 -21.46
CA LEU B 75 -15.29 0.63 -22.07
C LEU B 75 -15.30 1.29 -23.39
N ASP B 76 -14.14 1.30 -24.00
CA ASP B 76 -14.02 1.75 -25.35
C ASP B 76 -13.28 0.65 -26.11
N LEU B 77 -14.01 -0.18 -26.82
CA LEU B 77 -13.39 -1.26 -27.55
C LEU B 77 -13.24 -1.02 -29.01
N GLN B 78 -12.12 -1.47 -29.56
CA GLN B 78 -11.88 -1.34 -30.97
C GLN B 78 -11.35 -2.61 -31.52
N TYR B 79 -11.34 -2.75 -32.85
CA TYR B 79 -10.98 -4.03 -33.44
C TYR B 79 -10.02 -3.87 -34.57
N ALA B 80 -9.28 -4.93 -34.84
CA ALA B 80 -8.26 -4.92 -35.88
C ALA B 80 -7.97 -6.36 -36.13
N VAL B 81 -7.34 -6.62 -37.26
CA VAL B 81 -7.20 -7.94 -37.77
C VAL B 81 -5.77 -8.38 -37.89
N GLN B 82 -5.54 -9.66 -37.72
CA GLN B 82 -4.22 -10.21 -37.93
C GLN B 82 -4.28 -11.25 -39.05
N PRO B 83 -3.99 -10.85 -40.28
CA PRO B 83 -4.17 -11.69 -41.45
C PRO B 83 -3.61 -13.03 -41.34
N SER B 84 -2.46 -13.08 -40.73
CA SER B 84 -1.76 -14.33 -40.59
C SER B 84 -0.89 -14.39 -39.31
N PRO B 85 -0.84 -15.55 -38.67
CA PRO B 85 -0.23 -15.70 -37.36
C PRO B 85 1.29 -15.63 -37.35
N ASP B 86 1.87 -14.46 -37.54
CA ASP B 86 3.31 -14.29 -37.68
C ASP B 86 4.06 -13.85 -36.42
N GLY B 87 3.45 -14.10 -35.26
CA GLY B 87 4.01 -13.71 -33.97
C GLY B 87 3.21 -12.70 -33.15
N LEU B 88 3.17 -12.89 -31.84
CA LEU B 88 2.46 -11.97 -30.96
C LEU B 88 2.98 -10.56 -31.11
N ALA B 89 4.28 -10.44 -31.33
CA ALA B 89 4.88 -9.11 -31.45
C ALA B 89 4.22 -8.29 -32.57
N GLN B 90 3.64 -8.94 -33.57
CA GLN B 90 2.97 -8.18 -34.62
C GLN B 90 1.88 -7.30 -34.03
N ALA B 91 1.40 -7.70 -32.87
CA ALA B 91 0.33 -6.93 -32.27
C ALA B 91 0.71 -5.46 -32.21
N PHE B 92 1.97 -5.21 -31.89
CA PHE B 92 2.42 -3.83 -31.74
C PHE B 92 2.57 -3.11 -33.05
N LEU B 93 2.78 -3.83 -34.13
CA LEU B 93 2.71 -3.19 -35.44
C LEU B 93 1.29 -2.99 -35.79
N ILE B 94 0.56 -4.07 -35.87
CA ILE B 94 -0.84 -3.90 -36.15
C ILE B 94 -1.46 -2.81 -35.30
N GLY B 95 -1.01 -2.65 -34.06
CA GLY B 95 -1.68 -1.75 -33.14
C GLY B 95 -0.97 -0.44 -32.92
N GLU B 96 0.10 -0.25 -33.68
CA GLU B 96 0.83 1.01 -33.63
C GLU B 96 -0.04 2.28 -33.57
N SER B 97 -1.06 2.42 -34.38
CA SER B 97 -1.73 3.70 -34.31
C SER B 97 -2.72 3.79 -33.21
N PHE B 98 -3.26 2.66 -32.77
CA PHE B 98 -4.16 2.68 -31.67
C PHE B 98 -3.36 3.04 -30.42
N ILE B 99 -2.11 2.62 -30.35
CA ILE B 99 -1.33 2.93 -29.16
C ILE B 99 -0.94 4.41 -29.11
N GLY B 100 -0.56 4.95 -30.25
CA GLY B 100 -0.05 6.30 -30.29
C GLY B 100 1.09 6.44 -29.32
N ASN B 101 1.13 7.56 -28.64
CA ASN B 101 2.20 7.79 -27.73
C ASN B 101 1.93 7.44 -26.27
N ASP B 102 1.12 6.43 -26.03
CA ASP B 102 0.80 6.01 -24.69
C ASP B 102 1.48 4.72 -24.20
N LEU B 103 1.32 4.47 -22.90
CA LEU B 103 1.73 3.20 -22.27
C LEU B 103 0.73 2.13 -22.68
N SER B 104 1.14 0.88 -22.68
CA SER B 104 0.24 -0.17 -23.13
C SER B 104 0.43 -1.47 -22.41
N ALA B 105 -0.45 -2.40 -22.74
CA ALA B 105 -0.43 -3.70 -22.14
C ALA B 105 -1.01 -4.65 -23.14
N LEU B 106 -0.54 -5.88 -23.11
CA LEU B 106 -0.93 -6.90 -24.06
C LEU B 106 -1.26 -8.17 -23.33
N VAL B 107 -2.43 -8.71 -23.59
CA VAL B 107 -2.76 -9.97 -22.96
C VAL B 107 -3.24 -10.96 -24.05
N LEU B 108 -2.88 -12.22 -23.95
CA LEU B 108 -3.24 -13.23 -24.92
C LEU B 108 -4.57 -13.77 -24.57
N GLY B 109 -5.37 -14.05 -25.59
CA GLY B 109 -6.75 -14.48 -25.39
C GLY B 109 -7.07 -15.81 -24.73
N ASP B 110 -6.09 -16.65 -24.51
CA ASP B 110 -6.42 -17.94 -23.92
C ASP B 110 -5.70 -18.11 -22.60
N ASN B 111 -5.34 -16.99 -21.99
CA ASN B 111 -4.71 -17.00 -20.70
C ASN B 111 -5.76 -16.60 -19.74
N LEU B 112 -5.81 -17.32 -18.63
CA LEU B 112 -6.82 -17.17 -17.66
C LEU B 112 -6.14 -17.11 -16.25
N TYR B 113 -6.46 -16.08 -15.47
CA TYR B 113 -5.82 -15.79 -14.21
C TYR B 113 -6.83 -15.75 -13.02
N TYR B 114 -6.45 -16.23 -11.84
CA TYR B 114 -7.34 -16.22 -10.68
C TYR B 114 -6.53 -16.13 -9.39
N GLY B 115 -7.06 -15.42 -8.39
CA GLY B 115 -6.32 -15.21 -7.17
C GLY B 115 -6.41 -13.94 -6.39
N HIS B 116 -6.20 -14.10 -5.10
CA HIS B 116 -6.27 -13.05 -4.13
C HIS B 116 -5.32 -11.89 -4.36
N ASP B 117 -5.88 -10.68 -4.27
CA ASP B 117 -5.14 -9.47 -4.58
C ASP B 117 -4.63 -9.35 -5.98
N PHE B 118 -5.16 -10.13 -6.91
CA PHE B 118 -4.72 -10.03 -8.29
C PHE B 118 -4.66 -8.58 -8.79
N HIS B 119 -5.51 -7.78 -8.24
CA HIS B 119 -5.65 -6.45 -8.66
C HIS B 119 -4.59 -5.47 -8.14
N GLU B 120 -4.04 -5.72 -6.98
CA GLU B 120 -2.85 -5.02 -6.53
C GLU B 120 -1.65 -5.43 -7.39
N LEU B 121 -1.49 -6.74 -7.60
CA LEU B 121 -0.43 -7.27 -8.46
C LEU B 121 -0.44 -6.62 -9.80
N LEU B 122 -1.60 -6.53 -10.39
CA LEU B 122 -1.71 -5.88 -11.67
C LEU B 122 -1.39 -4.44 -11.56
N GLY B 123 -1.91 -3.82 -10.50
CA GLY B 123 -1.63 -2.44 -10.17
C GLY B 123 -0.19 -2.04 -10.08
N SER B 124 0.65 -2.88 -9.51
CA SER B 124 2.02 -2.48 -9.44
C SER B 124 2.43 -2.16 -10.84
N ALA B 125 2.39 -3.17 -11.69
CA ALA B 125 2.94 -3.06 -13.01
C ALA B 125 2.28 -2.00 -13.88
N SER B 126 0.97 -1.85 -13.75
CA SER B 126 0.27 -0.88 -14.56
C SER B 126 0.62 0.55 -14.25
N GLN B 127 0.99 0.80 -13.01
CA GLN B 127 1.30 2.14 -12.61
C GLN B 127 2.74 2.48 -12.91
N ARG B 128 3.55 1.52 -13.30
CA ARG B 128 4.91 1.90 -13.65
C ARG B 128 4.80 2.64 -14.95
N GLN B 129 5.73 3.55 -15.20
CA GLN B 129 5.62 4.37 -16.38
C GLN B 129 6.84 4.30 -17.23
N THR B 130 7.60 3.23 -17.14
CA THR B 130 8.83 3.17 -17.89
C THR B 130 9.22 1.76 -17.91
N GLY B 131 9.96 1.37 -18.94
CA GLY B 131 10.40 -0.01 -19.04
C GLY B 131 9.26 -0.96 -19.30
N ALA B 132 9.49 -2.24 -19.04
CA ALA B 132 8.45 -3.26 -19.20
C ALA B 132 8.33 -4.16 -18.01
N SER B 133 7.13 -4.68 -17.81
CA SER B 133 6.98 -5.64 -16.73
C SER B 133 6.30 -6.91 -17.23
N VAL B 134 6.78 -8.07 -16.78
CA VAL B 134 6.14 -9.33 -17.07
C VAL B 134 6.05 -10.16 -15.78
N PHE B 135 5.34 -11.27 -15.80
CA PHE B 135 5.19 -12.12 -14.63
C PHE B 135 5.72 -13.54 -14.85
N ALA B 136 6.29 -14.14 -13.83
CA ALA B 136 6.85 -15.46 -13.99
C ALA B 136 6.21 -16.45 -13.02
N TYR B 137 5.93 -17.63 -13.54
CA TYR B 137 5.08 -18.53 -12.83
C TYR B 137 5.65 -19.91 -12.95
N HIS B 138 5.97 -20.52 -11.82
CA HIS B 138 6.50 -21.86 -11.80
C HIS B 138 5.54 -22.84 -12.46
N VAL B 139 6.04 -23.70 -13.33
CA VAL B 139 5.17 -24.66 -14.02
C VAL B 139 5.83 -26.00 -14.30
N LEU B 140 5.03 -26.97 -14.66
CA LEU B 140 5.56 -28.33 -14.88
C LEU B 140 6.25 -28.57 -16.21
N ASP B 141 5.83 -27.83 -17.21
CA ASP B 141 6.46 -27.92 -18.49
C ASP B 141 6.90 -26.60 -19.10
N PRO B 142 7.96 -26.03 -18.56
CA PRO B 142 8.45 -24.76 -19.06
C PRO B 142 8.77 -24.84 -20.55
N GLU B 143 9.17 -26.00 -21.04
CA GLU B 143 9.55 -26.09 -22.45
C GLU B 143 8.52 -25.54 -23.42
N ARG B 144 7.29 -25.39 -22.97
CA ARG B 144 6.21 -24.95 -23.85
C ARG B 144 6.11 -23.45 -23.92
N TYR B 145 6.90 -22.77 -23.10
CA TYR B 145 6.75 -21.33 -22.95
C TYR B 145 8.03 -20.54 -23.05
N GLY B 146 7.88 -19.22 -23.00
CA GLY B 146 9.05 -18.36 -22.87
C GLY B 146 9.52 -18.62 -21.45
N VAL B 147 10.79 -18.92 -21.23
CA VAL B 147 11.29 -19.23 -19.89
C VAL B 147 12.28 -18.18 -19.45
N VAL B 148 12.21 -17.80 -18.17
CA VAL B 148 13.11 -16.78 -17.60
C VAL B 148 13.97 -17.39 -16.52
N GLU B 149 15.23 -17.00 -16.47
CA GLU B 149 16.15 -17.56 -15.49
C GLU B 149 16.54 -16.49 -14.48
N PHE B 150 16.67 -16.86 -13.21
CA PHE B 150 17.09 -15.88 -12.22
C PHE B 150 18.45 -16.26 -11.68
N ASP B 151 19.19 -15.27 -11.21
CA ASP B 151 20.37 -15.56 -10.44
C ASP B 151 20.00 -15.77 -8.96
N GLN B 152 21.04 -15.99 -8.15
CA GLN B 152 20.90 -16.25 -6.71
C GLN B 152 20.33 -15.08 -5.99
N GLY B 153 20.35 -13.95 -6.64
CA GLY B 153 19.89 -12.77 -5.96
C GLY B 153 18.48 -12.44 -6.39
N GLY B 154 17.82 -13.33 -7.13
CA GLY B 154 16.44 -13.09 -7.56
C GLY B 154 16.32 -12.20 -8.79
N LYS B 155 17.44 -11.85 -9.35
CA LYS B 155 17.42 -11.00 -10.54
C LYS B 155 17.33 -11.77 -11.89
N ALA B 156 16.56 -11.25 -12.84
CA ALA B 156 16.41 -11.96 -14.10
C ALA B 156 17.68 -11.82 -14.92
N ILE B 157 18.17 -12.92 -15.46
CA ILE B 157 19.36 -12.82 -16.31
C ILE B 157 19.25 -13.46 -17.70
N SER B 158 18.12 -14.08 -18.03
CA SER B 158 17.87 -14.48 -19.42
C SER B 158 16.47 -14.94 -19.71
N LEU B 159 16.14 -14.93 -21.00
CA LEU B 159 14.87 -15.34 -21.50
C LEU B 159 15.06 -16.22 -22.72
N GLU B 160 14.46 -17.40 -22.76
CA GLU B 160 14.54 -18.25 -23.96
C GLU B 160 13.12 -18.67 -24.29
N GLU B 161 12.77 -18.68 -25.57
CA GLU B 161 11.44 -19.11 -25.98
C GLU B 161 11.47 -20.59 -26.26
N LYS B 162 10.57 -21.34 -25.62
CA LYS B 162 10.45 -22.76 -25.87
C LYS B 162 11.74 -23.53 -25.97
N PRO B 163 12.57 -23.46 -24.97
CA PRO B 163 13.82 -24.18 -25.03
C PRO B 163 13.73 -25.65 -24.85
N LEU B 164 14.57 -26.43 -25.54
CA LEU B 164 14.64 -27.86 -25.30
C LEU B 164 15.18 -28.15 -23.92
N GLU B 165 16.07 -27.29 -23.42
CA GLU B 165 16.61 -27.47 -22.07
C GLU B 165 16.42 -26.21 -21.25
N PRO B 166 15.25 -26.03 -20.65
CA PRO B 166 14.95 -24.84 -19.89
C PRO B 166 15.90 -24.65 -18.76
N LYS B 167 16.32 -23.44 -18.51
CA LYS B 167 17.18 -23.18 -17.39
C LYS B 167 16.44 -23.05 -16.11
N SER B 168 15.12 -22.97 -16.14
CA SER B 168 14.37 -22.99 -14.90
C SER B 168 13.01 -23.51 -15.14
N ASN B 169 12.22 -23.51 -14.10
CA ASN B 169 10.83 -23.88 -14.27
C ASN B 169 9.87 -22.69 -14.32
N TYR B 170 10.40 -21.48 -14.38
CA TYR B 170 9.55 -20.29 -14.41
C TYR B 170 9.20 -19.88 -15.81
N ALA B 171 7.92 -20.00 -16.13
CA ALA B 171 7.44 -19.51 -17.43
C ALA B 171 6.97 -18.07 -17.34
N VAL B 172 7.09 -17.33 -18.43
CA VAL B 172 6.61 -15.96 -18.50
C VAL B 172 5.22 -16.01 -19.04
N THR B 173 4.23 -15.55 -18.32
CA THR B 173 2.84 -15.70 -18.79
C THR B 173 2.49 -14.73 -19.85
N GLY B 174 1.29 -14.82 -20.34
CA GLY B 174 0.90 -14.01 -21.48
C GLY B 174 0.19 -12.74 -21.20
N LEU B 175 0.82 -11.95 -20.36
CA LEU B 175 0.28 -10.70 -19.90
C LEU B 175 1.52 -9.81 -19.84
N TYR B 176 1.55 -8.72 -20.61
CA TYR B 176 2.75 -7.92 -20.67
C TYR B 176 2.44 -6.42 -20.54
N PHE B 177 3.25 -5.67 -19.78
CA PHE B 177 3.06 -4.22 -19.68
C PHE B 177 4.25 -3.49 -20.35
N TYR B 178 3.99 -2.48 -21.20
CA TYR B 178 5.06 -1.74 -21.93
C TYR B 178 4.94 -0.19 -21.91
N ASP B 179 6.09 0.47 -22.00
CA ASP B 179 6.14 1.91 -22.01
C ASP B 179 6.15 2.31 -23.46
N GLN B 180 6.59 3.51 -23.76
CA GLN B 180 6.54 3.93 -25.14
C GLN B 180 7.60 3.43 -26.06
N GLN B 181 8.58 2.68 -25.58
CA GLN B 181 9.57 2.12 -26.49
C GLN B 181 9.15 0.87 -27.26
N VAL B 182 7.99 0.29 -26.98
CA VAL B 182 7.69 -1.04 -27.57
C VAL B 182 7.49 -1.05 -29.07
N VAL B 183 6.70 -0.16 -29.58
CA VAL B 183 6.50 -0.13 -30.98
C VAL B 183 7.83 -0.14 -31.75
N ASP B 184 8.72 0.80 -31.44
CA ASP B 184 9.96 0.87 -32.21
C ASP B 184 10.74 -0.37 -32.02
N ILE B 185 10.70 -0.91 -30.82
CA ILE B 185 11.46 -2.14 -30.62
C ILE B 185 10.90 -3.19 -31.50
N ALA B 186 9.59 -3.25 -31.57
CA ALA B 186 9.00 -4.25 -32.41
C ALA B 186 9.34 -4.03 -33.88
N ARG B 187 9.42 -2.77 -34.32
CA ARG B 187 9.76 -2.46 -35.70
C ARG B 187 11.09 -3.05 -36.16
N ASP B 188 12.03 -3.30 -35.25
CA ASP B 188 13.29 -3.88 -35.66
C ASP B 188 13.44 -5.35 -35.47
N LEU B 189 12.37 -6.06 -35.21
CA LEU B 189 12.57 -7.49 -35.03
C LEU B 189 12.61 -8.22 -36.34
N LYS B 190 13.32 -9.33 -36.32
CA LYS B 190 13.34 -10.18 -37.50
C LYS B 190 12.76 -11.46 -37.10
N PRO B 191 12.05 -12.04 -38.02
CA PRO B 191 11.28 -13.24 -37.75
C PRO B 191 12.22 -14.25 -37.22
N SER B 192 11.72 -15.06 -36.32
CA SER B 192 12.56 -16.04 -35.70
C SER B 192 12.66 -17.14 -36.74
N PRO B 193 13.42 -18.16 -36.44
CA PRO B 193 13.49 -19.28 -37.37
C PRO B 193 12.12 -19.83 -37.46
N ARG B 194 11.60 -20.14 -36.29
CA ARG B 194 10.25 -20.59 -36.16
C ARG B 194 9.35 -19.69 -37.04
N GLY B 195 9.89 -18.57 -37.51
CA GLY B 195 9.20 -17.73 -38.48
C GLY B 195 8.13 -16.86 -37.87
N GLU B 196 8.45 -16.22 -36.76
CA GLU B 196 7.45 -15.40 -36.12
C GLU B 196 8.15 -14.23 -35.45
N LEU B 197 7.45 -13.14 -35.26
CA LEU B 197 8.00 -12.03 -34.49
C LEU B 197 7.62 -12.27 -33.07
N GLU B 198 8.62 -12.55 -32.25
CA GLU B 198 8.43 -13.04 -30.90
C GLU B 198 8.42 -12.02 -29.81
N ILE B 199 7.40 -12.10 -28.96
CA ILE B 199 7.33 -11.29 -27.75
C ILE B 199 8.56 -11.53 -26.92
N THR B 200 9.04 -12.75 -26.98
CA THR B 200 10.17 -13.02 -26.15
C THR B 200 11.28 -12.08 -26.56
N ASP B 201 11.46 -11.86 -27.86
CA ASP B 201 12.53 -11.00 -28.31
C ASP B 201 12.24 -9.59 -27.83
N VAL B 202 10.98 -9.20 -27.91
CA VAL B 202 10.70 -7.89 -27.40
C VAL B 202 11.15 -7.77 -25.92
N ASN B 203 10.84 -8.79 -25.15
CA ASN B 203 11.14 -8.74 -23.74
C ASN B 203 12.67 -8.67 -23.51
N ARG B 204 13.37 -9.35 -24.40
CA ARG B 204 14.79 -9.49 -24.24
C ARG B 204 15.48 -8.18 -24.52
N ALA B 205 14.85 -7.45 -25.40
CA ALA B 205 15.41 -6.20 -25.75
C ALA B 205 15.35 -5.35 -24.51
N TYR B 206 14.23 -5.37 -23.79
CA TYR B 206 14.16 -4.53 -22.60
C TYR B 206 15.17 -5.00 -21.59
N LEU B 207 15.40 -6.30 -21.60
CA LEU B 207 16.28 -6.90 -20.62
C LEU B 207 17.69 -6.40 -20.90
N GLU B 208 18.08 -6.47 -22.16
CA GLU B 208 19.42 -6.08 -22.52
C GLU B 208 19.68 -4.63 -22.13
N ARG B 209 18.64 -3.81 -21.97
CA ARG B 209 18.85 -2.44 -21.47
C ARG B 209 18.67 -2.22 -20.00
N GLY B 210 18.48 -3.28 -19.25
CA GLY B 210 18.31 -3.07 -17.84
C GLY B 210 16.93 -2.52 -17.53
N GLN B 211 15.97 -2.70 -18.41
CA GLN B 211 14.65 -2.15 -18.16
C GLN B 211 13.51 -3.14 -18.14
N LEU B 212 13.79 -4.40 -17.93
CA LEU B 212 12.71 -5.36 -17.85
C LEU B 212 12.44 -5.71 -16.42
N SER B 213 11.24 -5.46 -15.96
CA SER B 213 10.83 -5.88 -14.62
C SER B 213 10.07 -7.22 -14.58
N VAL B 214 10.54 -8.14 -13.77
CA VAL B 214 9.97 -9.46 -13.78
C VAL B 214 9.50 -9.79 -12.42
N GLU B 215 8.20 -9.72 -12.19
CA GLU B 215 7.67 -10.04 -10.88
C GLU B 215 7.25 -11.49 -10.82
N ILE B 216 7.43 -12.10 -9.67
CA ILE B 216 6.90 -13.43 -9.47
C ILE B 216 5.42 -13.49 -9.20
N MSE B 217 4.69 -14.33 -9.94
CA MSE B 217 3.33 -14.68 -9.62
C MSE B 217 3.40 -16.02 -8.83
O MSE B 217 3.63 -17.10 -9.37
CB MSE B 217 2.55 -14.83 -10.91
CG MSE B 217 1.11 -15.18 -10.77
SE MSE B 217 0.30 -15.43 -12.44
CE MSE B 217 0.16 -13.90 -12.69
N GLY B 218 3.21 -15.92 -7.54
CA GLY B 218 3.18 -17.09 -6.68
C GLY B 218 2.26 -18.24 -6.99
N ARG B 219 2.55 -19.35 -6.34
CA ARG B 219 1.85 -20.60 -6.56
C ARG B 219 0.44 -20.47 -5.98
N GLY B 220 0.22 -19.42 -5.22
CA GLY B 220 -1.11 -19.09 -4.76
C GLY B 220 -2.04 -18.54 -5.80
N TYR B 221 -1.54 -18.08 -6.93
CA TYR B 221 -2.40 -17.78 -8.04
C TYR B 221 -2.47 -18.99 -8.96
N ALA B 222 -3.38 -18.88 -9.90
CA ALA B 222 -3.68 -19.89 -10.86
C ALA B 222 -3.68 -19.22 -12.18
N TRP B 223 -2.84 -19.73 -13.05
CA TRP B 223 -2.62 -19.28 -14.40
C TRP B 223 -2.81 -20.53 -15.21
N LEU B 224 -3.87 -20.55 -16.00
CA LEU B 224 -4.16 -21.66 -16.84
C LEU B 224 -4.20 -21.20 -18.29
N ASP B 225 -3.86 -22.06 -19.22
CA ASP B 225 -4.08 -21.65 -20.61
C ASP B 225 -5.05 -22.61 -21.26
N THR B 226 -5.97 -22.10 -22.04
CA THR B 226 -7.05 -22.93 -22.49
C THR B 226 -6.87 -23.27 -23.92
N GLY B 227 -5.69 -23.74 -24.27
CA GLY B 227 -5.36 -23.96 -25.66
C GLY B 227 -5.61 -25.33 -26.24
N THR B 228 -5.76 -26.34 -25.37
CA THR B 228 -6.06 -27.69 -25.81
C THR B 228 -7.41 -28.16 -25.28
N HIS B 229 -7.94 -29.25 -25.87
CA HIS B 229 -9.18 -29.87 -25.43
C HIS B 229 -9.11 -30.11 -23.94
N ASP B 230 -8.00 -30.65 -23.50
CA ASP B 230 -7.90 -31.00 -22.09
C ASP B 230 -7.82 -29.80 -21.22
N SER B 231 -7.04 -28.84 -21.61
CA SER B 231 -6.83 -27.71 -20.73
C SER B 231 -8.13 -26.91 -20.66
N LEU B 232 -8.81 -26.83 -21.78
CA LEU B 232 -10.07 -26.14 -21.83
C LEU B 232 -11.00 -26.74 -20.80
N LEU B 233 -11.03 -28.06 -20.79
CA LEU B 233 -11.88 -28.80 -19.90
C LEU B 233 -11.45 -28.65 -18.48
N GLU B 234 -10.15 -28.68 -18.21
CA GLU B 234 -9.75 -28.53 -16.82
C GLU B 234 -10.15 -27.14 -16.27
N ALA B 235 -10.03 -26.12 -17.10
CA ALA B 235 -10.28 -24.79 -16.65
C ALA B 235 -11.74 -24.65 -16.38
N GLY B 236 -12.52 -25.25 -17.27
CA GLY B 236 -13.93 -25.16 -17.11
C GLY B 236 -14.32 -25.69 -15.76
N GLN B 237 -13.71 -26.80 -15.38
CA GLN B 237 -14.07 -27.43 -14.13
C GLN B 237 -13.50 -26.65 -12.95
N PHE B 238 -12.45 -25.89 -13.21
CA PHE B 238 -11.82 -25.08 -12.15
C PHE B 238 -12.75 -23.90 -11.78
N ILE B 239 -13.24 -23.23 -12.80
CA ILE B 239 -14.08 -22.11 -12.56
C ILE B 239 -15.35 -22.65 -11.93
N ALA B 240 -15.89 -23.72 -12.48
CA ALA B 240 -17.17 -24.22 -11.96
C ALA B 240 -17.05 -24.56 -10.50
N THR B 241 -15.90 -25.10 -10.12
CA THR B 241 -15.79 -25.42 -8.71
C THR B 241 -15.86 -24.16 -7.88
N LEU B 242 -15.05 -23.16 -8.23
CA LEU B 242 -15.09 -21.89 -7.52
C LEU B 242 -16.44 -21.20 -7.56
N GLU B 243 -17.04 -21.09 -8.75
CA GLU B 243 -18.28 -20.32 -8.82
C GLU B 243 -19.37 -20.96 -7.98
N ASN B 244 -19.52 -22.28 -8.08
CA ASN B 244 -20.59 -22.96 -7.37
C ASN B 244 -20.41 -22.90 -5.89
N ARG B 245 -19.16 -22.77 -5.45
CA ARG B 245 -18.92 -22.78 -4.02
C ARG B 245 -19.22 -21.40 -3.46
N GLN B 246 -18.89 -20.35 -4.21
CA GLN B 246 -18.98 -19.00 -3.67
C GLN B 246 -20.30 -18.27 -3.90
N GLY B 247 -20.98 -18.59 -4.99
CA GLY B 247 -22.17 -17.88 -5.38
C GLY B 247 -21.72 -16.57 -6.01
N LEU B 248 -20.49 -16.55 -6.49
CA LEU B 248 -19.99 -15.38 -7.17
C LEU B 248 -19.43 -15.81 -8.50
N LYS B 249 -19.26 -14.90 -9.44
CA LYS B 249 -18.67 -15.29 -10.71
C LYS B 249 -17.20 -14.86 -10.87
N VAL B 250 -16.40 -15.56 -11.65
CA VAL B 250 -15.06 -15.08 -11.90
C VAL B 250 -15.14 -14.40 -13.26
N ALA B 251 -14.44 -13.30 -13.43
CA ALA B 251 -14.35 -12.59 -14.69
C ALA B 251 -15.66 -12.24 -15.35
N CYS B 252 -16.54 -11.61 -14.59
CA CYS B 252 -17.81 -11.14 -15.13
C CYS B 252 -17.66 -9.65 -15.33
N PRO B 253 -17.50 -9.25 -16.57
CA PRO B 253 -17.20 -7.85 -16.90
C PRO B 253 -18.18 -6.85 -16.38
N GLU B 254 -19.43 -7.23 -16.29
CA GLU B 254 -20.40 -6.23 -15.89
C GLU B 254 -20.16 -5.92 -14.44
N GLU B 255 -19.88 -6.96 -13.66
CA GLU B 255 -19.66 -6.76 -12.26
C GLU B 255 -18.49 -5.86 -12.03
N ILE B 256 -17.45 -6.05 -12.82
CA ILE B 256 -16.22 -5.36 -12.57
C ILE B 256 -16.40 -3.91 -12.90
N ALA B 257 -17.05 -3.66 -14.03
CA ALA B 257 -17.37 -2.30 -14.41
C ALA B 257 -18.17 -1.66 -13.29
N TYR B 258 -19.15 -2.38 -12.81
CA TYR B 258 -19.97 -1.84 -11.76
C TYR B 258 -19.10 -1.53 -10.54
N ARG B 259 -18.09 -2.34 -10.24
CA ARG B 259 -17.32 -2.08 -9.04
C ARG B 259 -16.36 -0.94 -9.21
N GLN B 260 -15.94 -0.69 -10.44
CA GLN B 260 -15.04 0.42 -10.70
C GLN B 260 -15.80 1.67 -10.99
N LYS B 261 -17.10 1.62 -10.79
CA LYS B 261 -17.92 2.79 -11.06
C LYS B 261 -17.82 3.26 -12.52
N TRP B 262 -17.55 2.35 -13.45
CA TRP B 262 -17.51 2.75 -14.86
C TRP B 262 -18.92 2.69 -15.40
N ILE B 263 -19.80 2.05 -14.68
CA ILE B 263 -21.18 2.12 -15.05
C ILE B 263 -21.85 2.27 -13.69
N ASP B 264 -23.13 2.66 -13.67
CA ASP B 264 -23.86 2.81 -12.42
C ASP B 264 -25.00 1.82 -12.22
N ALA B 265 -25.64 1.89 -11.07
CA ALA B 265 -26.66 0.88 -10.76
C ALA B 265 -27.69 0.81 -11.89
N ALA B 266 -27.98 1.96 -12.46
CA ALA B 266 -29.00 1.97 -13.47
C ALA B 266 -28.52 1.22 -14.68
N GLN B 267 -27.28 1.42 -15.06
CA GLN B 267 -26.80 0.78 -16.28
C GLN B 267 -26.80 -0.70 -16.07
N LEU B 268 -26.36 -1.05 -14.88
CA LEU B 268 -26.30 -2.43 -14.53
C LEU B 268 -27.67 -3.09 -14.65
N GLU B 269 -28.72 -2.37 -14.29
CA GLU B 269 -30.05 -2.97 -14.32
C GLU B 269 -30.48 -3.20 -15.71
N LYS B 270 -30.16 -2.23 -16.54
CA LYS B 270 -30.43 -2.37 -17.94
C LYS B 270 -29.70 -3.60 -18.47
N LEU B 271 -28.44 -3.78 -18.11
CA LEU B 271 -27.73 -4.93 -18.58
C LEU B 271 -28.38 -6.24 -18.22
N ALA B 272 -28.96 -6.27 -17.04
CA ALA B 272 -29.52 -7.51 -16.53
C ALA B 272 -30.85 -7.91 -17.15
N ALA B 273 -31.67 -6.93 -17.52
CA ALA B 273 -33.02 -7.19 -17.97
C ALA B 273 -33.09 -8.27 -19.02
N PRO B 274 -32.36 -8.09 -20.09
CA PRO B 274 -32.37 -9.01 -21.21
C PRO B 274 -31.85 -10.37 -20.86
N LEU B 275 -31.16 -10.48 -19.75
CA LEU B 275 -30.65 -11.76 -19.34
C LEU B 275 -31.43 -12.37 -18.17
N ALA B 276 -32.56 -11.77 -17.78
CA ALA B 276 -33.27 -12.22 -16.58
C ALA B 276 -33.73 -13.68 -16.57
N LYS B 277 -33.95 -14.26 -17.75
CA LYS B 277 -34.45 -15.63 -17.77
C LYS B 277 -33.40 -16.58 -17.31
N ASN B 278 -32.14 -16.16 -17.28
CA ASN B 278 -31.11 -17.06 -16.74
C ASN B 278 -30.28 -16.51 -15.60
N GLY B 279 -29.50 -17.42 -15.03
CA GLY B 279 -28.68 -17.16 -13.88
C GLY B 279 -27.78 -15.98 -14.03
N TYR B 280 -27.22 -15.78 -15.22
CA TYR B 280 -26.24 -14.74 -15.42
C TYR B 280 -26.89 -13.42 -15.06
N GLY B 281 -28.06 -13.18 -15.64
CA GLY B 281 -28.82 -11.97 -15.34
C GLY B 281 -29.25 -12.01 -13.89
N GLN B 282 -29.68 -13.17 -13.44
CA GLN B 282 -30.12 -13.27 -12.06
C GLN B 282 -28.92 -12.79 -11.22
N TYR B 283 -27.71 -13.21 -11.60
CA TYR B 283 -26.51 -12.84 -10.85
C TYR B 283 -26.34 -11.33 -10.89
N LEU B 284 -26.42 -10.78 -12.07
CA LEU B 284 -26.23 -9.37 -12.16
C LEU B 284 -27.20 -8.64 -11.26
N LYS B 285 -28.44 -9.13 -11.19
CA LYS B 285 -29.45 -8.42 -10.38
C LYS B 285 -29.10 -8.48 -8.91
N ARG B 286 -28.70 -9.66 -8.47
CA ARG B 286 -28.42 -9.84 -7.06
C ARG B 286 -27.28 -8.93 -6.63
N LEU B 287 -26.46 -8.53 -7.60
CA LEU B 287 -25.34 -7.69 -7.26
C LEU B 287 -25.73 -6.32 -6.81
N LEU B 288 -26.93 -5.87 -7.14
CA LEU B 288 -27.33 -4.50 -6.80
C LEU B 288 -27.84 -4.43 -5.37
N THR B 289 -28.06 -5.59 -4.78
CA THR B 289 -28.59 -5.64 -3.43
C THR B 289 -27.72 -6.31 -2.41
N GLU B 290 -26.46 -6.56 -2.71
CA GLU B 290 -25.65 -7.32 -1.78
C GLU B 290 -24.34 -6.66 -1.78
N THR B 291 -23.79 -6.48 -0.61
CA THR B 291 -22.47 -5.97 -0.55
C THR B 291 -21.49 -7.14 -0.64
N VAL B 292 -20.47 -6.99 -1.45
CA VAL B 292 -19.53 -8.08 -1.63
C VAL B 292 -18.14 -7.54 -1.39
N TYR B 293 -17.58 -7.88 -0.26
CA TYR B 293 -16.28 -7.33 0.06
C TYR B 293 -15.19 -7.91 -0.85
N LYS C 2 -19.89 -75.72 -11.47
CA LYS C 2 -19.90 -74.61 -10.46
C LYS C 2 -18.58 -73.90 -10.52
N ARG C 3 -18.61 -72.59 -10.72
CA ARG C 3 -17.40 -71.87 -10.74
C ARG C 3 -17.15 -71.12 -9.48
N LYS C 4 -15.91 -71.13 -9.03
CA LYS C 4 -15.55 -70.31 -7.89
C LYS C 4 -14.79 -69.09 -8.29
N GLY C 5 -14.83 -68.04 -7.46
CA GLY C 5 -14.16 -66.78 -7.80
C GLY C 5 -13.07 -66.34 -6.86
N ILE C 6 -12.09 -65.63 -7.40
CA ILE C 6 -11.02 -65.05 -6.61
C ILE C 6 -10.87 -63.58 -6.96
N ILE C 7 -10.74 -62.74 -5.94
CA ILE C 7 -10.42 -61.34 -6.13
C ILE C 7 -9.07 -61.18 -5.57
N LEU C 8 -8.14 -60.80 -6.41
CA LEU C 8 -6.79 -60.59 -5.96
C LEU C 8 -6.76 -59.12 -5.65
N ALA C 9 -6.64 -58.77 -4.39
CA ALA C 9 -6.65 -57.38 -3.97
C ALA C 9 -5.46 -57.07 -3.14
N GLY C 10 -4.33 -57.65 -3.50
CA GLY C 10 -3.15 -57.51 -2.69
C GLY C 10 -2.50 -56.22 -3.11
N GLY C 11 -1.22 -56.07 -2.83
CA GLY C 11 -0.53 -54.92 -3.36
C GLY C 11 0.27 -53.88 -2.64
N SER C 12 1.54 -53.93 -3.02
CA SER C 12 2.51 -52.88 -2.77
C SER C 12 1.83 -51.57 -3.16
N GLY C 13 1.37 -50.82 -2.16
CA GLY C 13 0.68 -49.55 -2.38
C GLY C 13 1.57 -48.38 -2.83
N THR C 14 2.91 -48.59 -2.79
CA THR C 14 3.97 -47.57 -3.08
C THR C 14 3.52 -46.39 -4.00
N ARG C 15 3.10 -46.72 -5.21
CA ARG C 15 2.61 -45.70 -6.15
C ARG C 15 1.66 -44.70 -5.45
N LEU C 16 0.41 -45.11 -5.19
CA LEU C 16 -0.59 -44.24 -4.56
C LEU C 16 -0.15 -43.59 -3.21
N HIS C 17 1.15 -43.56 -2.93
CA HIS C 17 1.60 -42.81 -1.77
C HIS C 17 1.66 -41.33 -1.94
N PRO C 18 1.62 -40.60 -0.83
CA PRO C 18 1.36 -41.07 0.55
C PRO C 18 -0.08 -41.45 0.97
N ALA C 19 -1.10 -41.16 0.14
CA ALA C 19 -2.48 -41.55 0.43
C ALA C 19 -2.61 -42.94 1.01
N THR C 20 -2.17 -43.94 0.26
CA THR C 20 -2.30 -45.29 0.76
C THR C 20 -1.43 -45.46 1.98
N LEU C 21 -0.73 -44.41 2.38
CA LEU C 21 -0.08 -44.54 3.64
C LEU C 21 -1.19 -44.72 4.66
N ALA C 22 -2.38 -44.21 4.32
CA ALA C 22 -3.51 -44.34 5.24
C ALA C 22 -4.41 -45.68 5.19
N ILE C 23 -4.61 -46.33 4.03
CA ILE C 23 -5.44 -47.54 3.79
C ILE C 23 -5.05 -48.35 2.51
N SER C 24 -5.16 -49.68 2.46
CA SER C 24 -4.85 -50.32 1.17
C SER C 24 -5.70 -49.64 0.11
N LYS C 25 -5.17 -49.68 -1.09
CA LYS C 25 -5.82 -49.21 -2.29
C LYS C 25 -7.25 -49.71 -2.40
N GLN C 26 -7.45 -50.99 -2.14
CA GLN C 26 -8.76 -51.59 -2.42
C GLN C 26 -9.82 -51.20 -1.44
N LEU C 27 -9.46 -50.33 -0.51
CA LEU C 27 -10.46 -49.84 0.41
C LEU C 27 -10.80 -48.40 0.11
N LEU C 28 -10.00 -47.71 -0.69
CA LEU C 28 -10.38 -46.34 -0.99
C LEU C 28 -11.68 -46.34 -1.75
N PRO C 29 -12.46 -45.31 -1.60
CA PRO C 29 -13.68 -45.21 -2.35
C PRO C 29 -13.49 -44.80 -3.79
N VAL C 30 -14.39 -45.30 -4.62
CA VAL C 30 -14.54 -44.81 -5.96
C VAL C 30 -15.90 -44.17 -5.98
N TYR C 31 -15.87 -42.86 -5.84
CA TYR C 31 -17.04 -42.03 -5.69
C TYR C 31 -17.75 -42.30 -4.42
N ASP C 32 -18.54 -43.34 -4.38
CA ASP C 32 -19.39 -43.46 -3.20
C ASP C 32 -19.41 -44.77 -2.52
N LYS C 33 -18.60 -45.72 -2.96
CA LYS C 33 -18.48 -46.98 -2.26
C LYS C 33 -17.05 -47.48 -2.39
N PRO C 34 -16.65 -48.45 -1.59
CA PRO C 34 -15.28 -48.90 -1.68
C PRO C 34 -14.94 -49.63 -2.98
N MSE C 35 -13.69 -49.47 -3.39
CA MSE C 35 -13.19 -50.00 -4.65
C MSE C 35 -13.57 -51.43 -4.79
O MSE C 35 -14.12 -51.83 -5.82
CB MSE C 35 -11.68 -49.92 -4.75
CG MSE C 35 -11.21 -50.09 -6.20
SE MSE C 35 -9.33 -50.11 -6.30
CE MSE C 35 -8.97 -48.60 -5.75
N ILE C 36 -13.37 -52.20 -3.73
CA ILE C 36 -13.55 -53.63 -3.89
C ILE C 36 -14.94 -54.03 -4.26
N TYR C 37 -15.90 -53.16 -4.04
CA TYR C 37 -17.25 -53.52 -4.39
C TYR C 37 -17.35 -53.80 -5.86
N TYR C 38 -16.61 -53.07 -6.68
CA TYR C 38 -16.76 -53.14 -8.15
C TYR C 38 -16.47 -54.55 -8.68
N PRO C 39 -15.26 -55.02 -8.49
CA PRO C 39 -14.88 -56.35 -8.91
C PRO C 39 -15.66 -57.40 -8.22
N LEU C 40 -16.05 -57.15 -7.00
CA LEU C 40 -16.90 -58.11 -6.32
C LEU C 40 -18.24 -58.21 -7.01
N SER C 41 -18.76 -57.07 -7.38
CA SER C 41 -20.04 -57.09 -8.01
C SER C 41 -19.89 -57.73 -9.39
N THR C 42 -18.68 -57.65 -9.97
CA THR C 42 -18.44 -58.25 -11.29
C THR C 42 -18.58 -59.79 -11.24
N LEU C 43 -17.92 -60.43 -10.29
CA LEU C 43 -18.12 -61.85 -10.12
C LEU C 43 -19.56 -62.12 -9.82
N MSE C 44 -20.17 -61.29 -8.99
CA MSE C 44 -21.56 -61.54 -8.70
C MSE C 44 -22.34 -61.60 -10.03
O MSE C 44 -22.99 -62.61 -10.34
CB MSE C 44 -22.12 -60.52 -7.73
CG MSE C 44 -21.65 -60.72 -6.27
SE MSE C 44 -21.99 -59.12 -5.29
CE MSE C 44 -23.59 -59.49 -4.85
N LEU C 45 -22.25 -60.58 -10.86
CA LEU C 45 -23.00 -60.62 -12.11
C LEU C 45 -22.65 -61.85 -12.91
N ALA C 46 -21.51 -62.47 -12.70
CA ALA C 46 -21.23 -63.64 -13.48
C ALA C 46 -21.85 -64.83 -12.87
N GLY C 47 -22.67 -64.65 -11.86
CA GLY C 47 -23.28 -65.82 -11.26
C GLY C 47 -22.47 -66.49 -10.19
N ILE C 48 -21.36 -65.93 -9.80
CA ILE C 48 -20.54 -66.59 -8.82
C ILE C 48 -20.82 -66.18 -7.39
N ARG C 49 -21.11 -67.14 -6.51
CA ARG C 49 -21.44 -66.85 -5.11
C ARG C 49 -20.40 -67.20 -4.12
N GLU C 50 -19.46 -68.05 -4.49
CA GLU C 50 -18.45 -68.46 -3.56
C GLU C 50 -17.13 -67.90 -4.01
N ILE C 51 -16.57 -67.02 -3.18
CA ILE C 51 -15.44 -66.19 -3.55
C ILE C 51 -14.40 -66.09 -2.49
N LEU C 52 -13.17 -66.16 -2.93
CA LEU C 52 -12.04 -66.01 -2.06
C LEU C 52 -11.37 -64.69 -2.29
N ILE C 53 -11.09 -63.98 -1.23
CA ILE C 53 -10.43 -62.70 -1.33
C ILE C 53 -9.05 -62.78 -0.80
N ILE C 54 -8.09 -62.47 -1.66
CA ILE C 54 -6.68 -62.50 -1.30
C ILE C 54 -6.14 -61.11 -1.10
N SER C 55 -5.42 -60.92 -0.02
CA SER C 55 -4.84 -59.64 0.16
C SER C 55 -3.56 -59.68 0.98
N THR C 56 -3.00 -58.52 1.30
CA THR C 56 -1.84 -58.53 2.17
C THR C 56 -2.30 -58.94 3.52
N PRO C 57 -1.34 -59.31 4.34
CA PRO C 57 -1.55 -59.67 5.72
C PRO C 57 -2.15 -58.54 6.46
N GLN C 58 -1.61 -57.35 6.28
CA GLN C 58 -2.11 -56.21 7.01
C GLN C 58 -3.54 -55.91 6.52
N ASP C 59 -3.83 -56.08 5.24
CA ASP C 59 -5.15 -55.67 4.72
C ASP C 59 -6.32 -56.66 4.98
N THR C 60 -6.01 -57.93 5.10
CA THR C 60 -7.05 -58.97 5.25
C THR C 60 -8.08 -58.74 6.33
N PRO C 61 -7.65 -58.54 7.54
CA PRO C 61 -8.57 -58.24 8.63
C PRO C 61 -9.54 -57.11 8.27
N ARG C 62 -9.09 -56.15 7.50
CA ARG C 62 -9.96 -55.04 7.19
C ARG C 62 -11.00 -55.49 6.24
N PHE C 63 -10.56 -56.17 5.21
CA PHE C 63 -11.48 -56.59 4.21
C PHE C 63 -12.53 -57.38 4.94
N GLN C 64 -12.03 -58.13 5.91
CA GLN C 64 -12.86 -59.02 6.66
C GLN C 64 -13.84 -58.24 7.52
N GLN C 65 -13.34 -57.19 8.15
CA GLN C 65 -14.17 -56.30 8.94
C GLN C 65 -15.28 -55.72 8.06
N LEU C 66 -15.00 -55.52 6.78
CA LEU C 66 -15.94 -54.87 5.86
C LEU C 66 -17.00 -55.77 5.19
N LEU C 67 -16.59 -56.94 4.73
CA LEU C 67 -17.53 -57.84 4.02
C LEU C 67 -18.08 -58.99 4.82
N GLY C 68 -17.39 -59.38 5.87
CA GLY C 68 -17.84 -60.48 6.67
C GLY C 68 -17.70 -61.74 5.86
N ASP C 69 -18.55 -62.69 6.17
CA ASP C 69 -18.45 -63.99 5.53
C ASP C 69 -19.38 -64.01 4.34
N GLY C 70 -20.08 -62.92 4.10
CA GLY C 70 -20.93 -62.83 2.92
C GLY C 70 -22.37 -63.27 3.05
N SER C 71 -22.66 -63.92 4.17
CA SER C 71 -24.01 -64.46 4.35
C SER C 71 -25.08 -63.38 4.22
N ASN C 72 -24.79 -62.16 4.67
CA ASN C 72 -25.78 -61.10 4.56
C ASN C 72 -26.11 -60.77 3.13
N TRP C 73 -25.19 -61.05 2.21
CA TRP C 73 -25.48 -60.78 0.82
C TRP C 73 -25.78 -62.04 0.02
N GLY C 74 -25.93 -63.16 0.70
CA GLY C 74 -26.16 -64.41 0.01
C GLY C 74 -24.90 -64.98 -0.61
N LEU C 75 -23.75 -64.52 -0.14
CA LEU C 75 -22.52 -65.05 -0.69
C LEU C 75 -21.87 -65.90 0.31
N ASP C 76 -20.78 -66.51 -0.12
CA ASP C 76 -19.94 -67.26 0.76
C ASP C 76 -18.53 -66.78 0.56
N LEU C 77 -18.10 -65.85 1.38
CA LEU C 77 -16.77 -65.30 1.26
C LEU C 77 -15.70 -65.94 2.13
N GLN C 78 -14.53 -66.13 1.55
CA GLN C 78 -13.41 -66.57 2.36
C GLN C 78 -12.19 -65.76 2.09
N TYR C 79 -11.16 -65.93 2.91
CA TYR C 79 -10.02 -65.04 2.83
C TYR C 79 -8.71 -65.79 2.84
N ALA C 80 -7.68 -65.13 2.31
CA ALA C 80 -6.37 -65.70 2.27
C ALA C 80 -5.41 -64.59 2.06
N VAL C 81 -4.16 -64.89 2.30
CA VAL C 81 -3.12 -63.90 2.28
C VAL C 81 -2.05 -64.08 1.24
N GLN C 82 -1.59 -62.96 0.72
CA GLN C 82 -0.46 -63.01 -0.18
C GLN C 82 0.70 -62.27 0.48
N PRO C 83 1.59 -62.97 1.14
CA PRO C 83 2.68 -62.37 1.89
C PRO C 83 3.47 -61.39 1.11
N SER C 84 3.66 -61.70 -0.15
CA SER C 84 4.46 -60.85 -0.98
C SER C 84 4.05 -60.87 -2.46
N PRO C 85 4.13 -59.73 -3.11
CA PRO C 85 3.61 -59.57 -4.47
C PRO C 85 4.46 -60.21 -5.54
N ASP C 86 4.42 -61.53 -5.61
CA ASP C 86 5.21 -62.31 -6.57
C ASP C 86 4.49 -62.74 -7.88
N GLY C 87 3.40 -62.03 -8.23
CA GLY C 87 2.64 -62.29 -9.46
C GLY C 87 1.20 -62.67 -9.18
N LEU C 88 0.29 -62.25 -10.04
CA LEU C 88 -1.07 -62.61 -9.88
C LEU C 88 -1.18 -64.11 -9.92
N ALA C 89 -0.32 -64.77 -10.70
CA ALA C 89 -0.48 -66.21 -10.88
C ALA C 89 -0.39 -66.95 -9.58
N GLN C 90 0.24 -66.37 -8.59
CA GLN C 90 0.29 -67.00 -7.28
C GLN C 90 -1.09 -67.19 -6.71
N ALA C 91 -2.00 -66.36 -7.15
CA ALA C 91 -3.34 -66.53 -6.67
C ALA C 91 -3.78 -67.97 -6.79
N PHE C 92 -3.37 -68.66 -7.84
CA PHE C 92 -3.86 -70.01 -8.01
C PHE C 92 -3.20 -70.99 -7.09
N LEU C 93 -2.02 -70.64 -6.61
CA LEU C 93 -1.37 -71.52 -5.67
C LEU C 93 -1.98 -71.22 -4.33
N ILE C 94 -1.94 -69.94 -4.00
CA ILE C 94 -2.50 -69.59 -2.75
C ILE C 94 -3.89 -70.14 -2.69
N GLY C 95 -4.59 -70.20 -3.82
CA GLY C 95 -6.00 -70.58 -3.79
C GLY C 95 -6.30 -72.00 -4.20
N GLU C 96 -5.26 -72.81 -4.27
CA GLU C 96 -5.37 -74.19 -4.73
C GLU C 96 -6.38 -75.01 -4.00
N SER C 97 -6.38 -74.94 -2.68
CA SER C 97 -7.36 -75.76 -1.98
C SER C 97 -8.77 -75.18 -1.99
N PHE C 98 -8.95 -73.87 -1.95
CA PHE C 98 -10.26 -73.31 -2.10
C PHE C 98 -10.89 -73.66 -3.46
N ILE C 99 -10.06 -73.89 -4.48
CA ILE C 99 -10.60 -74.21 -5.81
C ILE C 99 -11.00 -75.67 -5.93
N GLY C 100 -10.15 -76.51 -5.41
CA GLY C 100 -10.39 -77.93 -5.47
C GLY C 100 -10.48 -78.41 -6.88
N ASN C 101 -11.52 -79.12 -7.22
CA ASN C 101 -11.63 -79.59 -8.58
C ASN C 101 -12.67 -78.87 -9.40
N ASP C 102 -12.91 -77.60 -9.09
CA ASP C 102 -13.93 -76.83 -9.79
C ASP C 102 -13.39 -75.89 -10.81
N LEU C 103 -14.31 -75.29 -11.58
CA LEU C 103 -14.01 -74.21 -12.50
C LEU C 103 -13.74 -72.96 -11.67
N SER C 104 -13.04 -71.98 -12.22
CA SER C 104 -12.83 -70.77 -11.46
C SER C 104 -12.75 -69.55 -12.31
N ALA C 105 -12.55 -68.42 -11.64
CA ALA C 105 -12.48 -67.10 -12.25
C ALA C 105 -11.75 -66.22 -11.29
N LEU C 106 -10.96 -65.33 -11.86
CA LEU C 106 -10.06 -64.46 -11.16
C LEU C 106 -10.30 -63.03 -11.62
N VAL C 107 -10.45 -62.11 -10.69
CA VAL C 107 -10.60 -60.73 -11.07
C VAL C 107 -9.74 -59.88 -10.17
N LEU C 108 -9.04 -58.91 -10.76
CA LEU C 108 -8.16 -58.04 -10.03
C LEU C 108 -8.91 -56.92 -9.35
N GLY C 109 -8.51 -56.61 -8.14
CA GLY C 109 -9.24 -55.65 -7.34
C GLY C 109 -9.34 -54.24 -7.82
N ASP C 110 -8.54 -53.82 -8.78
CA ASP C 110 -8.65 -52.42 -9.14
C ASP C 110 -9.18 -52.26 -10.56
N ASN C 111 -9.90 -53.27 -10.99
CA ASN C 111 -10.44 -53.25 -12.32
C ASN C 111 -11.87 -52.94 -12.17
N LEU C 112 -12.37 -52.05 -13.00
CA LEU C 112 -13.72 -51.56 -12.87
C LEU C 112 -14.43 -51.62 -14.25
N TYR C 113 -15.57 -52.30 -14.34
CA TYR C 113 -16.23 -52.61 -15.60
C TYR C 113 -17.66 -51.98 -15.65
N TYR C 114 -18.04 -51.32 -16.74
CA TYR C 114 -19.41 -50.78 -16.90
C TYR C 114 -19.92 -50.92 -18.34
N GLY C 115 -21.20 -51.22 -18.48
CA GLY C 115 -21.75 -51.46 -19.80
C GLY C 115 -22.94 -52.36 -19.97
N HIS C 116 -23.68 -52.10 -21.04
CA HIS C 116 -24.90 -52.79 -21.37
C HIS C 116 -24.68 -54.23 -21.69
N ASP C 117 -25.48 -55.07 -21.04
CA ASP C 117 -25.43 -56.51 -21.25
C ASP C 117 -24.16 -57.13 -20.75
N PHE C 118 -23.38 -56.37 -20.01
CA PHE C 118 -22.22 -56.94 -19.37
C PHE C 118 -22.48 -58.34 -18.86
N HIS C 119 -23.68 -58.58 -18.43
CA HIS C 119 -23.89 -59.84 -17.82
C HIS C 119 -24.03 -61.01 -18.82
N GLU C 120 -24.60 -60.77 -19.96
CA GLU C 120 -24.62 -61.79 -21.00
C GLU C 120 -23.17 -62.06 -21.40
N LEU C 121 -22.40 -61.00 -21.66
CA LEU C 121 -20.96 -61.11 -21.92
C LEU C 121 -20.27 -62.01 -20.89
N LEU C 122 -20.51 -61.74 -19.62
CA LEU C 122 -19.88 -62.53 -18.60
C LEU C 122 -20.36 -63.95 -18.75
N GLY C 123 -21.65 -64.08 -19.00
CA GLY C 123 -22.27 -65.39 -19.06
C GLY C 123 -21.72 -66.29 -20.14
N SER C 124 -21.42 -65.75 -21.29
CA SER C 124 -20.83 -66.63 -22.27
C SER C 124 -19.64 -67.33 -21.69
N ALA C 125 -18.67 -66.57 -21.20
CA ALA C 125 -17.50 -67.20 -20.62
C ALA C 125 -17.79 -68.10 -19.45
N SER C 126 -18.63 -67.65 -18.54
CA SER C 126 -18.81 -68.44 -17.33
C SER C 126 -19.30 -69.81 -17.64
N GLN C 127 -20.07 -69.88 -18.70
CA GLN C 127 -20.78 -71.12 -18.96
C GLN C 127 -19.94 -72.10 -19.76
N ARG C 128 -18.75 -71.69 -20.10
CA ARG C 128 -17.89 -72.64 -20.80
C ARG C 128 -17.18 -73.50 -19.82
N GLN C 129 -17.00 -74.75 -20.17
CA GLN C 129 -16.54 -75.66 -19.13
C GLN C 129 -15.22 -76.25 -19.42
N THR C 130 -14.52 -75.69 -20.38
CA THR C 130 -13.24 -76.25 -20.75
C THR C 130 -12.38 -75.22 -21.45
N GLY C 131 -11.09 -75.21 -21.17
CA GLY C 131 -10.23 -74.15 -21.62
C GLY C 131 -10.31 -72.93 -20.74
N ALA C 132 -9.84 -71.80 -21.25
CA ALA C 132 -9.92 -70.53 -20.55
C ALA C 132 -10.49 -69.44 -21.44
N SER C 133 -11.09 -68.41 -20.86
CA SER C 133 -11.53 -67.23 -21.62
C SER C 133 -10.99 -65.94 -20.98
N VAL C 134 -10.61 -64.97 -21.84
CA VAL C 134 -10.18 -63.67 -21.38
C VAL C 134 -10.84 -62.61 -22.24
N PHE C 135 -10.68 -61.34 -21.92
CA PHE C 135 -11.31 -60.32 -22.74
C PHE C 135 -10.32 -59.30 -23.22
N ALA C 136 -10.59 -58.73 -24.37
CA ALA C 136 -9.63 -57.81 -24.92
C ALA C 136 -10.28 -56.48 -25.20
N TYR C 137 -9.56 -55.42 -24.92
CA TYR C 137 -10.13 -54.09 -24.96
C TYR C 137 -9.14 -53.12 -25.59
N HIS C 138 -9.52 -52.50 -26.67
CA HIS C 138 -8.66 -51.52 -27.31
C HIS C 138 -8.34 -50.43 -26.35
N VAL C 139 -7.07 -50.02 -26.29
CA VAL C 139 -6.66 -48.94 -25.36
C VAL C 139 -5.61 -48.08 -25.95
N LEU C 140 -5.42 -46.90 -25.43
CA LEU C 140 -4.38 -46.02 -25.90
C LEU C 140 -2.93 -46.45 -25.57
N ASP C 141 -2.65 -47.09 -24.44
CA ASP C 141 -1.27 -47.47 -24.06
C ASP C 141 -1.15 -48.93 -23.71
N PRO C 142 -1.04 -49.74 -24.71
CA PRO C 142 -0.99 -51.17 -24.57
C PRO C 142 0.20 -51.58 -23.78
N GLU C 143 1.27 -50.85 -24.00
CA GLU C 143 2.52 -51.14 -23.35
C GLU C 143 2.37 -51.43 -21.87
N ARG C 144 1.34 -50.87 -21.22
CA ARG C 144 1.14 -51.02 -19.76
C ARG C 144 0.47 -52.31 -19.40
N TYR C 145 0.01 -53.06 -20.39
CA TYR C 145 -0.73 -54.29 -20.13
C TYR C 145 -0.26 -55.55 -20.82
N GLY C 146 -0.87 -56.67 -20.46
CA GLY C 146 -0.75 -57.86 -21.28
C GLY C 146 -1.40 -57.50 -22.61
N VAL C 147 -0.70 -57.69 -23.71
CA VAL C 147 -1.25 -57.37 -25.01
C VAL C 147 -1.50 -58.64 -25.77
N VAL C 148 -2.61 -58.70 -26.52
CA VAL C 148 -2.93 -59.86 -27.38
C VAL C 148 -3.04 -59.45 -28.86
N GLU C 149 -2.51 -60.29 -29.76
CA GLU C 149 -2.48 -59.98 -31.20
C GLU C 149 -3.44 -60.86 -31.93
N PHE C 150 -4.01 -60.37 -33.02
CA PHE C 150 -5.01 -61.17 -33.74
C PHE C 150 -4.57 -61.22 -35.16
N ASP C 151 -5.00 -62.24 -35.85
CA ASP C 151 -4.69 -62.31 -37.23
C ASP C 151 -5.86 -61.69 -38.01
N GLN C 152 -5.69 -61.60 -39.32
CA GLN C 152 -6.75 -61.09 -40.20
C GLN C 152 -8.04 -61.84 -40.05
N GLY C 153 -8.03 -62.94 -39.35
CA GLY C 153 -9.27 -63.67 -39.29
C GLY C 153 -9.89 -63.50 -37.96
N GLY C 154 -9.34 -62.61 -37.14
CA GLY C 154 -9.90 -62.33 -35.83
C GLY C 154 -9.52 -63.31 -34.76
N LYS C 155 -8.59 -64.19 -35.09
CA LYS C 155 -8.12 -65.22 -34.18
C LYS C 155 -6.95 -64.73 -33.36
N ALA C 156 -6.87 -65.11 -32.09
CA ALA C 156 -5.70 -64.74 -31.28
C ALA C 156 -4.47 -65.58 -31.62
N ILE C 157 -3.34 -64.92 -31.83
CA ILE C 157 -2.09 -65.62 -32.12
C ILE C 157 -0.93 -65.33 -31.19
N SER C 158 -1.01 -64.33 -30.32
CA SER C 158 0.03 -64.16 -29.30
C SER C 158 -0.30 -63.24 -28.15
N LEU C 159 0.45 -63.41 -27.09
CA LEU C 159 0.29 -62.63 -25.91
C LEU C 159 1.66 -62.18 -25.42
N GLU C 160 1.87 -60.89 -25.15
CA GLU C 160 3.11 -60.41 -24.56
C GLU C 160 2.75 -59.52 -23.41
N GLU C 161 3.43 -59.63 -22.29
CA GLU C 161 3.13 -58.79 -21.15
C GLU C 161 3.97 -57.56 -21.23
N LYS C 162 3.33 -56.41 -21.09
CA LYS C 162 4.04 -55.13 -21.10
C LYS C 162 5.17 -55.01 -22.08
N PRO C 163 4.89 -55.21 -23.35
CA PRO C 163 5.90 -55.08 -24.39
C PRO C 163 6.33 -53.68 -24.73
N LEU C 164 7.61 -53.47 -25.03
CA LEU C 164 8.08 -52.16 -25.48
C LEU C 164 7.52 -51.82 -26.81
N GLU C 165 7.28 -52.84 -27.64
CA GLU C 165 6.65 -52.66 -28.94
C GLU C 165 5.39 -53.50 -29.14
N PRO C 166 4.25 -53.03 -28.68
CA PRO C 166 3.01 -53.80 -28.77
C PRO C 166 2.64 -54.15 -30.16
N LYS C 167 2.14 -55.35 -30.37
CA LYS C 167 1.77 -55.69 -31.71
C LYS C 167 0.35 -55.29 -31.96
N SER C 168 -0.35 -54.81 -30.95
CA SER C 168 -1.68 -54.29 -31.24
C SER C 168 -2.05 -53.33 -30.19
N ASN C 169 -3.27 -52.81 -30.31
CA ASN C 169 -3.79 -51.94 -29.28
C ASN C 169 -4.78 -52.61 -28.37
N TYR C 170 -4.77 -53.93 -28.33
CA TYR C 170 -5.72 -54.64 -27.49
C TYR C 170 -5.11 -55.17 -26.25
N ALA C 171 -5.56 -54.65 -25.12
CA ALA C 171 -5.07 -55.13 -23.84
C ALA C 171 -5.99 -56.22 -23.33
N VAL C 172 -5.45 -57.12 -22.51
CA VAL C 172 -6.24 -58.17 -21.97
C VAL C 172 -6.59 -57.69 -20.59
N THR C 173 -7.85 -57.50 -20.27
CA THR C 173 -8.20 -56.94 -18.94
C THR C 173 -8.07 -57.91 -17.82
N GLY C 174 -8.14 -57.40 -16.58
CA GLY C 174 -7.99 -58.23 -15.38
C GLY C 174 -9.17 -59.06 -14.89
N LEU C 175 -9.80 -59.77 -15.79
CA LEU C 175 -10.86 -60.67 -15.47
C LEU C 175 -10.60 -61.96 -16.23
N TYR C 176 -10.46 -63.08 -15.55
CA TYR C 176 -10.11 -64.32 -16.27
C TYR C 176 -10.95 -65.52 -15.84
N PHE C 177 -11.38 -66.35 -16.78
CA PHE C 177 -12.14 -67.57 -16.48
C PHE C 177 -11.26 -68.86 -16.80
N TYR C 178 -11.20 -69.80 -15.88
CA TYR C 178 -10.39 -70.99 -16.08
C TYR C 178 -11.08 -72.31 -15.76
N ASP C 179 -10.59 -73.38 -16.37
CA ASP C 179 -11.16 -74.69 -16.15
C ASP C 179 -10.28 -75.33 -15.13
N GLN C 180 -10.35 -76.63 -15.00
CA GLN C 180 -9.57 -77.30 -13.99
C GLN C 180 -8.09 -77.41 -14.27
N GLN C 181 -7.60 -77.06 -15.44
CA GLN C 181 -6.16 -77.23 -15.63
C GLN C 181 -5.34 -76.09 -15.00
N VAL C 182 -5.96 -75.01 -14.54
CA VAL C 182 -5.15 -73.83 -14.16
C VAL C 182 -4.13 -74.03 -13.01
N VAL C 183 -4.59 -74.54 -11.88
CA VAL C 183 -3.70 -74.85 -10.78
C VAL C 183 -2.41 -75.59 -11.23
N ASP C 184 -2.53 -76.70 -11.94
CA ASP C 184 -1.31 -77.38 -12.38
C ASP C 184 -0.52 -76.50 -13.30
N ILE C 185 -1.17 -75.87 -14.27
CA ILE C 185 -0.39 -75.00 -15.10
C ILE C 185 0.37 -74.02 -14.24
N ALA C 186 -0.30 -73.49 -13.25
CA ALA C 186 0.35 -72.49 -12.44
C ALA C 186 1.49 -73.13 -11.69
N ARG C 187 1.37 -74.41 -11.33
CA ARG C 187 2.44 -75.08 -10.60
C ARG C 187 3.76 -75.17 -11.33
N ASP C 188 3.73 -75.11 -12.65
CA ASP C 188 4.96 -75.16 -13.40
C ASP C 188 5.52 -73.84 -13.86
N LEU C 189 5.01 -72.74 -13.37
CA LEU C 189 5.56 -71.51 -13.89
C LEU C 189 6.86 -71.17 -13.23
N LYS C 190 7.66 -70.40 -13.95
CA LYS C 190 8.88 -69.90 -13.38
C LYS C 190 8.77 -68.43 -13.41
N PRO C 191 9.26 -67.84 -12.35
CA PRO C 191 9.18 -66.41 -12.22
C PRO C 191 9.73 -65.80 -13.46
N SER C 192 9.12 -64.69 -13.81
CA SER C 192 9.57 -63.98 -14.97
C SER C 192 10.86 -63.28 -14.55
N PRO C 193 11.48 -62.58 -15.48
CA PRO C 193 12.67 -61.80 -15.14
C PRO C 193 12.24 -60.80 -14.12
N ARG C 194 11.20 -60.08 -14.48
CA ARG C 194 10.60 -59.11 -13.59
C ARG C 194 10.28 -59.76 -12.23
N GLY C 195 10.75 -61.00 -12.07
CA GLY C 195 10.53 -61.80 -10.88
C GLY C 195 9.10 -61.96 -10.41
N GLU C 196 8.20 -62.40 -11.26
CA GLU C 196 6.83 -62.63 -10.84
C GLU C 196 6.28 -63.84 -11.59
N LEU C 197 5.24 -64.45 -11.04
CA LEU C 197 4.56 -65.49 -11.74
C LEU C 197 3.42 -64.82 -12.45
N GLU C 198 3.50 -64.77 -13.76
CA GLU C 198 2.57 -64.03 -14.58
C GLU C 198 1.36 -64.73 -15.08
N ILE C 199 0.23 -64.11 -14.84
CA ILE C 199 -0.98 -64.56 -15.43
C ILE C 199 -0.82 -64.63 -16.93
N THR C 200 -0.05 -63.73 -17.52
CA THR C 200 0.06 -63.82 -18.97
C THR C 200 0.63 -65.19 -19.40
N ASP C 201 1.62 -65.70 -18.66
CA ASP C 201 2.16 -67.04 -18.91
C ASP C 201 1.11 -68.13 -18.76
N VAL C 202 0.23 -67.95 -17.79
CA VAL C 202 -0.85 -68.89 -17.66
C VAL C 202 -1.70 -68.85 -18.89
N ASN C 203 -2.00 -67.66 -19.36
CA ASN C 203 -2.90 -67.53 -20.49
C ASN C 203 -2.24 -68.06 -21.76
N ARG C 204 -0.98 -67.80 -21.92
CA ARG C 204 -0.24 -68.32 -23.03
C ARG C 204 -0.22 -69.84 -23.08
N ALA C 205 -0.20 -70.45 -21.91
CA ALA C 205 -0.16 -71.88 -21.88
C ALA C 205 -1.43 -72.42 -22.52
N TYR C 206 -2.56 -71.86 -22.17
CA TYR C 206 -3.80 -72.32 -22.76
C TYR C 206 -3.81 -72.04 -24.27
N LEU C 207 -3.22 -70.92 -24.63
CA LEU C 207 -3.09 -70.54 -26.02
C LEU C 207 -2.25 -71.56 -26.83
N GLU C 208 -1.08 -71.93 -26.33
CA GLU C 208 -0.23 -72.93 -26.97
C GLU C 208 -0.92 -74.29 -27.09
N ARG C 209 -2.01 -74.51 -26.35
CA ARG C 209 -2.78 -75.74 -26.54
C ARG C 209 -3.99 -75.60 -27.39
N GLY C 210 -4.27 -74.43 -27.91
CA GLY C 210 -5.47 -74.24 -28.67
C GLY C 210 -6.69 -74.11 -27.79
N GLN C 211 -6.50 -73.73 -26.54
CA GLN C 211 -7.63 -73.65 -25.64
C GLN C 211 -7.92 -72.31 -24.99
N LEU C 212 -7.41 -71.23 -25.55
CA LEU C 212 -7.64 -69.91 -24.98
C LEU C 212 -8.70 -69.25 -25.83
N SER C 213 -9.74 -68.78 -25.20
CA SER C 213 -10.77 -68.09 -25.89
C SER C 213 -10.63 -66.60 -25.54
N VAL C 214 -10.66 -65.78 -26.56
CA VAL C 214 -10.44 -64.37 -26.33
C VAL C 214 -11.56 -63.59 -26.91
N GLU C 215 -12.50 -63.16 -26.10
CA GLU C 215 -13.59 -62.40 -26.64
C GLU C 215 -13.33 -60.90 -26.60
N ILE C 216 -13.71 -60.19 -27.65
CA ILE C 216 -13.64 -58.75 -27.60
C ILE C 216 -14.66 -58.06 -26.73
N MSE C 217 -14.19 -57.14 -25.90
CA MSE C 217 -15.05 -56.25 -25.13
C MSE C 217 -14.99 -54.92 -25.90
O MSE C 217 -13.98 -54.24 -25.95
CB MSE C 217 -14.51 -56.14 -23.72
CG MSE C 217 -15.26 -55.22 -22.80
SE MSE C 217 -14.28 -55.02 -21.10
CE MSE C 217 -14.85 -56.31 -20.62
N GLY C 218 -16.08 -54.59 -26.58
CA GLY C 218 -16.19 -53.41 -27.42
C GLY C 218 -16.06 -52.07 -26.78
N ARG C 219 -15.96 -51.06 -27.62
CA ARG C 219 -15.63 -49.73 -27.17
C ARG C 219 -16.85 -49.16 -26.47
N GLY C 220 -17.93 -49.92 -26.56
CA GLY C 220 -19.16 -49.59 -25.86
C GLY C 220 -19.22 -49.86 -24.39
N TYR C 221 -18.20 -50.56 -23.90
CA TYR C 221 -18.04 -50.79 -22.50
C TYR C 221 -16.94 -49.92 -22.04
N ALA C 222 -16.84 -49.82 -20.73
CA ALA C 222 -15.86 -48.99 -20.08
C ALA C 222 -15.12 -49.91 -19.12
N TRP C 223 -13.82 -49.93 -19.33
CA TRP C 223 -12.91 -50.67 -18.52
C TRP C 223 -11.90 -49.62 -18.05
N LEU C 224 -11.86 -49.43 -16.74
CA LEU C 224 -10.96 -48.48 -16.12
C LEU C 224 -10.17 -49.14 -15.05
N ASP C 225 -8.94 -48.71 -14.85
CA ASP C 225 -8.22 -49.25 -13.69
C ASP C 225 -7.91 -48.12 -12.72
N THR C 226 -8.07 -48.40 -11.45
CA THR C 226 -7.97 -47.37 -10.49
C THR C 226 -6.66 -47.43 -9.79
N GLY C 227 -5.57 -47.46 -10.53
CA GLY C 227 -4.29 -47.72 -9.91
C GLY C 227 -3.42 -46.52 -9.62
N THR C 228 -3.75 -45.39 -10.24
CA THR C 228 -3.07 -44.14 -9.95
C THR C 228 -4.01 -43.07 -9.41
N HIS C 229 -3.43 -42.05 -8.77
CA HIS C 229 -4.23 -40.95 -8.25
C HIS C 229 -5.14 -40.45 -9.35
N ASP C 230 -4.60 -40.30 -10.53
CA ASP C 230 -5.40 -39.71 -11.58
C ASP C 230 -6.49 -40.62 -12.05
N SER C 231 -6.14 -41.87 -12.26
CA SER C 231 -7.15 -42.75 -12.78
C SER C 231 -8.25 -42.96 -11.72
N LEU C 232 -7.87 -42.94 -10.43
CA LEU C 232 -8.83 -43.10 -9.32
C LEU C 232 -9.84 -41.95 -9.40
N LEU C 233 -9.29 -40.78 -9.64
CA LEU C 233 -10.10 -39.61 -9.77
C LEU C 233 -10.96 -39.62 -10.99
N GLU C 234 -10.47 -40.17 -12.09
CA GLU C 234 -11.30 -40.15 -13.28
C GLU C 234 -12.46 -41.13 -13.14
N ALA C 235 -12.16 -42.23 -12.49
CA ALA C 235 -13.17 -43.23 -12.32
C ALA C 235 -14.26 -42.71 -11.37
N GLY C 236 -13.82 -42.02 -10.33
CA GLY C 236 -14.75 -41.46 -9.37
C GLY C 236 -15.73 -40.52 -10.02
N GLN C 237 -15.22 -39.77 -10.99
CA GLN C 237 -16.04 -38.80 -11.69
C GLN C 237 -16.89 -39.49 -12.70
N PHE C 238 -16.43 -40.64 -13.18
CA PHE C 238 -17.18 -41.40 -14.21
C PHE C 238 -18.44 -41.99 -13.60
N ILE C 239 -18.27 -42.71 -12.49
CA ILE C 239 -19.41 -43.27 -11.78
C ILE C 239 -20.32 -42.12 -11.28
N ALA C 240 -19.76 -41.07 -10.71
CA ALA C 240 -20.64 -40.04 -10.23
C ALA C 240 -21.47 -39.50 -11.36
N THR C 241 -20.91 -39.39 -12.54
CA THR C 241 -21.77 -38.85 -13.61
C THR C 241 -22.91 -39.83 -13.87
N LEU C 242 -22.60 -41.09 -13.97
CA LEU C 242 -23.66 -42.03 -14.22
C LEU C 242 -24.69 -42.08 -13.11
N GLU C 243 -24.21 -42.16 -11.88
CA GLU C 243 -25.18 -42.40 -10.79
C GLU C 243 -26.11 -41.18 -10.62
N ASN C 244 -25.55 -39.97 -10.71
CA ASN C 244 -26.39 -38.81 -10.55
C ASN C 244 -27.39 -38.63 -11.67
N ARG C 245 -27.11 -39.22 -12.82
CA ARG C 245 -28.01 -39.00 -13.90
C ARG C 245 -29.14 -39.97 -13.85
N GLN C 246 -28.86 -41.16 -13.33
CA GLN C 246 -29.83 -42.24 -13.45
C GLN C 246 -30.67 -42.37 -12.18
N GLY C 247 -30.09 -41.94 -11.07
CA GLY C 247 -30.70 -42.22 -9.80
C GLY C 247 -30.51 -43.71 -9.49
N LEU C 248 -29.58 -44.39 -10.16
CA LEU C 248 -29.31 -45.80 -9.87
C LEU C 248 -27.88 -45.89 -9.48
N LYS C 249 -27.46 -46.97 -8.82
CA LYS C 249 -26.05 -47.07 -8.46
C LYS C 249 -25.35 -48.04 -9.39
N VAL C 250 -24.03 -47.93 -9.54
CA VAL C 250 -23.33 -48.97 -10.24
C VAL C 250 -22.64 -49.86 -9.19
N ALA C 251 -22.56 -51.15 -9.44
CA ALA C 251 -21.91 -52.05 -8.52
C ALA C 251 -22.33 -51.91 -7.07
N CYS C 252 -23.61 -52.01 -6.82
CA CYS C 252 -24.08 -52.08 -5.47
C CYS C 252 -24.43 -53.55 -5.20
N PRO C 253 -23.63 -54.23 -4.40
CA PRO C 253 -23.83 -55.65 -4.10
C PRO C 253 -25.18 -56.04 -3.55
N GLU C 254 -25.71 -55.22 -2.69
CA GLU C 254 -26.96 -55.60 -2.14
C GLU C 254 -28.01 -55.75 -3.22
N GLU C 255 -27.98 -54.80 -4.17
CA GLU C 255 -29.00 -54.71 -5.21
C GLU C 255 -28.92 -55.93 -6.08
N ILE C 256 -27.69 -56.33 -6.37
CA ILE C 256 -27.48 -57.42 -7.29
C ILE C 256 -27.89 -58.70 -6.65
N ALA C 257 -27.51 -58.90 -5.41
CA ALA C 257 -28.03 -60.05 -4.66
C ALA C 257 -29.55 -60.07 -4.67
N TYR C 258 -30.14 -58.91 -4.48
CA TYR C 258 -31.58 -58.85 -4.44
C TYR C 258 -32.11 -59.26 -5.80
N ARG C 259 -31.52 -58.76 -6.88
CA ARG C 259 -32.03 -59.11 -8.20
C ARG C 259 -31.82 -60.55 -8.63
N GLN C 260 -30.79 -61.20 -8.10
CA GLN C 260 -30.57 -62.62 -8.39
C GLN C 260 -31.34 -63.52 -7.46
N LYS C 261 -32.14 -62.91 -6.61
CA LYS C 261 -32.84 -63.69 -5.63
C LYS C 261 -31.90 -64.43 -4.72
N TRP C 262 -30.71 -63.92 -4.41
CA TRP C 262 -29.88 -64.60 -3.44
C TRP C 262 -30.27 -64.13 -2.06
N ILE C 263 -30.99 -63.03 -1.97
CA ILE C 263 -31.52 -62.59 -0.69
C ILE C 263 -32.90 -62.14 -1.07
N ASP C 264 -33.80 -61.97 -0.10
CA ASP C 264 -35.17 -61.57 -0.39
C ASP C 264 -35.51 -60.18 0.13
N ALA C 265 -36.72 -59.72 -0.13
CA ALA C 265 -37.14 -58.38 0.27
C ALA C 265 -36.92 -58.15 1.76
N ALA C 266 -37.14 -59.19 2.55
CA ALA C 266 -36.95 -59.01 3.98
C ALA C 266 -35.49 -58.75 4.30
N GLN C 267 -34.58 -59.57 3.77
CA GLN C 267 -33.15 -59.44 4.08
C GLN C 267 -32.70 -58.08 3.62
N LEU C 268 -33.23 -57.67 2.49
CA LEU C 268 -32.87 -56.41 1.94
C LEU C 268 -33.22 -55.30 2.91
N GLU C 269 -34.39 -55.42 3.51
CA GLU C 269 -34.83 -54.35 4.41
C GLU C 269 -33.91 -54.27 5.62
N LYS C 270 -33.65 -55.41 6.21
CA LYS C 270 -32.67 -55.48 7.28
C LYS C 270 -31.35 -54.81 6.88
N LEU C 271 -30.88 -55.02 5.65
CA LEU C 271 -29.60 -54.41 5.24
C LEU C 271 -29.65 -52.91 5.22
N ALA C 272 -30.82 -52.39 4.91
CA ALA C 272 -30.99 -50.96 4.77
C ALA C 272 -31.09 -50.22 6.12
N ALA C 273 -31.75 -50.84 7.08
CA ALA C 273 -32.05 -50.16 8.34
C ALA C 273 -30.87 -49.38 8.92
N PRO C 274 -29.80 -50.09 9.14
CA PRO C 274 -28.60 -49.49 9.71
C PRO C 274 -28.03 -48.41 8.83
N LEU C 275 -28.43 -48.33 7.57
CA LEU C 275 -27.89 -47.31 6.68
C LEU C 275 -28.89 -46.19 6.40
N ALA C 276 -30.04 -46.26 7.04
CA ALA C 276 -31.14 -45.32 6.72
C ALA C 276 -30.81 -43.83 6.80
N LYS C 277 -29.84 -43.46 7.63
CA LYS C 277 -29.52 -42.06 7.76
C LYS C 277 -28.90 -41.52 6.49
N ASN C 278 -28.45 -42.38 5.61
CA ASN C 278 -27.88 -41.85 4.36
C ASN C 278 -28.46 -42.41 3.09
N GLY C 279 -28.06 -41.79 2.01
CA GLY C 279 -28.53 -42.12 0.69
C GLY C 279 -28.34 -43.55 0.28
N TYR C 280 -27.27 -44.18 0.74
CA TYR C 280 -27.05 -45.58 0.37
C TYR C 280 -28.25 -46.41 0.85
N GLY C 281 -28.57 -46.28 2.12
CA GLY C 281 -29.71 -46.99 2.67
C GLY C 281 -30.99 -46.49 2.05
N GLN C 282 -31.06 -45.20 1.84
CA GLN C 282 -32.25 -44.65 1.23
C GLN C 282 -32.39 -45.37 -0.10
N TYR C 283 -31.25 -45.61 -0.77
CA TYR C 283 -31.27 -46.20 -2.11
C TYR C 283 -31.80 -47.61 -1.93
N LEU C 284 -31.26 -48.32 -0.96
CA LEU C 284 -31.66 -49.70 -0.81
C LEU C 284 -33.12 -49.82 -0.57
N LYS C 285 -33.66 -48.88 0.19
CA LYS C 285 -35.08 -48.93 0.51
C LYS C 285 -35.90 -48.68 -0.72
N ARG C 286 -35.51 -47.71 -1.52
CA ARG C 286 -36.31 -47.39 -2.67
C ARG C 286 -36.38 -48.58 -3.62
N LEU C 287 -35.36 -49.39 -3.60
CA LEU C 287 -35.35 -50.54 -4.46
C LEU C 287 -36.46 -51.53 -4.19
N LEU C 288 -37.03 -51.54 -3.01
CA LEU C 288 -38.09 -52.49 -2.70
C LEU C 288 -39.43 -52.07 -3.25
N THR C 289 -39.53 -50.83 -3.69
CA THR C 289 -40.78 -50.31 -4.21
C THR C 289 -40.70 -49.76 -5.61
N GLU C 290 -39.71 -50.13 -6.37
CA GLU C 290 -39.68 -49.62 -7.74
C GLU C 290 -39.17 -50.76 -8.58
N THR C 291 -39.81 -50.94 -9.71
CA THR C 291 -39.34 -51.92 -10.64
C THR C 291 -38.26 -51.22 -11.43
N VAL C 292 -37.12 -51.86 -11.59
CA VAL C 292 -36.06 -51.31 -12.41
C VAL C 292 -35.69 -52.30 -13.49
N TYR C 293 -36.00 -51.99 -14.71
CA TYR C 293 -35.79 -52.98 -15.74
C TYR C 293 -34.33 -53.11 -16.06
N LYS D 2 3.60 -17.91 21.92
CA LYS D 2 3.47 -19.32 21.45
C LYS D 2 2.00 -19.74 21.40
N ARG D 3 1.55 -20.03 20.21
CA ARG D 3 0.29 -20.60 20.04
C ARG D 3 0.34 -22.05 19.77
N LYS D 4 -0.60 -22.76 20.33
CA LYS D 4 -0.68 -24.18 20.07
C LYS D 4 -1.84 -24.46 19.15
N GLY D 5 -1.81 -25.61 18.50
CA GLY D 5 -2.85 -25.93 17.54
C GLY D 5 -3.60 -27.21 17.78
N ILE D 6 -4.84 -27.22 17.33
CA ILE D 6 -5.70 -28.37 17.45
C ILE D 6 -6.38 -28.67 16.12
N ILE D 7 -6.34 -29.94 15.72
CA ILE D 7 -7.05 -30.35 14.54
C ILE D 7 -8.11 -31.23 15.13
N LEU D 8 -9.34 -30.87 14.85
CA LEU D 8 -10.43 -31.69 15.28
C LEU D 8 -10.77 -32.53 14.10
N ALA D 9 -10.50 -33.82 14.17
CA ALA D 9 -10.70 -34.66 13.03
C ALA D 9 -11.57 -35.78 13.39
N GLY D 10 -12.52 -35.54 14.27
CA GLY D 10 -13.29 -36.67 14.69
C GLY D 10 -14.44 -36.81 13.71
N GLY D 11 -15.59 -37.11 14.28
CA GLY D 11 -16.85 -37.09 13.55
C GLY D 11 -17.45 -38.33 12.95
N SER D 12 -18.78 -38.26 13.03
CA SER D 12 -19.78 -39.21 12.53
C SER D 12 -19.58 -39.64 11.08
N GLY D 13 -19.46 -40.96 10.90
CA GLY D 13 -19.28 -41.56 9.59
C GLY D 13 -20.53 -41.61 8.70
N THR D 14 -21.69 -41.98 9.29
CA THR D 14 -22.91 -42.34 8.50
C THR D 14 -22.98 -41.67 7.10
N ARG D 15 -23.06 -40.34 7.02
CA ARG D 15 -23.18 -39.64 5.71
C ARG D 15 -22.34 -40.35 4.63
N LEU D 16 -21.06 -40.58 4.92
CA LEU D 16 -20.13 -41.19 3.96
C LEU D 16 -20.36 -42.69 3.79
N HIS D 17 -20.70 -43.42 4.85
CA HIS D 17 -20.97 -44.84 4.63
C HIS D 17 -21.62 -45.06 3.29
N PRO D 18 -21.29 -46.17 2.66
CA PRO D 18 -20.31 -47.13 3.15
C PRO D 18 -18.87 -46.93 2.67
N ALA D 19 -18.60 -45.82 2.00
CA ALA D 19 -17.26 -45.50 1.53
C ALA D 19 -16.29 -45.47 2.72
N THR D 20 -16.71 -44.80 3.80
CA THR D 20 -15.92 -44.69 5.02
C THR D 20 -16.20 -45.88 5.96
N LEU D 21 -16.67 -46.97 5.39
CA LEU D 21 -16.86 -48.18 6.14
C LEU D 21 -15.52 -48.73 6.48
N ALA D 22 -14.55 -48.34 5.68
CA ALA D 22 -13.21 -48.86 5.87
C ALA D 22 -12.19 -47.78 6.35
N ILE D 23 -12.58 -46.51 6.40
CA ILE D 23 -11.73 -45.51 7.00
C ILE D 23 -12.36 -44.22 7.45
N SER D 24 -11.85 -43.58 8.50
CA SER D 24 -12.35 -42.25 8.80
C SER D 24 -12.10 -41.31 7.59
N LYS D 25 -13.04 -40.41 7.43
CA LYS D 25 -13.05 -39.38 6.44
C LYS D 25 -11.76 -38.62 6.28
N GLN D 26 -11.12 -38.32 7.40
CA GLN D 26 -9.88 -37.54 7.32
C GLN D 26 -8.67 -38.35 6.87
N LEU D 27 -8.85 -39.65 6.61
CA LEU D 27 -7.77 -40.43 6.02
C LEU D 27 -7.94 -40.65 4.55
N LEU D 28 -9.13 -40.35 4.02
CA LEU D 28 -9.29 -40.48 2.56
C LEU D 28 -8.41 -39.45 1.88
N PRO D 29 -7.94 -39.77 0.70
CA PRO D 29 -7.11 -38.84 -0.04
C PRO D 29 -7.90 -37.74 -0.67
N VAL D 30 -7.22 -36.62 -0.81
CA VAL D 30 -7.71 -35.59 -1.65
C VAL D 30 -6.67 -35.53 -2.71
N TYR D 31 -6.99 -36.17 -3.82
CA TYR D 31 -6.14 -36.26 -5.00
C TYR D 31 -4.96 -37.10 -4.73
N ASP D 32 -3.97 -36.57 -4.05
CA ASP D 32 -2.76 -37.38 -3.94
C ASP D 32 -2.14 -37.49 -2.59
N LYS D 33 -2.83 -37.03 -1.56
CA LYS D 33 -2.31 -37.14 -0.23
C LYS D 33 -3.49 -37.15 0.71
N PRO D 34 -3.32 -37.63 1.92
CA PRO D 34 -4.45 -37.73 2.84
C PRO D 34 -5.01 -36.39 3.27
N MSE D 35 -6.35 -36.39 3.49
CA MSE D 35 -7.09 -35.20 3.81
C MSE D 35 -6.42 -34.44 4.90
O MSE D 35 -6.18 -33.26 4.76
CB MSE D 35 -8.48 -35.52 4.22
CG MSE D 35 -9.33 -34.24 4.19
SE MSE D 35 -11.05 -34.47 4.86
CE MSE D 35 -11.61 -35.72 3.77
N ILE D 36 -6.04 -35.14 5.94
CA ILE D 36 -5.54 -34.42 7.10
C ILE D 36 -4.29 -33.63 6.85
N TYR D 37 -3.60 -33.87 5.76
CA TYR D 37 -2.41 -33.11 5.50
C TYR D 37 -2.76 -31.64 5.26
N TYR D 38 -3.94 -31.39 4.75
CA TYR D 38 -4.30 -30.00 4.36
C TYR D 38 -4.35 -29.05 5.58
N PRO D 39 -5.24 -29.35 6.51
CA PRO D 39 -5.40 -28.55 7.72
C PRO D 39 -4.14 -28.55 8.56
N LEU D 40 -3.47 -29.70 8.55
CA LEU D 40 -2.18 -29.78 9.17
C LEU D 40 -1.23 -28.79 8.55
N SER D 41 -1.19 -28.78 7.25
CA SER D 41 -0.29 -27.84 6.64
C SER D 41 -0.78 -26.38 6.82
N THR D 42 -2.07 -26.19 7.09
CA THR D 42 -2.55 -24.85 7.38
C THR D 42 -1.98 -24.31 8.71
N LEU D 43 -2.14 -25.08 9.77
CA LEU D 43 -1.50 -24.67 11.03
C LEU D 43 0.00 -24.44 10.81
N MSE D 44 0.65 -25.31 10.03
CA MSE D 44 2.08 -25.17 9.85
C MSE D 44 2.33 -23.78 9.23
O MSE D 44 3.16 -23.01 9.71
CB MSE D 44 2.65 -26.33 9.01
CG MSE D 44 2.80 -27.66 9.75
SE MSE D 44 3.05 -29.16 8.67
CE MSE D 44 4.54 -28.83 8.32
N LEU D 45 1.59 -23.42 8.20
CA LEU D 45 1.85 -22.11 7.62
C LEU D 45 1.54 -21.00 8.58
N ALA D 46 0.78 -21.27 9.63
CA ALA D 46 0.60 -20.19 10.60
C ALA D 46 1.74 -20.12 11.56
N GLY D 47 2.74 -20.95 11.38
CA GLY D 47 3.84 -20.91 12.30
C GLY D 47 3.62 -21.78 13.50
N ILE D 48 2.61 -22.61 13.52
CA ILE D 48 2.41 -23.46 14.68
C ILE D 48 3.07 -24.81 14.57
N ARG D 49 3.90 -25.19 15.55
CA ARG D 49 4.60 -26.47 15.52
C ARG D 49 4.10 -27.51 16.46
N GLU D 50 3.36 -27.12 17.48
CA GLU D 50 2.94 -28.05 18.49
C GLU D 50 1.43 -28.21 18.38
N ILE D 51 1.00 -29.42 18.05
CA ILE D 51 -0.36 -29.61 17.62
C ILE D 51 -0.94 -30.85 18.17
N LEU D 52 -2.16 -30.75 18.66
CA LEU D 52 -2.88 -31.89 19.18
C LEU D 52 -3.98 -32.33 18.22
N ILE D 53 -4.07 -33.63 18.00
CA ILE D 53 -5.00 -34.16 17.02
C ILE D 53 -6.04 -34.94 17.74
N ILE D 54 -7.27 -34.54 17.54
CA ILE D 54 -8.38 -35.16 18.23
C ILE D 54 -9.22 -35.98 17.32
N SER D 55 -9.43 -37.22 17.66
CA SER D 55 -10.23 -38.05 16.80
C SER D 55 -11.04 -39.11 17.54
N THR D 56 -11.72 -39.96 16.78
CA THR D 56 -12.52 -40.97 17.41
C THR D 56 -11.53 -42.00 17.86
N PRO D 57 -12.00 -42.81 18.78
CA PRO D 57 -11.21 -43.85 19.41
C PRO D 57 -10.70 -44.80 18.38
N GLN D 58 -11.58 -45.12 17.46
CA GLN D 58 -11.18 -46.05 16.42
C GLN D 58 -10.20 -45.36 15.48
N ASP D 59 -10.32 -44.06 15.25
CA ASP D 59 -9.42 -43.42 14.29
C ASP D 59 -8.05 -42.90 14.79
N THR D 60 -7.94 -42.55 16.06
CA THR D 60 -6.66 -42.11 16.63
C THR D 60 -5.45 -42.96 16.27
N PRO D 61 -5.46 -44.24 16.62
CA PRO D 61 -4.31 -45.09 16.31
C PRO D 61 -3.87 -44.95 14.87
N ARG D 62 -4.81 -44.68 13.98
CA ARG D 62 -4.45 -44.63 12.56
C ARG D 62 -3.74 -43.38 12.21
N PHE D 63 -4.28 -42.30 12.72
CA PHE D 63 -3.64 -41.05 12.54
C PHE D 63 -2.23 -41.18 13.07
N GLN D 64 -2.15 -41.83 14.23
CA GLN D 64 -0.90 -42.03 14.90
C GLN D 64 0.01 -42.86 14.08
N GLN D 65 -0.52 -43.92 13.48
CA GLN D 65 0.25 -44.76 12.58
C GLN D 65 0.77 -44.02 11.36
N LEU D 66 0.08 -42.95 10.99
CA LEU D 66 0.45 -42.17 9.84
C LEU D 66 1.38 -40.96 10.11
N LEU D 67 1.16 -40.23 11.20
CA LEU D 67 1.98 -39.02 11.46
C LEU D 67 3.08 -39.16 12.47
N GLY D 68 2.96 -40.17 13.32
CA GLY D 68 3.95 -40.33 14.35
C GLY D 68 3.85 -39.20 15.32
N ASP D 69 4.96 -38.83 15.92
CA ASP D 69 4.97 -37.80 16.92
C ASP D 69 5.31 -36.49 16.25
N GLY D 70 5.62 -36.53 14.97
CA GLY D 70 5.97 -35.32 14.24
C GLY D 70 7.42 -34.89 14.19
N SER D 71 8.25 -35.56 14.95
CA SER D 71 9.65 -35.18 14.97
C SER D 71 10.28 -35.25 13.60
N ASN D 72 9.86 -36.17 12.73
CA ASN D 72 10.43 -36.20 11.40
C ASN D 72 10.12 -34.94 10.61
N TRP D 73 9.04 -34.25 10.92
CA TRP D 73 8.76 -33.02 10.21
C TRP D 73 9.08 -31.79 11.03
N GLY D 74 9.78 -31.95 12.15
CA GLY D 74 10.04 -30.82 13.02
C GLY D 74 8.82 -30.34 13.79
N LEU D 75 7.83 -31.20 13.90
CA LEU D 75 6.68 -30.84 14.70
C LEU D 75 6.66 -31.59 15.96
N ASP D 76 5.72 -31.24 16.82
CA ASP D 76 5.49 -32.00 18.00
C ASP D 76 4.04 -32.33 18.01
N LEU D 77 3.71 -33.55 17.68
CA LEU D 77 2.33 -33.94 17.63
C LEU D 77 1.87 -34.77 18.76
N GLN D 78 0.66 -34.50 19.20
CA GLN D 78 0.03 -35.29 20.23
C GLN D 78 -1.36 -35.63 19.90
N TYR D 79 -1.90 -36.60 20.61
CA TYR D 79 -3.21 -37.10 20.27
C TYR D 79 -4.17 -37.18 21.44
N ALA D 80 -5.45 -37.24 21.13
CA ALA D 80 -6.45 -37.29 22.17
C ALA D 80 -7.69 -37.77 21.50
N VAL D 81 -8.66 -38.15 22.29
CA VAL D 81 -9.85 -38.78 21.77
C VAL D 81 -11.14 -38.15 22.11
N GLN D 82 -12.05 -38.09 21.13
CA GLN D 82 -13.37 -37.54 21.34
C GLN D 82 -14.37 -38.71 21.26
N PRO D 83 -14.64 -39.32 22.39
CA PRO D 83 -15.56 -40.45 22.47
C PRO D 83 -16.84 -40.29 21.68
N SER D 84 -17.38 -39.08 21.69
CA SER D 84 -18.65 -38.85 21.01
C SER D 84 -18.81 -37.41 20.53
N PRO D 85 -19.39 -37.25 19.34
CA PRO D 85 -19.44 -35.95 18.65
C PRO D 85 -20.42 -34.93 19.26
N ASP D 86 -20.03 -34.29 20.35
CA ASP D 86 -20.91 -33.39 21.10
C ASP D 86 -20.65 -31.91 20.89
N GLY D 87 -19.98 -31.58 19.78
CA GLY D 87 -19.69 -30.20 19.43
C GLY D 87 -18.20 -29.95 19.30
N LEU D 88 -17.81 -29.20 18.29
CA LEU D 88 -16.42 -28.81 18.16
C LEU D 88 -15.95 -28.16 19.44
N ALA D 89 -16.83 -27.47 20.14
CA ALA D 89 -16.34 -26.72 21.29
C ALA D 89 -15.72 -27.62 22.34
N GLN D 90 -16.13 -28.88 22.36
CA GLN D 90 -15.55 -29.82 23.29
C GLN D 90 -14.05 -29.89 23.10
N ALA D 91 -13.62 -29.56 21.90
CA ALA D 91 -12.18 -29.62 21.65
C ALA D 91 -11.45 -28.90 22.75
N PHE D 92 -12.01 -27.80 23.23
CA PHE D 92 -11.28 -27.02 24.23
C PHE D 92 -11.26 -27.66 25.58
N LEU D 93 -12.23 -28.52 25.84
CA LEU D 93 -12.26 -29.24 27.10
C LEU D 93 -11.35 -30.41 27.01
N ILE D 94 -11.55 -31.22 25.99
CA ILE D 94 -10.65 -32.31 25.80
C ILE D 94 -9.22 -31.79 25.74
N GLY D 95 -8.98 -30.58 25.22
CA GLY D 95 -7.62 -30.07 25.03
C GLY D 95 -7.13 -29.05 26.03
N GLU D 96 -7.88 -28.94 27.10
CA GLU D 96 -7.56 -28.03 28.17
C GLU D 96 -6.16 -28.18 28.72
N SER D 97 -5.73 -29.40 28.98
CA SER D 97 -4.42 -29.49 29.57
C SER D 97 -3.30 -29.34 28.57
N PHE D 98 -3.52 -29.71 27.32
CA PHE D 98 -2.55 -29.50 26.26
C PHE D 98 -2.37 -28.04 26.00
N ILE D 99 -3.42 -27.27 26.21
CA ILE D 99 -3.32 -25.83 25.92
C ILE D 99 -2.63 -25.06 27.01
N GLY D 100 -2.90 -25.48 28.24
CA GLY D 100 -2.30 -24.81 29.34
C GLY D 100 -2.63 -23.34 29.29
N ASN D 101 -1.65 -22.52 29.58
CA ASN D 101 -1.90 -21.12 29.64
C ASN D 101 -1.48 -20.36 28.37
N ASP D 102 -1.40 -21.06 27.26
CA ASP D 102 -1.00 -20.46 26.01
C ASP D 102 -2.12 -20.04 25.06
N LEU D 103 -1.74 -19.31 24.03
CA LEU D 103 -2.64 -18.98 22.93
C LEU D 103 -2.92 -20.25 22.10
N SER D 104 -3.97 -20.23 21.31
CA SER D 104 -4.26 -21.45 20.54
C SER D 104 -4.95 -21.15 19.25
N ALA D 105 -5.20 -22.23 18.51
CA ALA D 105 -5.85 -22.20 17.23
C ALA D 105 -6.42 -23.59 17.00
N LEU D 106 -7.58 -23.58 16.38
CA LEU D 106 -8.36 -24.77 16.10
C LEU D 106 -8.72 -24.82 14.60
N VAL D 107 -8.43 -25.95 13.97
CA VAL D 107 -8.82 -26.11 12.60
C VAL D 107 -9.49 -27.46 12.38
N LEU D 108 -10.54 -27.48 11.57
CA LEU D 108 -11.35 -28.67 11.38
C LEU D 108 -10.72 -29.47 10.30
N GLY D 109 -10.73 -30.78 10.49
CA GLY D 109 -10.05 -31.66 9.58
C GLY D 109 -10.52 -31.80 8.15
N ASP D 110 -11.67 -31.24 7.81
CA ASP D 110 -12.13 -31.37 6.44
C ASP D 110 -12.26 -30.00 5.75
N ASN D 111 -11.49 -29.06 6.25
CA ASN D 111 -11.47 -27.77 5.64
C ASN D 111 -10.22 -27.70 4.87
N LEU D 112 -10.28 -27.10 3.70
CA LEU D 112 -9.15 -27.09 2.82
C LEU D 112 -8.98 -25.67 2.27
N TYR D 113 -7.82 -25.05 2.46
CA TYR D 113 -7.60 -23.67 2.09
C TYR D 113 -6.49 -23.48 1.02
N TYR D 114 -6.72 -22.62 0.01
CA TYR D 114 -5.72 -22.36 -1.06
C TYR D 114 -5.77 -20.89 -1.50
N GLY D 115 -4.58 -20.34 -1.76
CA GLY D 115 -4.47 -18.95 -2.15
C GLY D 115 -3.25 -18.17 -1.82
N HIS D 116 -2.98 -17.18 -2.65
CA HIS D 116 -1.86 -16.27 -2.53
C HIS D 116 -1.84 -15.52 -1.23
N ASP D 117 -0.64 -15.51 -0.64
CA ASP D 117 -0.39 -14.84 0.63
C ASP D 117 -1.15 -15.42 1.77
N PHE D 118 -1.67 -16.60 1.58
CA PHE D 118 -2.38 -17.23 2.68
C PHE D 118 -1.59 -17.11 3.97
N HIS D 119 -0.24 -17.07 3.91
CA HIS D 119 0.47 -16.96 5.21
C HIS D 119 0.62 -15.64 5.79
N GLU D 120 0.37 -14.62 5.07
CA GLU D 120 0.40 -13.34 5.66
C GLU D 120 -0.92 -13.21 6.35
N LEU D 121 -1.99 -13.68 5.67
CA LEU D 121 -3.34 -13.67 6.22
C LEU D 121 -3.42 -14.42 7.53
N LEU D 122 -2.83 -15.60 7.56
CA LEU D 122 -2.79 -16.37 8.77
C LEU D 122 -2.03 -15.55 9.79
N GLY D 123 -0.91 -15.00 9.35
CA GLY D 123 0.01 -14.30 10.22
C GLY D 123 -0.64 -13.17 10.99
N SER D 124 -1.48 -12.40 10.35
CA SER D 124 -2.10 -11.33 11.09
C SER D 124 -2.78 -11.89 12.29
N ALA D 125 -3.62 -12.90 12.11
CA ALA D 125 -4.34 -13.43 13.24
C ALA D 125 -3.42 -14.07 14.28
N SER D 126 -2.43 -14.82 13.83
CA SER D 126 -1.66 -15.61 14.76
C SER D 126 -0.93 -14.73 15.71
N GLN D 127 -0.57 -13.57 15.19
CA GLN D 127 0.31 -12.73 15.97
C GLN D 127 -0.47 -11.90 16.95
N ARG D 128 -1.79 -11.93 16.85
CA ARG D 128 -2.55 -11.19 17.86
C ARG D 128 -2.52 -11.93 19.14
N GLN D 129 -2.51 -11.21 20.22
CA GLN D 129 -2.34 -11.87 21.50
C GLN D 129 -3.51 -11.65 22.44
N THR D 130 -4.58 -11.07 21.96
CA THR D 130 -5.74 -10.98 22.80
C THR D 130 -7.02 -11.01 22.02
N GLY D 131 -8.05 -11.57 22.59
CA GLY D 131 -9.27 -11.72 21.82
C GLY D 131 -9.18 -12.92 20.89
N ALA D 132 -10.14 -13.05 19.98
CA ALA D 132 -10.16 -14.15 19.05
C ALA D 132 -10.26 -13.61 17.61
N SER D 133 -9.76 -14.36 16.66
CA SER D 133 -9.98 -14.01 15.25
C SER D 133 -10.62 -15.18 14.50
N VAL D 134 -11.51 -14.90 13.55
CA VAL D 134 -12.11 -15.89 12.68
C VAL D 134 -12.16 -15.32 11.26
N PHE D 135 -12.50 -16.13 10.27
CA PHE D 135 -12.49 -15.63 8.90
C PHE D 135 -13.85 -15.79 8.28
N ALA D 136 -14.13 -14.99 7.26
CA ALA D 136 -15.45 -15.02 6.69
C ALA D 136 -15.30 -15.06 5.21
N TYR D 137 -16.12 -15.89 4.61
CA TYR D 137 -15.99 -16.21 3.20
C TYR D 137 -17.33 -16.30 2.55
N HIS D 138 -17.56 -15.49 1.52
CA HIS D 138 -18.85 -15.45 0.84
C HIS D 138 -19.10 -16.80 0.26
N VAL D 139 -20.27 -17.36 0.47
CA VAL D 139 -20.61 -18.66 -0.14
C VAL D 139 -22.04 -18.73 -0.62
N LEU D 140 -22.34 -19.73 -1.43
CA LEU D 140 -23.66 -19.86 -2.00
C LEU D 140 -24.72 -20.34 -1.00
N ASP D 141 -24.36 -21.16 -0.03
CA ASP D 141 -25.35 -21.73 0.87
C ASP D 141 -24.99 -21.55 2.32
N PRO D 142 -25.07 -20.33 2.77
CA PRO D 142 -24.65 -19.99 4.11
C PRO D 142 -25.36 -20.82 5.15
N GLU D 143 -26.61 -21.18 4.86
CA GLU D 143 -27.46 -21.92 5.78
C GLU D 143 -26.75 -23.11 6.39
N ARG D 144 -25.77 -23.66 5.68
CA ARG D 144 -25.04 -24.84 6.10
C ARG D 144 -23.97 -24.52 7.13
N TYR D 145 -23.72 -23.24 7.35
CA TYR D 145 -22.62 -22.83 8.23
C TYR D 145 -22.97 -21.86 9.36
N GLY D 146 -21.97 -21.59 10.20
CA GLY D 146 -22.05 -20.46 11.09
C GLY D 146 -22.06 -19.21 10.22
N VAL D 147 -23.00 -18.29 10.40
CA VAL D 147 -23.10 -17.13 9.52
C VAL D 147 -22.85 -15.86 10.30
N VAL D 148 -22.11 -14.90 9.75
CA VAL D 148 -21.80 -13.68 10.44
C VAL D 148 -22.31 -12.51 9.62
N GLU D 149 -22.88 -11.52 10.31
CA GLU D 149 -23.51 -10.38 9.65
C GLU D 149 -22.70 -9.16 9.89
N PHE D 150 -22.60 -8.28 8.92
CA PHE D 150 -21.82 -7.05 9.10
C PHE D 150 -22.75 -5.85 9.05
N ASP D 151 -22.26 -4.71 9.50
CA ASP D 151 -23.05 -3.52 9.33
C ASP D 151 -22.47 -2.80 8.12
N GLN D 152 -23.04 -1.63 7.83
CA GLN D 152 -22.59 -0.79 6.72
C GLN D 152 -21.17 -0.37 6.93
N GLY D 153 -20.64 -0.57 8.10
CA GLY D 153 -19.30 -0.10 8.29
C GLY D 153 -18.32 -1.23 8.25
N GLY D 154 -18.77 -2.38 7.77
CA GLY D 154 -17.89 -3.54 7.69
C GLY D 154 -17.60 -4.22 9.01
N LYS D 155 -18.30 -3.82 10.07
CA LYS D 155 -18.10 -4.35 11.39
C LYS D 155 -19.01 -5.56 11.62
N ALA D 156 -18.50 -6.61 12.24
CA ALA D 156 -19.38 -7.72 12.60
C ALA D 156 -20.38 -7.38 13.73
N ILE D 157 -21.64 -7.75 13.54
CA ILE D 157 -22.66 -7.53 14.57
C ILE D 157 -23.45 -8.75 15.01
N SER D 158 -23.32 -9.89 14.33
CA SER D 158 -23.90 -11.11 14.86
C SER D 158 -23.41 -12.38 14.21
N LEU D 159 -23.57 -13.46 14.94
CA LEU D 159 -23.29 -14.78 14.43
C LEU D 159 -24.48 -15.70 14.68
N GLU D 160 -24.95 -16.46 13.68
CA GLU D 160 -25.96 -17.51 13.90
C GLU D 160 -25.48 -18.80 13.28
N GLU D 161 -25.69 -19.90 13.96
CA GLU D 161 -25.27 -21.19 13.43
C GLU D 161 -26.39 -21.77 12.61
N LYS D 162 -26.07 -22.16 11.38
CA LYS D 162 -27.04 -22.85 10.53
C LYS D 162 -28.44 -22.26 10.58
N PRO D 163 -28.57 -21.00 10.33
CA PRO D 163 -29.88 -20.39 10.29
C PRO D 163 -30.72 -20.74 9.10
N LEU D 164 -32.05 -20.83 9.31
CA LEU D 164 -32.99 -21.00 8.20
C LEU D 164 -33.06 -19.79 7.33
N GLU D 165 -32.88 -18.62 7.93
CA GLU D 165 -32.79 -17.37 7.19
C GLU D 165 -31.50 -16.56 7.45
N PRO D 166 -30.44 -16.87 6.73
CA PRO D 166 -29.16 -16.18 6.91
C PRO D 166 -29.29 -14.73 6.72
N LYS D 167 -28.60 -13.96 7.53
CA LYS D 167 -28.62 -12.54 7.33
C LYS D 167 -27.55 -12.12 6.37
N SER D 168 -26.70 -13.02 5.90
CA SER D 168 -25.79 -12.61 4.85
C SER D 168 -25.39 -13.81 4.15
N ASN D 169 -24.48 -13.61 3.20
CA ASN D 169 -23.85 -14.75 2.54
C ASN D 169 -22.45 -15.05 3.04
N TYR D 170 -22.06 -14.50 4.17
CA TYR D 170 -20.73 -14.81 4.67
C TYR D 170 -20.68 -15.91 5.71
N ALA D 171 -19.92 -16.95 5.41
CA ALA D 171 -19.81 -18.05 6.35
C ALA D 171 -18.51 -17.89 7.12
N VAL D 172 -18.48 -18.41 8.33
CA VAL D 172 -17.28 -18.36 9.10
C VAL D 172 -16.60 -19.71 8.91
N THR D 173 -15.43 -19.75 8.34
CA THR D 173 -14.82 -21.05 8.10
C THR D 173 -14.35 -21.79 9.32
N GLY D 174 -13.80 -22.97 9.12
CA GLY D 174 -13.36 -23.79 10.25
C GLY D 174 -11.94 -23.69 10.75
N LEU D 175 -11.46 -22.46 10.79
CA LEU D 175 -10.15 -22.14 11.26
C LEU D 175 -10.32 -21.05 12.35
N TYR D 176 -9.97 -21.30 13.60
CA TYR D 176 -10.18 -20.27 14.60
C TYR D 176 -8.93 -19.98 15.45
N PHE D 177 -8.65 -18.70 15.75
CA PHE D 177 -7.57 -18.31 16.67
C PHE D 177 -8.10 -17.75 18.03
N TYR D 178 -7.63 -18.29 19.15
CA TYR D 178 -8.07 -17.84 20.47
C TYR D 178 -6.92 -17.46 21.41
N ASP D 179 -7.24 -16.60 22.38
CA ASP D 179 -6.31 -16.21 23.43
C ASP D 179 -6.56 -17.10 24.63
N GLN D 180 -6.17 -16.69 25.82
CA GLN D 180 -6.33 -17.57 26.97
C GLN D 180 -7.72 -17.66 27.56
N GLN D 181 -8.68 -16.87 27.12
CA GLN D 181 -9.99 -16.98 27.72
C GLN D 181 -10.86 -18.12 27.18
N VAL D 182 -10.38 -18.89 26.20
CA VAL D 182 -11.29 -19.82 25.50
C VAL D 182 -11.72 -20.99 26.37
N VAL D 183 -10.76 -21.61 27.02
CA VAL D 183 -11.07 -22.75 27.83
C VAL D 183 -12.21 -22.39 28.78
N ASP D 184 -12.06 -21.29 29.49
CA ASP D 184 -13.08 -20.97 30.48
C ASP D 184 -14.38 -20.71 29.79
N ILE D 185 -14.33 -19.94 28.73
CA ILE D 185 -15.57 -19.75 28.03
C ILE D 185 -16.20 -21.07 27.67
N ALA D 186 -15.39 -21.97 27.18
CA ALA D 186 -15.96 -23.21 26.77
C ALA D 186 -16.58 -23.90 27.95
N ARG D 187 -15.94 -23.79 29.13
CA ARG D 187 -16.44 -24.44 30.35
C ARG D 187 -17.84 -24.06 30.77
N ASP D 188 -18.30 -22.87 30.43
CA ASP D 188 -19.69 -22.50 30.70
C ASP D 188 -20.71 -22.72 29.59
N LEU D 189 -20.36 -23.41 28.52
CA LEU D 189 -21.38 -23.59 27.52
C LEU D 189 -22.39 -24.67 27.87
N LYS D 190 -23.57 -24.52 27.32
CA LYS D 190 -24.59 -25.52 27.48
C LYS D 190 -24.93 -25.98 26.12
N PRO D 191 -25.15 -27.26 26.05
CA PRO D 191 -25.39 -27.90 24.78
C PRO D 191 -26.51 -27.18 24.09
N SER D 192 -26.40 -27.11 22.78
CA SER D 192 -27.39 -26.43 21.99
C SER D 192 -28.56 -27.37 21.97
N PRO D 193 -29.63 -26.94 21.33
CA PRO D 193 -30.78 -27.81 21.19
C PRO D 193 -30.25 -28.96 20.41
N ARG D 194 -29.68 -28.66 19.24
CA ARG D 194 -29.07 -29.70 18.41
C ARG D 194 -28.27 -30.66 19.31
N GLY D 195 -28.12 -30.27 20.57
CA GLY D 195 -27.36 -31.04 21.52
C GLY D 195 -25.87 -31.08 21.24
N GLU D 196 -25.25 -29.92 21.02
CA GLU D 196 -23.80 -29.90 20.85
C GLU D 196 -23.24 -28.67 21.55
N LEU D 197 -21.95 -28.69 21.85
CA LEU D 197 -21.30 -27.48 22.34
C LEU D 197 -20.67 -26.77 21.18
N GLU D 198 -21.29 -25.67 20.77
CA GLU D 198 -20.97 -24.97 19.58
C GLU D 198 -19.88 -23.95 19.60
N ILE D 199 -18.98 -24.09 18.63
CA ILE D 199 -17.94 -23.12 18.43
C ILE D 199 -18.57 -21.78 18.11
N THR D 200 -19.74 -21.80 17.50
CA THR D 200 -20.37 -20.54 17.26
C THR D 200 -20.61 -19.80 18.58
N ASP D 201 -21.04 -20.52 19.62
CA ASP D 201 -21.31 -19.91 20.91
C ASP D 201 -20.05 -19.37 21.53
N VAL D 202 -18.95 -20.10 21.34
CA VAL D 202 -17.72 -19.58 21.83
C VAL D 202 -17.42 -18.26 21.14
N ASN D 203 -17.59 -18.23 19.82
CA ASN D 203 -17.24 -17.04 19.07
C ASN D 203 -18.09 -15.88 19.47
N ARG D 204 -19.35 -16.15 19.70
CA ARG D 204 -20.30 -15.15 20.08
C ARG D 204 -19.90 -14.56 21.41
N ALA D 205 -19.33 -15.39 22.26
CA ALA D 205 -18.97 -14.91 23.56
C ALA D 205 -17.95 -13.81 23.36
N TYR D 206 -16.96 -14.05 22.54
CA TYR D 206 -15.98 -13.05 22.34
C TYR D 206 -16.60 -11.82 21.72
N LEU D 207 -17.61 -12.05 20.90
CA LEU D 207 -18.27 -10.96 20.21
C LEU D 207 -18.94 -10.05 21.23
N GLU D 208 -19.73 -10.64 22.13
CA GLU D 208 -20.44 -9.90 23.15
C GLU D 208 -19.52 -9.06 24.04
N ARG D 209 -18.23 -9.39 24.02
CA ARG D 209 -17.25 -8.60 24.76
C ARG D 209 -16.45 -7.62 23.96
N GLY D 210 -16.72 -7.52 22.69
CA GLY D 210 -15.99 -6.56 21.92
C GLY D 210 -14.62 -7.09 21.62
N GLN D 211 -14.43 -8.41 21.66
CA GLN D 211 -13.14 -8.96 21.36
C GLN D 211 -13.07 -9.99 20.26
N LEU D 212 -13.98 -9.96 19.28
CA LEU D 212 -13.93 -10.94 18.19
C LEU D 212 -13.43 -10.19 17.00
N SER D 213 -12.43 -10.70 16.38
CA SER D 213 -11.97 -10.07 15.20
C SER D 213 -12.43 -10.96 14.00
N VAL D 214 -13.01 -10.33 13.01
CA VAL D 214 -13.50 -11.09 11.86
C VAL D 214 -12.89 -10.60 10.55
N GLU D 215 -11.87 -11.27 10.03
CA GLU D 215 -11.27 -10.81 8.79
C GLU D 215 -11.89 -11.46 7.58
N ILE D 216 -12.05 -10.68 6.55
CA ILE D 216 -12.54 -11.25 5.32
C ILE D 216 -11.54 -12.08 4.54
N MSE D 217 -11.94 -13.29 4.12
CA MSE D 217 -11.16 -14.10 3.21
C MSE D 217 -11.83 -13.89 1.85
O MSE D 217 -12.94 -14.33 1.57
CB MSE D 217 -11.19 -15.52 3.66
CG MSE D 217 -10.47 -16.45 2.79
SE MSE D 217 -10.76 -18.28 3.45
CE MSE D 217 -9.76 -18.09 4.54
N GLY D 218 -11.16 -13.12 1.00
CA GLY D 218 -11.70 -12.77 -0.28
C GLY D 218 -11.94 -13.88 -1.24
N ARG D 219 -12.64 -13.54 -2.31
CA ARG D 219 -13.07 -14.53 -3.27
C ARG D 219 -11.87 -15.05 -4.07
N GLY D 220 -10.71 -14.41 -3.90
CA GLY D 220 -9.47 -14.89 -4.48
C GLY D 220 -8.86 -16.09 -3.79
N TYR D 221 -9.38 -16.43 -2.63
CA TYR D 221 -8.98 -17.67 -1.99
C TYR D 221 -10.02 -18.71 -2.24
N ALA D 222 -9.64 -19.95 -1.97
CA ALA D 222 -10.50 -21.08 -2.16
C ALA D 222 -10.61 -21.76 -0.86
N TRP D 223 -11.83 -21.89 -0.41
CA TRP D 223 -12.13 -22.59 0.81
C TRP D 223 -13.13 -23.65 0.41
N LEU D 224 -12.72 -24.89 0.55
CA LEU D 224 -13.56 -26.02 0.19
C LEU D 224 -13.72 -26.94 1.35
N ASP D 225 -14.88 -27.55 1.50
CA ASP D 225 -14.96 -28.55 2.56
C ASP D 225 -15.17 -29.91 1.91
N THR D 226 -14.53 -30.93 2.45
CA THR D 226 -14.56 -32.20 1.80
C THR D 226 -15.47 -33.14 2.50
N GLY D 227 -16.67 -32.70 2.82
CA GLY D 227 -17.51 -33.50 3.67
C GLY D 227 -18.46 -34.47 2.99
N THR D 228 -18.77 -34.22 1.72
CA THR D 228 -19.62 -35.12 0.97
C THR D 228 -18.88 -35.78 -0.19
N HIS D 229 -19.41 -36.88 -0.71
CA HIS D 229 -18.79 -37.55 -1.84
C HIS D 229 -18.51 -36.57 -2.97
N ASP D 230 -19.48 -35.72 -3.29
CA ASP D 230 -19.26 -34.78 -4.34
C ASP D 230 -18.18 -33.82 -4.03
N SER D 231 -18.24 -33.20 -2.87
CA SER D 231 -17.29 -32.15 -2.58
C SER D 231 -15.88 -32.75 -2.56
N LEU D 232 -15.81 -33.99 -2.14
CA LEU D 232 -14.52 -34.64 -1.99
C LEU D 232 -13.90 -34.75 -3.37
N LEU D 233 -14.76 -35.13 -4.27
CA LEU D 233 -14.39 -35.23 -5.63
C LEU D 233 -14.04 -33.90 -6.26
N GLU D 234 -14.76 -32.86 -5.91
CA GLU D 234 -14.50 -31.62 -6.56
C GLU D 234 -13.14 -31.11 -6.07
N ALA D 235 -12.84 -31.38 -4.82
CA ALA D 235 -11.64 -30.83 -4.21
C ALA D 235 -10.45 -31.55 -4.82
N GLY D 236 -10.61 -32.87 -4.93
CA GLY D 236 -9.64 -33.73 -5.58
C GLY D 236 -9.27 -33.29 -6.97
N GLN D 237 -10.28 -32.85 -7.74
CA GLN D 237 -10.02 -32.37 -9.08
C GLN D 237 -9.39 -31.00 -9.04
N PHE D 238 -9.71 -30.22 -7.99
CA PHE D 238 -9.22 -28.83 -7.87
C PHE D 238 -7.73 -28.86 -7.63
N ILE D 239 -7.30 -29.68 -6.68
CA ILE D 239 -5.89 -29.80 -6.40
C ILE D 239 -5.19 -30.35 -7.65
N ALA D 240 -5.73 -31.39 -8.24
CA ALA D 240 -5.02 -32.00 -9.34
C ALA D 240 -4.84 -31.01 -10.45
N THR D 241 -5.83 -30.15 -10.66
CA THR D 241 -5.60 -29.15 -11.70
C THR D 241 -4.42 -28.28 -11.31
N LEU D 242 -4.37 -27.81 -10.09
CA LEU D 242 -3.29 -26.96 -9.75
C LEU D 242 -1.97 -27.68 -9.79
N GLU D 243 -1.92 -28.83 -9.13
CA GLU D 243 -0.64 -29.52 -9.05
C GLU D 243 -0.04 -29.87 -10.43
N ASN D 244 -0.88 -30.39 -11.31
CA ASN D 244 -0.36 -30.76 -12.61
C ASN D 244 0.09 -29.60 -13.44
N ARG D 245 -0.46 -28.43 -13.17
CA ARG D 245 -0.10 -27.30 -13.97
C ARG D 245 1.17 -26.70 -13.50
N GLN D 246 1.43 -26.80 -12.20
CA GLN D 246 2.56 -26.07 -11.59
C GLN D 246 3.80 -26.92 -11.42
N GLY D 247 3.63 -28.23 -11.41
CA GLY D 247 4.72 -29.08 -10.99
C GLY D 247 5.05 -28.85 -9.51
N LEU D 248 4.13 -28.29 -8.72
CA LEU D 248 4.34 -28.09 -7.29
C LEU D 248 3.22 -28.73 -6.56
N LYS D 249 3.38 -28.99 -5.26
CA LYS D 249 2.31 -29.66 -4.53
C LYS D 249 1.58 -28.69 -3.63
N VAL D 250 0.31 -28.90 -3.34
CA VAL D 250 -0.33 -28.06 -2.35
C VAL D 250 -0.35 -28.82 -1.04
N ALA D 251 -0.03 -28.15 0.05
CA ALA D 251 -0.09 -28.77 1.36
C ALA D 251 0.77 -30.02 1.54
N CYS D 252 2.02 -29.93 1.15
CA CYS D 252 2.94 -31.01 1.40
C CYS D 252 3.79 -30.61 2.60
N PRO D 253 3.53 -31.23 3.72
CA PRO D 253 4.16 -30.91 4.99
C PRO D 253 5.66 -30.92 5.00
N GLU D 254 6.24 -31.90 4.34
CA GLU D 254 7.68 -31.92 4.30
C GLU D 254 8.26 -30.63 3.73
N GLU D 255 7.65 -30.16 2.65
CA GLU D 255 8.16 -29.01 1.94
C GLU D 255 8.05 -27.79 2.82
N ILE D 256 6.97 -27.72 3.56
CA ILE D 256 6.72 -26.54 4.34
C ILE D 256 7.70 -26.51 5.49
N ALA D 257 7.87 -27.67 6.12
CA ALA D 257 8.88 -27.78 7.18
C ALA D 257 10.21 -27.36 6.65
N TYR D 258 10.53 -27.85 5.45
CA TYR D 258 11.81 -27.54 4.89
C TYR D 258 11.91 -26.04 4.69
N ARG D 259 10.84 -25.42 4.22
CA ARG D 259 10.94 -23.96 3.98
C ARG D 259 10.98 -23.10 5.22
N GLN D 260 10.46 -23.62 6.33
CA GLN D 260 10.48 -22.87 7.56
C GLN D 260 11.74 -23.16 8.32
N LYS D 261 12.61 -23.94 7.73
CA LYS D 261 13.85 -24.35 8.41
C LYS D 261 13.54 -25.15 9.65
N TRP D 262 12.43 -25.87 9.69
CA TRP D 262 12.19 -26.72 10.86
C TRP D 262 12.89 -28.06 10.67
N ILE D 263 13.37 -28.34 9.47
CA ILE D 263 14.12 -29.55 9.21
C ILE D 263 15.05 -29.06 8.16
N ASP D 264 16.16 -29.76 7.96
CA ASP D 264 17.20 -29.29 7.02
C ASP D 264 17.32 -30.18 5.82
N ALA D 265 18.20 -29.78 4.91
CA ALA D 265 18.38 -30.53 3.67
C ALA D 265 18.62 -32.03 3.91
N ALA D 266 19.36 -32.34 4.95
CA ALA D 266 19.65 -33.73 5.23
C ALA D 266 18.37 -34.47 5.64
N GLN D 267 17.56 -33.85 6.50
CA GLN D 267 16.40 -34.54 7.02
C GLN D 267 15.48 -34.77 5.84
N LEU D 268 15.38 -33.74 5.04
CA LEU D 268 14.54 -33.82 3.89
C LEU D 268 14.95 -35.00 2.99
N GLU D 269 16.25 -35.23 2.82
CA GLU D 269 16.69 -36.33 1.98
C GLU D 269 16.32 -37.67 2.58
N LYS D 270 16.49 -37.78 3.87
CA LYS D 270 16.05 -38.98 4.57
C LYS D 270 14.56 -39.22 4.29
N LEU D 271 13.74 -38.17 4.36
CA LEU D 271 12.30 -38.33 4.18
C LEU D 271 11.94 -38.85 2.81
N ALA D 272 12.70 -38.43 1.83
CA ALA D 272 12.45 -38.82 0.46
C ALA D 272 12.85 -40.25 0.15
N ALA D 273 13.93 -40.74 0.73
CA ALA D 273 14.46 -42.04 0.34
C ALA D 273 13.38 -43.10 0.23
N PRO D 274 12.67 -43.31 1.31
CA PRO D 274 11.66 -44.35 1.36
C PRO D 274 10.53 -44.10 0.42
N LEU D 275 10.42 -42.92 -0.13
CA LEU D 275 9.36 -42.65 -1.09
C LEU D 275 9.88 -42.57 -2.55
N ALA D 276 11.16 -42.85 -2.77
CA ALA D 276 11.74 -42.61 -4.09
C ALA D 276 11.06 -43.31 -5.29
N LYS D 277 10.43 -44.43 -5.04
CA LYS D 277 9.84 -45.18 -6.13
C LYS D 277 8.67 -44.43 -6.72
N ASN D 278 8.23 -43.37 -6.04
CA ASN D 278 7.13 -42.60 -6.61
C ASN D 278 7.36 -41.12 -6.67
N GLY D 279 6.42 -40.49 -7.35
CA GLY D 279 6.45 -39.06 -7.53
C GLY D 279 6.58 -38.25 -6.27
N TYR D 280 5.87 -38.63 -5.23
CA TYR D 280 5.96 -37.86 -4.01
C TYR D 280 7.43 -37.69 -3.62
N GLY D 281 8.11 -38.80 -3.45
CA GLY D 281 9.52 -38.75 -3.09
C GLY D 281 10.30 -38.03 -4.17
N GLN D 282 9.97 -38.33 -5.43
CA GLN D 282 10.67 -37.67 -6.53
C GLN D 282 10.48 -36.16 -6.33
N TYR D 283 9.28 -35.73 -5.97
CA TYR D 283 9.01 -34.30 -5.69
C TYR D 283 9.90 -33.81 -4.56
N LEU D 284 9.91 -34.52 -3.46
CA LEU D 284 10.72 -34.09 -2.35
C LEU D 284 12.16 -33.94 -2.77
N LYS D 285 12.65 -34.85 -3.60
CA LYS D 285 14.06 -34.77 -4.00
C LYS D 285 14.32 -33.58 -4.84
N ARG D 286 13.43 -33.33 -5.78
CA ARG D 286 13.62 -32.20 -6.64
C ARG D 286 13.69 -30.88 -5.84
N LEU D 287 13.07 -30.88 -4.66
CA LEU D 287 12.99 -29.66 -3.87
C LEU D 287 14.32 -29.23 -3.34
N LEU D 288 15.24 -30.18 -3.20
CA LEU D 288 16.57 -29.84 -2.72
C LEU D 288 17.46 -29.14 -3.73
N THR D 289 17.07 -29.17 -5.01
CA THR D 289 17.86 -28.58 -6.07
C THR D 289 17.13 -27.55 -6.88
N GLU D 290 16.05 -27.00 -6.38
CA GLU D 290 15.40 -25.98 -7.19
C GLU D 290 14.97 -24.93 -6.22
N THR D 291 15.26 -23.69 -6.55
CA THR D 291 14.73 -22.62 -5.78
C THR D 291 13.30 -22.40 -6.22
N VAL D 292 12.38 -22.33 -5.28
CA VAL D 292 11.01 -22.04 -5.60
C VAL D 292 10.57 -20.79 -4.83
N TYR D 293 10.24 -19.73 -5.53
CA TYR D 293 9.95 -18.47 -4.90
C TYR D 293 8.60 -18.46 -4.31
N LYS E 2 26.07 23.83 -25.88
CA LYS E 2 25.53 25.13 -25.37
C LYS E 2 24.11 24.88 -24.92
N ARG E 3 23.86 25.17 -23.65
CA ARG E 3 22.54 25.16 -23.14
C ARG E 3 22.06 26.52 -22.80
N LYS E 4 20.79 26.76 -23.08
CA LYS E 4 20.21 28.03 -22.72
C LYS E 4 19.31 27.87 -21.56
N GLY E 5 19.08 28.95 -20.84
CA GLY E 5 18.27 28.89 -19.65
C GLY E 5 17.01 29.73 -19.69
N ILE E 6 16.04 29.30 -18.89
CA ILE E 6 14.78 30.00 -18.72
C ILE E 6 14.44 30.09 -17.24
N ILE E 7 14.07 31.27 -16.77
CA ILE E 7 13.56 31.43 -15.43
C ILE E 7 12.11 31.78 -15.64
N LEU E 8 11.26 31.02 -15.01
CA LEU E 8 9.85 31.25 -15.14
C LEU E 8 9.55 31.97 -13.88
N ALA E 9 9.19 33.23 -13.98
CA ALA E 9 8.94 34.04 -12.80
C ALA E 9 7.65 34.77 -12.91
N GLY E 10 6.65 34.15 -13.49
CA GLY E 10 5.36 34.78 -13.65
C GLY E 10 4.70 34.57 -12.29
N GLY E 11 3.35 34.51 -12.19
CA GLY E 11 2.72 34.16 -10.90
C GLY E 11 1.31 34.54 -10.45
N SER E 12 0.45 33.49 -10.35
CA SER E 12 -0.98 33.52 -9.94
C SER E 12 -1.43 34.78 -9.23
N GLY E 13 -0.65 35.20 -8.22
CA GLY E 13 -0.88 36.46 -7.51
C GLY E 13 -1.62 36.39 -6.19
N THR E 14 -2.96 36.33 -6.25
CA THR E 14 -3.81 36.39 -5.04
C THR E 14 -3.11 35.88 -3.73
N ARG E 15 -2.52 34.67 -3.77
CA ARG E 15 -1.82 34.01 -2.62
C ARG E 15 -1.17 34.98 -1.55
N LEU E 16 -0.17 35.78 -1.92
CA LEU E 16 0.54 36.66 -0.94
C LEU E 16 -0.02 38.10 -0.77
N HIS E 17 -1.33 38.31 -0.75
CA HIS E 17 -1.81 39.67 -0.46
C HIS E 17 -1.84 40.11 1.01
N PRO E 18 -1.95 41.42 1.22
CA PRO E 18 -1.74 42.42 0.18
C PRO E 18 -0.24 42.65 -0.04
N ALA E 19 0.57 41.78 0.54
CA ALA E 19 2.00 41.88 0.40
C ALA E 19 2.37 42.23 -1.05
N THR E 20 2.10 41.29 -1.98
CA THR E 20 2.46 41.46 -3.39
C THR E 20 1.48 42.37 -4.09
N LEU E 21 0.77 43.17 -3.33
CA LEU E 21 -0.09 44.10 -4.01
C LEU E 21 0.80 45.04 -4.81
N ALA E 22 1.88 45.51 -4.18
CA ALA E 22 2.68 46.54 -4.79
C ALA E 22 3.84 46.00 -5.63
N ILE E 23 4.03 44.67 -5.68
CA ILE E 23 5.16 44.03 -6.38
C ILE E 23 5.06 42.56 -6.64
N SER E 24 5.58 42.06 -7.77
CA SER E 24 5.60 40.61 -7.96
C SER E 24 6.49 39.95 -6.91
N LYS E 25 6.11 38.72 -6.57
CA LYS E 25 6.77 37.85 -5.63
C LYS E 25 8.25 37.77 -5.87
N GLN E 26 8.63 37.59 -7.12
CA GLN E 26 10.03 37.41 -7.43
C GLN E 26 10.86 38.68 -7.33
N LEU E 27 10.25 39.78 -6.90
CA LEU E 27 11.02 40.99 -6.61
C LEU E 27 11.20 41.18 -5.11
N LEU E 28 10.39 40.51 -4.32
CA LEU E 28 10.58 40.73 -2.90
C LEU E 28 11.98 40.24 -2.58
N PRO E 29 12.56 40.75 -1.52
CA PRO E 29 13.88 40.29 -1.07
C PRO E 29 13.84 39.03 -0.26
N VAL E 30 14.89 38.23 -0.37
CA VAL E 30 15.08 37.17 0.54
C VAL E 30 16.30 37.61 1.30
N TYR E 31 16.07 38.04 2.54
CA TYR E 31 17.08 38.63 3.41
C TYR E 31 17.70 39.86 2.82
N ASP E 32 18.61 39.72 1.88
CA ASP E 32 19.31 40.92 1.47
C ASP E 32 19.44 41.18 0.00
N LYS E 33 18.84 40.36 -0.82
CA LYS E 33 18.82 40.67 -2.25
C LYS E 33 17.53 40.15 -2.84
N PRO E 34 17.16 40.55 -4.03
CA PRO E 34 15.88 40.11 -4.57
C PRO E 34 15.85 38.64 -4.89
N MSE E 35 14.67 38.05 -4.73
CA MSE E 35 14.42 36.64 -4.91
C MSE E 35 15.02 36.15 -6.17
O MSE E 35 15.70 35.14 -6.17
CB MSE E 35 12.93 36.35 -4.97
CG MSE E 35 12.67 34.86 -4.76
SE MSE E 35 10.87 34.39 -4.95
CE MSE E 35 10.22 35.26 -3.61
N ILE E 36 14.83 36.89 -7.23
CA ILE E 36 15.21 36.34 -8.50
C ILE E 36 16.70 36.09 -8.58
N TYR E 37 17.47 36.77 -7.78
CA TYR E 37 18.89 36.53 -7.83
C TYR E 37 19.27 35.06 -7.60
N TYR E 38 18.49 34.36 -6.78
CA TYR E 38 18.83 32.97 -6.38
C TYR E 38 18.82 31.99 -7.58
N PRO E 39 17.69 31.86 -8.22
CA PRO E 39 17.58 30.99 -9.35
C PRO E 39 18.45 31.45 -10.46
N LEU E 40 18.62 32.75 -10.56
CA LEU E 40 19.47 33.29 -11.61
C LEU E 40 20.87 32.80 -11.33
N SER E 41 21.26 32.94 -10.09
CA SER E 41 22.59 32.52 -9.79
C SER E 41 22.74 31.00 -10.00
N THR E 42 21.63 30.26 -9.88
CA THR E 42 21.68 28.82 -10.04
C THR E 42 22.05 28.46 -11.46
N LEU E 43 21.32 28.99 -12.43
CA LEU E 43 21.69 28.82 -13.81
C LEU E 43 23.15 29.25 -14.03
N MSE E 44 23.52 30.37 -13.42
CA MSE E 44 24.90 30.81 -13.63
C MSE E 44 25.89 29.72 -13.15
O MSE E 44 26.81 29.31 -13.86
CB MSE E 44 25.17 32.13 -12.94
CG MSE E 44 24.54 33.34 -13.66
SE MSE E 44 24.43 34.86 -12.46
CE MSE E 44 25.99 35.34 -12.71
N LEU E 45 25.67 29.19 -11.96
CA LEU E 45 26.53 28.11 -11.54
C LEU E 45 26.47 26.95 -12.48
N ALA E 46 25.39 26.74 -13.20
CA ALA E 46 25.40 25.63 -14.15
C ALA E 46 26.14 25.98 -15.39
N GLY E 47 26.80 27.11 -15.45
CA GLY E 47 27.48 27.41 -16.69
C GLY E 47 26.64 28.03 -17.75
N ILE E 48 25.43 28.41 -17.43
CA ILE E 48 24.61 29.02 -18.43
C ILE E 48 24.68 30.54 -18.45
N ARG E 49 24.95 31.15 -19.61
CA ARG E 49 25.06 32.62 -19.72
C ARG E 49 23.97 33.29 -20.45
N GLU E 50 23.25 32.55 -21.27
CA GLU E 50 22.20 33.15 -22.06
C GLU E 50 20.86 32.68 -21.55
N ILE E 51 20.08 33.60 -21.01
CA ILE E 51 18.90 33.26 -20.26
C ILE E 51 17.73 34.11 -20.62
N LEU E 52 16.56 33.48 -20.69
CA LEU E 52 15.35 34.18 -20.99
C LEU E 52 14.54 34.22 -19.74
N ILE E 53 13.95 35.39 -19.44
CA ILE E 53 13.15 35.55 -18.23
C ILE E 53 11.71 35.80 -18.59
N ILE E 54 10.83 34.97 -18.07
CA ILE E 54 9.43 35.02 -18.44
C ILE E 54 8.61 35.46 -17.29
N SER E 55 7.83 36.50 -17.51
CA SER E 55 7.03 36.97 -16.43
C SER E 55 5.69 37.53 -16.86
N THR E 56 4.98 38.14 -15.92
CA THR E 56 3.67 38.66 -16.27
C THR E 56 3.98 39.94 -16.96
N PRO E 57 2.99 40.43 -17.67
CA PRO E 57 3.10 41.66 -18.45
C PRO E 57 3.43 42.79 -17.54
N GLN E 58 2.74 42.83 -16.43
CA GLN E 58 2.96 43.93 -15.54
C GLN E 58 4.37 43.80 -14.97
N ASP E 59 4.88 42.59 -14.77
CA ASP E 59 6.16 42.44 -14.07
C ASP E 59 7.45 42.50 -14.92
N THR E 60 7.34 42.13 -16.18
CA THR E 60 8.48 42.18 -17.07
C THR E 60 9.30 43.49 -17.10
N PRO E 61 8.66 44.61 -17.36
CA PRO E 61 9.40 45.86 -17.33
C PRO E 61 10.20 45.97 -16.08
N ARG E 62 9.73 45.43 -14.97
CA ARG E 62 10.45 45.68 -13.74
C ARG E 62 11.68 44.85 -13.72
N PHE E 63 11.51 43.60 -14.11
CA PHE E 63 12.61 42.70 -14.10
C PHE E 63 13.67 43.30 -14.96
N GLN E 64 13.20 43.77 -16.10
CA GLN E 64 14.02 44.49 -17.02
C GLN E 64 14.65 45.74 -16.49
N GLN E 65 13.95 46.49 -15.65
CA GLN E 65 14.50 47.67 -15.05
C GLN E 65 15.65 47.25 -14.14
N LEU E 66 15.58 46.03 -13.60
CA LEU E 66 16.50 45.58 -12.56
C LEU E 66 17.74 44.86 -13.08
N LEU E 67 17.57 44.07 -14.13
CA LEU E 67 18.69 43.24 -14.62
C LEU E 67 19.26 43.70 -15.91
N GLY E 68 18.47 44.47 -16.64
CA GLY E 68 18.99 44.98 -17.88
C GLY E 68 19.15 43.83 -18.84
N ASP E 69 20.08 43.98 -19.76
CA ASP E 69 20.34 42.95 -20.72
C ASP E 69 21.40 42.00 -20.22
N GLY E 70 21.91 42.23 -19.00
CA GLY E 70 22.94 41.38 -18.45
C GLY E 70 24.40 41.60 -18.81
N SER E 71 24.65 42.52 -19.72
CA SER E 71 26.02 42.70 -20.21
C SER E 71 26.92 43.13 -19.08
N ASN E 72 26.36 43.80 -18.08
CA ASN E 72 27.20 44.15 -16.95
C ASN E 72 27.57 42.97 -16.11
N TRP E 73 26.90 41.84 -16.23
CA TRP E 73 27.35 40.67 -15.50
C TRP E 73 27.97 39.58 -16.41
N GLY E 74 28.20 39.93 -17.67
CA GLY E 74 28.66 38.94 -18.64
C GLY E 74 27.57 37.99 -19.13
N LEU E 75 26.33 38.37 -18.93
CA LEU E 75 25.27 37.50 -19.36
C LEU E 75 24.62 38.09 -20.54
N ASP E 76 23.67 37.35 -21.09
CA ASP E 76 22.89 37.83 -22.20
C ASP E 76 21.43 37.56 -21.85
N LEU E 77 20.80 38.54 -21.27
CA LEU E 77 19.45 38.34 -20.83
C LEU E 77 18.35 38.81 -21.77
N GLN E 78 17.31 38.01 -21.89
CA GLN E 78 16.18 38.40 -22.70
C GLN E 78 14.89 38.15 -22.02
N TYR E 79 13.84 38.76 -22.54
CA TYR E 79 12.59 38.73 -21.80
C TYR E 79 11.43 38.32 -22.65
N ALA E 80 10.39 37.84 -22.00
CA ALA E 80 9.20 37.42 -22.69
C ALA E 80 8.11 37.39 -21.67
N VAL E 81 6.89 37.34 -22.16
CA VAL E 81 5.72 37.44 -21.31
C VAL E 81 4.79 36.28 -21.28
N GLN E 82 4.25 36.03 -20.09
CA GLN E 82 3.30 34.95 -19.95
C GLN E 82 2.00 35.62 -19.56
N PRO E 83 1.17 35.91 -20.55
CA PRO E 83 -0.12 36.55 -20.31
C PRO E 83 -0.90 35.91 -19.18
N SER E 84 -0.96 34.60 -19.17
CA SER E 84 -1.77 33.92 -18.17
C SER E 84 -1.25 32.56 -17.73
N PRO E 85 -1.33 32.32 -16.43
CA PRO E 85 -0.80 31.13 -15.76
C PRO E 85 -1.33 29.78 -16.20
N ASP E 86 -1.16 29.47 -17.47
CA ASP E 86 -1.55 28.19 -18.03
C ASP E 86 -0.56 26.99 -17.96
N GLY E 87 0.35 26.97 -16.97
CA GLY E 87 1.29 25.86 -16.71
C GLY E 87 2.73 26.19 -16.98
N LEU E 88 3.65 25.71 -16.17
CA LEU E 88 5.06 25.94 -16.43
C LEU E 88 5.44 25.49 -17.82
N ALA E 89 4.81 24.42 -18.28
CA ALA E 89 5.20 23.86 -19.57
C ALA E 89 5.05 24.86 -20.71
N GLN E 90 4.11 25.77 -20.59
CA GLN E 90 4.04 26.81 -21.58
C GLN E 90 5.41 27.45 -21.80
N ALA E 91 6.21 27.54 -20.76
CA ALA E 91 7.47 28.22 -20.93
C ALA E 91 8.11 27.77 -22.21
N PHE E 92 8.02 26.51 -22.54
CA PHE E 92 8.73 26.05 -23.69
C PHE E 92 8.16 26.56 -24.94
N LEU E 93 6.87 26.88 -24.91
CA LEU E 93 6.24 27.34 -26.10
C LEU E 93 6.62 28.77 -26.19
N ILE E 94 6.32 29.50 -25.12
CA ILE E 94 6.67 30.89 -25.13
C ILE E 94 8.12 31.03 -25.53
N GLY E 95 8.97 30.05 -25.21
CA GLY E 95 10.41 30.20 -25.41
C GLY E 95 10.97 29.46 -26.60
N GLU E 96 10.06 28.92 -27.38
CA GLU E 96 10.44 28.09 -28.48
C GLU E 96 11.48 28.72 -29.40
N SER E 97 11.29 29.97 -29.73
CA SER E 97 12.24 30.56 -30.68
C SER E 97 13.55 30.92 -30.00
N PHE E 98 13.50 31.33 -28.73
CA PHE E 98 14.73 31.61 -27.98
C PHE E 98 15.56 30.37 -27.76
N ILE E 99 14.93 29.21 -27.74
CA ILE E 99 15.69 27.97 -27.58
C ILE E 99 16.34 27.52 -28.86
N GLY E 100 15.59 27.70 -29.95
CA GLY E 100 16.03 27.20 -31.23
C GLY E 100 16.37 25.74 -31.17
N ASN E 101 17.47 25.38 -31.77
CA ASN E 101 17.86 23.99 -31.78
C ASN E 101 18.91 23.67 -30.73
N ASP E 102 18.90 24.40 -29.61
CA ASP E 102 19.82 24.11 -28.51
C ASP E 102 19.26 23.30 -27.32
N LEU E 103 20.18 22.83 -26.48
CA LEU E 103 19.84 22.23 -25.19
C LEU E 103 19.29 23.33 -24.28
N SER E 104 18.57 22.96 -23.23
CA SER E 104 18.05 23.98 -22.32
C SER E 104 17.91 23.52 -20.90
N ALA E 105 17.43 24.47 -20.09
CA ALA E 105 17.25 24.30 -18.68
C ALA E 105 16.26 25.33 -18.25
N LEU E 106 15.44 24.94 -17.28
CA LEU E 106 14.35 25.75 -16.78
C LEU E 106 14.40 25.75 -15.29
N VAL E 107 14.35 26.94 -14.73
CA VAL E 107 14.28 27.00 -13.30
C VAL E 107 13.21 28.00 -12.84
N LEU E 108 12.43 27.60 -11.84
CA LEU E 108 11.33 28.41 -11.33
C LEU E 108 11.87 29.47 -10.43
N GLY E 109 11.28 30.65 -10.52
CA GLY E 109 11.73 31.80 -9.77
C GLY E 109 11.65 31.79 -8.26
N ASP E 110 10.96 30.86 -7.66
CA ASP E 110 10.86 30.90 -6.22
C ASP E 110 11.49 29.68 -5.61
N ASN E 111 12.43 29.13 -6.35
CA ASN E 111 13.17 28.01 -5.85
C ASN E 111 14.53 28.51 -5.41
N LEU E 112 14.95 28.07 -4.25
CA LEU E 112 16.19 28.54 -3.69
C LEU E 112 17.07 27.37 -3.24
N TYR E 113 18.27 27.27 -3.76
CA TYR E 113 19.14 26.11 -3.56
C TYR E 113 20.46 26.48 -2.84
N TYR E 114 20.88 25.70 -1.84
CA TYR E 114 22.14 25.91 -1.12
C TYR E 114 22.82 24.60 -0.75
N GLY E 115 24.15 24.57 -0.82
CA GLY E 115 24.90 23.37 -0.54
C GLY E 115 26.23 23.16 -1.22
N HIS E 116 27.05 22.35 -0.57
CA HIS E 116 28.37 22.04 -1.01
C HIS E 116 28.36 21.32 -2.34
N ASP E 117 29.22 21.78 -3.25
CA ASP E 117 29.45 21.15 -4.56
C ASP E 117 28.27 21.26 -5.46
N PHE E 118 27.35 22.11 -5.09
CA PHE E 118 26.19 22.31 -5.90
C PHE E 118 26.59 22.40 -7.35
N HIS E 119 27.76 22.91 -7.63
CA HIS E 119 27.99 22.97 -9.06
C HIS E 119 28.44 21.74 -9.72
N GLU E 120 29.12 20.89 -9.03
CA GLU E 120 29.41 19.64 -9.64
C GLU E 120 28.08 18.93 -9.96
N LEU E 121 27.20 18.88 -8.96
CA LEU E 121 25.86 18.33 -9.13
C LEU E 121 25.15 18.92 -10.35
N LEU E 122 25.17 20.25 -10.46
CA LEU E 122 24.57 20.90 -11.62
C LEU E 122 25.26 20.39 -12.85
N GLY E 123 26.58 20.37 -12.78
CA GLY E 123 27.43 20.01 -13.91
C GLY E 123 27.16 18.66 -14.51
N SER E 124 26.83 17.72 -13.68
CA SER E 124 26.57 16.42 -14.27
C SER E 124 25.42 16.55 -15.23
N ALA E 125 24.31 17.13 -14.77
CA ALA E 125 23.18 17.26 -15.66
C ALA E 125 23.49 18.15 -16.84
N SER E 126 24.12 19.28 -16.61
CA SER E 126 24.28 20.22 -17.72
C SER E 126 25.03 19.63 -18.85
N GLN E 127 25.90 18.71 -18.52
CA GLN E 127 26.81 18.26 -19.52
C GLN E 127 26.23 17.08 -20.23
N ARG E 128 25.00 16.74 -19.94
CA ARG E 128 24.42 15.60 -20.68
C ARG E 128 23.72 16.10 -21.89
N GLN E 129 23.86 15.38 -22.98
CA GLN E 129 23.41 15.96 -24.22
C GLN E 129 22.26 15.19 -24.83
N THR E 130 21.55 14.46 -24.02
CA THR E 130 20.42 13.75 -24.57
C THR E 130 19.48 13.24 -23.52
N GLY E 131 18.19 13.31 -23.74
CA GLY E 131 17.27 13.05 -22.65
C GLY E 131 17.09 14.23 -21.75
N ALA E 132 16.55 14.00 -20.55
CA ALA E 132 16.29 15.05 -19.57
C ALA E 132 16.82 14.65 -18.18
N SER E 133 17.17 15.62 -17.36
CA SER E 133 17.50 15.32 -15.97
C SER E 133 16.71 16.18 -15.01
N VAL E 134 16.25 15.60 -13.92
CA VAL E 134 15.62 16.34 -12.84
C VAL E 134 16.23 15.91 -11.50
N PHE E 135 15.78 16.52 -10.43
CA PHE E 135 16.37 16.21 -9.16
C PHE E 135 15.30 15.87 -8.20
N ALA E 136 15.63 15.02 -7.24
CA ALA E 136 14.61 14.64 -6.26
C ALA E 136 15.09 14.86 -4.84
N TYR E 137 14.18 15.35 -4.04
CA TYR E 137 14.54 15.78 -2.71
C TYR E 137 13.50 15.31 -1.72
N HIS E 138 13.92 14.57 -0.73
CA HIS E 138 13.02 14.10 0.31
C HIS E 138 12.41 15.27 1.01
N VAL E 139 11.12 15.23 1.21
CA VAL E 139 10.46 16.37 1.90
C VAL E 139 9.37 15.85 2.82
N LEU E 140 8.92 16.69 3.73
CA LEU E 140 7.81 16.36 4.60
C LEU E 140 6.42 16.33 3.96
N ASP E 141 6.14 17.14 2.94
CA ASP E 141 4.81 17.20 2.34
C ASP E 141 4.84 17.06 0.83
N PRO E 142 5.10 15.85 0.39
CA PRO E 142 5.23 15.58 -1.04
C PRO E 142 3.98 15.94 -1.80
N GLU E 143 2.82 15.84 -1.12
CA GLU E 143 1.54 16.14 -1.74
C GLU E 143 1.52 17.47 -2.45
N ARG E 144 2.38 18.41 -2.03
CA ARG E 144 2.44 19.76 -2.62
C ARG E 144 3.27 19.83 -3.90
N TYR E 145 3.97 18.77 -4.23
CA TYR E 145 4.79 18.76 -5.43
C TYR E 145 4.59 17.65 -6.45
N GLY E 146 5.29 17.77 -7.57
CA GLY E 146 5.45 16.62 -8.42
C GLY E 146 6.22 15.58 -7.59
N VAL E 147 5.77 14.34 -7.60
CA VAL E 147 6.36 13.31 -6.76
C VAL E 147 6.92 12.20 -7.63
N VAL E 148 8.10 11.67 -7.31
CA VAL E 148 8.67 10.59 -8.12
C VAL E 148 8.90 9.38 -7.27
N GLU E 149 8.59 8.20 -7.82
CA GLU E 149 8.69 6.95 -7.09
C GLU E 149 9.88 6.18 -7.58
N PHE E 150 10.53 5.42 -6.70
CA PHE E 150 11.68 4.61 -7.13
C PHE E 150 11.39 3.16 -6.84
N ASP E 151 12.07 2.28 -7.52
CA ASP E 151 11.95 0.89 -7.15
C ASP E 151 13.10 0.57 -6.21
N GLN E 152 13.14 -0.67 -5.74
CA GLN E 152 14.19 -1.14 -4.87
C GLN E 152 15.55 -1.01 -5.49
N GLY E 153 15.64 -0.76 -6.77
CA GLY E 153 16.94 -0.67 -7.36
C GLY E 153 17.34 0.76 -7.53
N GLY E 154 16.55 1.68 -6.98
CA GLY E 154 16.85 3.11 -7.08
C GLY E 154 16.50 3.75 -8.38
N LYS E 155 15.74 3.03 -9.19
CA LYS E 155 15.35 3.50 -10.48
C LYS E 155 14.00 4.20 -10.43
N ALA E 156 13.83 5.29 -11.17
CA ALA E 156 12.56 6.00 -11.18
C ALA E 156 11.52 5.27 -12.01
N ILE E 157 10.35 5.03 -11.40
CA ILE E 157 9.28 4.33 -12.09
C ILE E 157 7.96 5.08 -12.22
N SER E 158 7.78 6.21 -11.56
CA SER E 158 6.62 7.01 -11.86
C SER E 158 6.66 8.43 -11.34
N LEU E 159 5.83 9.27 -11.92
CA LEU E 159 5.73 10.65 -11.54
C LEU E 159 4.27 11.07 -11.44
N GLU E 160 3.84 11.62 -10.32
CA GLU E 160 2.49 12.13 -10.18
C GLU E 160 2.59 13.55 -9.66
N GLU E 161 1.84 14.45 -10.22
CA GLU E 161 1.80 15.82 -9.73
C GLU E 161 0.79 15.94 -8.59
N LYS E 162 1.20 16.59 -7.51
CA LYS E 162 0.34 16.81 -6.36
C LYS E 162 -0.66 15.71 -6.01
N PRO E 163 -0.19 14.50 -5.85
CA PRO E 163 -1.09 13.42 -5.47
C PRO E 163 -1.68 13.50 -4.07
N LEU E 164 -2.95 13.11 -3.93
CA LEU E 164 -3.54 12.91 -2.60
C LEU E 164 -2.87 11.81 -1.81
N GLU E 165 -2.34 10.78 -2.49
CA GLU E 165 -1.59 9.71 -1.82
C GLU E 165 -0.23 9.45 -2.43
N PRO E 166 0.76 10.26 -2.07
CA PRO E 166 2.08 10.16 -2.65
C PRO E 166 2.61 8.78 -2.54
N LYS E 167 3.33 8.29 -3.52
CA LYS E 167 3.96 6.99 -3.35
C LYS E 167 5.32 7.11 -2.72
N SER E 168 5.81 8.32 -2.48
CA SER E 168 7.07 8.42 -1.78
C SER E 168 7.12 9.76 -1.16
N ASN E 169 8.21 10.01 -0.46
CA ASN E 169 8.49 11.33 0.06
C ASN E 169 9.46 12.13 -0.79
N TYR E 170 9.70 11.71 -2.04
CA TYR E 170 10.63 12.46 -2.87
C TYR E 170 9.94 13.40 -3.84
N ALA E 171 10.16 14.69 -3.67
CA ALA E 171 9.59 15.66 -4.57
C ALA E 171 10.59 15.94 -5.66
N VAL E 172 10.12 16.42 -6.82
CA VAL E 172 10.98 16.76 -7.92
C VAL E 172 11.08 18.23 -7.86
N THR E 173 12.25 18.81 -7.64
CA THR E 173 12.33 20.27 -7.49
C THR E 173 12.17 21.03 -8.78
N GLY E 174 12.10 22.35 -8.68
CA GLY E 174 11.90 23.18 -9.85
C GLY E 174 13.09 23.62 -10.67
N LEU E 175 13.90 22.66 -11.06
CA LEU E 175 15.06 22.92 -11.82
C LEU E 175 15.09 21.80 -12.84
N TYR E 176 15.05 22.08 -14.12
CA TYR E 176 14.98 20.96 -15.05
C TYR E 176 15.94 21.16 -16.21
N PHE E 177 16.60 20.07 -16.65
CA PHE E 177 17.49 20.12 -17.82
C PHE E 177 16.94 19.28 -19.05
N TYR E 178 16.86 19.90 -20.22
CA TYR E 178 16.27 19.23 -21.40
C TYR E 178 17.11 19.29 -22.65
N ASP E 179 16.94 18.29 -23.51
CA ASP E 179 17.65 18.22 -24.79
C ASP E 179 16.74 18.83 -25.82
N GLN E 180 16.98 18.58 -27.08
CA GLN E 180 16.15 19.17 -28.13
C GLN E 180 14.71 18.67 -28.32
N GLN E 181 14.31 17.56 -27.70
CA GLN E 181 12.94 17.10 -27.92
C GLN E 181 11.89 17.86 -27.10
N VAL E 182 12.30 18.75 -26.20
CA VAL E 182 11.30 19.30 -25.24
C VAL E 182 10.20 20.15 -25.86
N VAL E 183 10.61 21.07 -26.72
CA VAL E 183 9.65 21.90 -27.42
C VAL E 183 8.56 21.07 -28.09
N ASP E 184 8.94 20.12 -28.94
CA ASP E 184 7.91 19.27 -29.55
C ASP E 184 7.10 18.56 -28.50
N ILE E 185 7.74 17.97 -27.51
CA ILE E 185 6.95 17.31 -26.50
C ILE E 185 5.94 18.26 -25.92
N ALA E 186 6.35 19.50 -25.74
CA ALA E 186 5.46 20.44 -25.09
C ALA E 186 4.31 20.76 -26.00
N ARG E 187 4.58 20.77 -27.31
CA ARG E 187 3.56 21.06 -28.31
C ARG E 187 2.38 20.12 -28.24
N ASP E 188 2.59 18.87 -27.85
CA ASP E 188 1.50 17.92 -27.77
C ASP E 188 0.79 17.78 -26.44
N LEU E 189 1.10 18.62 -25.49
CA LEU E 189 0.42 18.39 -24.24
C LEU E 189 -0.96 18.89 -24.28
N LYS E 190 -1.77 18.29 -23.43
CA LYS E 190 -3.08 18.85 -23.25
C LYS E 190 -3.30 19.24 -21.84
N PRO E 191 -3.99 20.34 -21.67
CA PRO E 191 -4.12 20.93 -20.37
C PRO E 191 -4.57 19.86 -19.47
N SER E 192 -4.17 20.00 -18.23
CA SER E 192 -4.56 19.07 -17.25
C SER E 192 -5.97 19.45 -16.85
N PRO E 193 -6.58 18.62 -16.04
CA PRO E 193 -7.91 18.97 -15.57
C PRO E 193 -7.68 20.32 -14.92
N ARG E 194 -6.72 20.36 -13.98
CA ARG E 194 -6.40 21.58 -13.25
C ARG E 194 -6.34 22.73 -14.29
N GLY E 195 -6.42 22.36 -15.57
CA GLY E 195 -6.31 23.29 -16.69
C GLY E 195 -4.94 23.94 -16.87
N GLU E 196 -3.86 23.17 -16.81
CA GLU E 196 -2.56 23.78 -17.03
C GLU E 196 -1.72 22.80 -17.85
N LEU E 197 -0.70 23.30 -18.53
CA LEU E 197 0.27 22.41 -19.20
C LEU E 197 1.39 22.17 -18.23
N GLU E 198 1.43 20.95 -17.72
CA GLU E 198 2.31 20.54 -16.67
C GLU E 198 3.67 20.02 -17.03
N ILE E 199 4.66 20.64 -16.39
CA ILE E 199 6.02 20.16 -16.47
C ILE E 199 6.10 18.72 -16.04
N THR E 200 5.28 18.31 -15.09
CA THR E 200 5.31 16.91 -14.79
C THR E 200 5.01 16.02 -16.01
N ASP E 201 4.06 16.42 -16.88
CA ASP E 201 3.73 15.64 -18.05
C ASP E 201 4.94 15.62 -18.97
N VAL E 202 5.62 16.74 -19.05
CA VAL E 202 6.78 16.77 -19.89
C VAL E 202 7.74 15.73 -19.41
N ASN E 203 7.90 15.67 -18.10
CA ASN E 203 8.91 14.80 -17.53
C ASN E 203 8.55 13.34 -17.67
N ARG E 204 7.28 13.09 -17.50
CA ARG E 204 6.75 11.78 -17.75
C ARG E 204 6.98 11.33 -19.18
N ALA E 205 6.91 12.25 -20.11
CA ALA E 205 7.11 11.84 -21.46
C ALA E 205 8.47 11.28 -21.60
N TYR E 206 9.47 12.02 -21.17
CA TYR E 206 10.80 11.50 -21.22
C TYR E 206 10.93 10.15 -20.52
N LEU E 207 10.20 10.02 -19.42
CA LEU E 207 10.25 8.80 -18.63
C LEU E 207 9.73 7.59 -19.39
N GLU E 208 8.59 7.77 -20.04
CA GLU E 208 7.98 6.71 -20.83
C GLU E 208 8.87 6.29 -22.01
N ARG E 209 9.87 7.11 -22.36
CA ARG E 209 10.82 6.70 -23.39
C ARG E 209 12.11 6.16 -22.86
N GLY E 210 12.29 6.15 -21.56
CA GLY E 210 13.53 5.62 -21.04
C GLY E 210 14.62 6.67 -21.08
N GLN E 211 14.19 7.93 -21.16
CA GLN E 211 15.14 9.01 -21.23
C GLN E 211 15.14 10.06 -20.12
N LEU E 212 14.52 9.78 -18.99
CA LEU E 212 14.51 10.71 -17.87
C LEU E 212 15.55 10.31 -16.89
N SER E 213 16.40 11.21 -16.57
CA SER E 213 17.39 10.91 -15.59
C SER E 213 16.98 11.64 -14.28
N VAL E 214 17.04 10.93 -13.17
CA VAL E 214 16.59 11.51 -11.94
C VAL E 214 17.65 11.36 -10.90
N GLU E 215 18.40 12.40 -10.62
CA GLU E 215 19.41 12.33 -9.60
C GLU E 215 18.88 12.74 -8.25
N ILE E 216 19.31 12.04 -7.23
CA ILE E 216 19.03 12.50 -5.87
C ILE E 216 19.76 13.73 -5.44
N MSE E 217 19.07 14.71 -4.90
CA MSE E 217 19.68 15.81 -4.19
C MSE E 217 19.49 15.44 -2.70
O MSE E 217 18.39 15.47 -2.16
CB MSE E 217 18.97 17.10 -4.58
CG MSE E 217 19.41 18.34 -3.86
SE MSE E 217 18.25 19.79 -4.17
CE MSE E 217 18.87 20.00 -5.59
N GLY E 218 20.59 15.06 -2.06
CA GLY E 218 20.65 14.68 -0.66
C GLY E 218 20.27 15.69 0.38
N ARG E 219 20.13 15.19 1.59
CA ARG E 219 19.57 15.93 2.68
C ARG E 219 20.58 16.96 3.13
N GLY E 220 21.78 16.84 2.59
CA GLY E 220 22.85 17.78 2.81
C GLY E 220 22.75 19.07 2.07
N TYR E 221 21.93 19.14 1.04
CA TYR E 221 21.53 20.40 0.43
C TYR E 221 20.24 20.91 1.01
N ALA E 222 20.02 22.20 0.78
CA ALA E 222 18.81 22.85 1.20
C ALA E 222 18.08 23.35 -0.01
N TRP E 223 16.86 22.89 -0.16
CA TRP E 223 15.99 23.33 -1.22
C TRP E 223 14.80 23.93 -0.49
N LEU E 224 14.63 25.23 -0.62
CA LEU E 224 13.47 25.92 -0.04
C LEU E 224 12.64 26.61 -1.06
N ASP E 225 11.33 26.73 -0.86
CA ASP E 225 10.59 27.50 -1.87
C ASP E 225 10.04 28.69 -1.12
N THR E 226 10.03 29.84 -1.77
CA THR E 226 9.65 31.05 -1.11
C THR E 226 8.28 31.48 -1.52
N GLY E 227 7.32 30.57 -1.49
CA GLY E 227 6.01 30.91 -2.01
C GLY E 227 5.01 31.50 -1.03
N THR E 228 5.14 31.17 0.25
CA THR E 228 4.26 31.72 1.24
C THR E 228 4.92 32.73 2.18
N HIS E 229 4.13 33.51 2.91
CA HIS E 229 4.70 34.46 3.86
C HIS E 229 5.63 33.79 4.85
N ASP E 230 5.27 32.61 5.30
CA ASP E 230 6.11 31.89 6.25
C ASP E 230 7.37 31.38 5.58
N SER E 231 7.23 30.78 4.42
CA SER E 231 8.42 30.19 3.85
C SER E 231 9.41 31.30 3.49
N LEU E 232 8.85 32.44 3.07
CA LEU E 232 9.66 33.58 2.66
C LEU E 232 10.50 34.00 3.85
N LEU E 233 9.80 34.10 4.97
CA LEU E 233 10.44 34.42 6.20
C LEU E 233 11.43 33.40 6.64
N GLU E 234 11.17 32.12 6.47
CA GLU E 234 12.16 31.18 6.96
C GLU E 234 13.43 31.23 6.14
N ALA E 235 13.23 31.43 4.85
CA ALA E 235 14.35 31.41 3.94
C ALA E 235 15.21 32.60 4.26
N GLY E 236 14.55 33.74 4.47
CA GLY E 236 15.22 34.96 4.83
C GLY E 236 16.12 34.82 6.03
N GLN E 237 15.60 34.10 7.02
CA GLN E 237 16.38 33.82 8.21
C GLN E 237 17.47 32.80 7.96
N PHE E 238 17.23 31.89 7.01
CA PHE E 238 18.23 30.84 6.69
C PHE E 238 19.45 31.46 6.03
N ILE E 239 19.23 32.30 5.02
CA ILE E 239 20.34 32.94 4.35
C ILE E 239 21.03 33.85 5.39
N ALA E 240 20.27 34.71 6.05
CA ALA E 240 20.91 35.60 7.00
C ALA E 240 21.79 34.83 7.95
N THR E 241 21.38 33.65 8.40
CA THR E 241 22.27 32.92 9.31
C THR E 241 23.58 32.56 8.66
N LEU E 242 23.50 32.10 7.42
CA LEU E 242 24.70 31.72 6.72
C LEU E 242 25.52 32.92 6.41
N GLU E 243 24.91 33.97 5.95
CA GLU E 243 25.74 35.09 5.49
C GLU E 243 26.48 35.75 6.66
N ASN E 244 25.80 35.93 7.78
CA ASN E 244 26.44 36.59 8.88
C ASN E 244 27.50 35.76 9.53
N ARG E 245 27.42 34.45 9.34
CA ARG E 245 28.42 33.64 9.97
C ARG E 245 29.66 33.53 9.14
N GLN E 246 29.52 33.68 7.83
CA GLN E 246 30.62 33.38 6.94
C GLN E 246 31.34 34.67 6.49
N GLY E 247 30.61 35.77 6.48
CA GLY E 247 31.12 36.97 5.87
C GLY E 247 31.09 36.83 4.35
N LEU E 248 30.34 35.86 3.82
CA LEU E 248 30.23 35.66 2.38
C LEU E 248 28.77 35.74 2.01
N LYS E 249 28.44 35.99 0.76
CA LYS E 249 27.05 36.07 0.36
C LYS E 249 26.64 34.80 -0.32
N VAL E 250 25.35 34.48 -0.31
CA VAL E 250 24.87 33.38 -1.13
C VAL E 250 24.21 33.99 -2.36
N ALA E 251 24.38 33.38 -3.51
CA ALA E 251 23.75 33.81 -4.77
C ALA E 251 23.94 35.28 -5.06
N CYS E 252 25.19 35.71 -5.05
CA CYS E 252 25.50 37.06 -5.48
C CYS E 252 26.05 36.93 -6.87
N PRO E 253 25.26 37.36 -7.85
CA PRO E 253 25.61 37.22 -9.27
C PRO E 253 26.89 37.86 -9.68
N GLU E 254 27.19 39.02 -9.14
CA GLU E 254 28.42 39.64 -9.47
C GLU E 254 29.64 38.78 -9.16
N GLU E 255 29.59 38.11 -8.01
CA GLU E 255 30.70 37.32 -7.53
C GLU E 255 30.89 36.11 -8.40
N ILE E 256 29.78 35.50 -8.75
CA ILE E 256 29.86 34.32 -9.51
C ILE E 256 30.44 34.66 -10.88
N ALA E 257 29.91 35.73 -11.49
CA ALA E 257 30.44 36.13 -12.79
C ALA E 257 31.94 36.32 -12.65
N TYR E 258 32.32 36.99 -11.59
CA TYR E 258 33.71 37.29 -11.43
C TYR E 258 34.45 35.96 -11.31
N ARG E 259 33.91 35.00 -10.58
CA ARG E 259 34.66 33.75 -10.41
C ARG E 259 34.72 32.90 -11.65
N GLN E 260 33.73 32.98 -12.51
CA GLN E 260 33.78 32.26 -13.78
C GLN E 260 34.59 32.98 -14.83
N LYS E 261 35.11 34.15 -14.52
CA LYS E 261 35.85 34.95 -15.49
C LYS E 261 34.93 35.41 -16.56
N TRP E 262 33.67 35.62 -16.26
CA TRP E 262 32.81 36.25 -17.27
C TRP E 262 32.95 37.75 -17.26
N ILE E 263 33.48 38.31 -16.16
CA ILE E 263 33.75 39.71 -16.10
C ILE E 263 35.08 39.72 -15.40
N ASP E 264 35.81 40.81 -15.49
CA ASP E 264 37.15 40.89 -14.89
C ASP E 264 37.20 41.85 -13.69
N ALA E 265 38.34 41.89 -13.00
CA ALA E 265 38.49 42.78 -11.86
C ALA E 265 38.05 44.20 -12.15
N ALA E 266 38.31 44.69 -13.35
CA ALA E 266 37.93 46.07 -13.66
C ALA E 266 36.43 46.21 -13.69
N GLN E 267 35.75 45.27 -14.32
CA GLN E 267 34.33 45.39 -14.41
C GLN E 267 33.70 45.26 -13.03
N LEU E 268 34.28 44.38 -12.26
CA LEU E 268 33.81 44.19 -10.94
C LEU E 268 33.89 45.53 -10.19
N GLU E 269 35.00 46.24 -10.34
CA GLU E 269 35.13 47.49 -9.60
C GLU E 269 34.07 48.50 -10.00
N LYS E 270 33.86 48.65 -11.29
CA LYS E 270 32.79 49.50 -11.77
C LYS E 270 31.44 49.13 -11.12
N LEU E 271 31.15 47.82 -10.97
CA LEU E 271 29.87 47.37 -10.39
C LEU E 271 29.71 47.79 -8.96
N ALA E 272 30.82 47.76 -8.25
CA ALA E 272 30.83 48.15 -6.83
C ALA E 272 30.66 49.65 -6.58
N ALA E 273 31.28 50.48 -7.39
CA ALA E 273 31.29 51.93 -7.13
C ALA E 273 29.93 52.50 -6.71
N PRO E 274 28.93 52.30 -7.53
CA PRO E 274 27.59 52.81 -7.28
C PRO E 274 26.96 52.23 -6.04
N LEU E 275 27.49 51.12 -5.56
CA LEU E 275 26.96 50.51 -4.35
C LEU E 275 27.82 50.76 -3.10
N ALA E 276 28.89 51.52 -3.24
CA ALA E 276 29.86 51.66 -2.14
C ALA E 276 29.33 52.16 -0.80
N LYS E 277 28.19 52.84 -0.80
CA LYS E 277 27.68 53.38 0.45
C LYS E 277 27.13 52.27 1.29
N ASN E 278 26.96 51.08 0.72
CA ASN E 278 26.47 49.97 1.55
C ASN E 278 27.29 48.71 1.47
N GLY E 279 26.89 47.79 2.33
CA GLY E 279 27.53 46.53 2.48
C GLY E 279 27.66 45.72 1.24
N TYR E 280 26.64 45.74 0.40
CA TYR E 280 26.72 44.97 -0.82
C TYR E 280 27.94 45.36 -1.62
N GLY E 281 28.08 46.65 -1.86
CA GLY E 281 29.21 47.14 -2.62
C GLY E 281 30.46 46.90 -1.82
N GLN E 282 30.36 47.10 -0.53
CA GLN E 282 31.52 46.89 0.30
C GLN E 282 31.95 45.45 0.03
N TYR E 283 30.97 44.53 -0.06
CA TYR E 283 31.26 43.13 -0.24
C TYR E 283 31.92 42.95 -1.58
N LEU E 284 31.35 43.54 -2.59
CA LEU E 284 31.95 43.37 -3.89
C LEU E 284 33.38 43.79 -3.87
N LYS E 285 33.68 44.87 -3.18
CA LYS E 285 35.02 45.40 -3.17
C LYS E 285 35.94 44.47 -2.49
N ARG E 286 35.51 43.98 -1.37
CA ARG E 286 36.42 43.13 -0.62
C ARG E 286 36.85 41.95 -1.49
N LEU E 287 35.98 41.57 -2.41
CA LEU E 287 36.21 40.37 -3.20
C LEU E 287 37.38 40.48 -4.13
N LEU E 288 37.80 41.69 -4.44
CA LEU E 288 38.95 41.86 -5.30
C LEU E 288 40.26 41.67 -4.58
N THR E 289 40.22 41.66 -3.25
CA THR E 289 41.42 41.53 -2.45
C THR E 289 41.48 40.33 -1.53
N GLU E 290 40.60 39.37 -1.69
CA GLU E 290 40.69 38.23 -0.81
C GLU E 290 40.48 37.02 -1.66
N THR E 291 41.26 36.00 -1.38
CA THR E 291 41.09 34.77 -2.06
C THR E 291 40.04 33.97 -1.30
N VAL E 292 39.05 33.46 -1.99
CA VAL E 292 38.02 32.72 -1.32
C VAL E 292 37.95 31.36 -1.98
N TYR E 293 38.29 30.34 -1.22
CA TYR E 293 38.39 29.05 -1.82
C TYR E 293 37.05 28.46 -2.05
N LYS F 2 -9.19 69.28 15.25
CA LYS F 2 -8.87 68.41 14.09
C LYS F 2 -7.39 68.43 13.83
N ARG F 3 -6.83 67.24 13.94
CA ARG F 3 -5.49 66.96 13.60
C ARG F 3 -5.39 66.22 12.28
N LYS F 4 -4.45 66.67 11.48
CA LYS F 4 -4.15 66.01 10.28
C LYS F 4 -2.86 65.21 10.40
N GLY F 5 -2.70 64.22 9.54
CA GLY F 5 -1.54 63.35 9.65
C GLY F 5 -0.60 63.35 8.47
N ILE F 6 0.68 63.20 8.77
CA ILE F 6 1.66 63.00 7.72
C ILE F 6 2.48 61.69 7.90
N ILE F 7 2.65 60.94 6.82
CA ILE F 7 3.56 59.80 6.81
C ILE F 7 4.69 60.18 5.90
N LEU F 8 5.86 60.24 6.46
CA LEU F 8 7.01 60.58 5.70
C LEU F 8 7.57 59.27 5.32
N ALA F 9 7.38 58.85 4.07
CA ALA F 9 7.82 57.56 3.59
C ALA F 9 8.73 57.68 2.41
N GLY F 10 9.66 58.60 2.50
CA GLY F 10 10.49 58.87 1.38
C GLY F 10 11.72 58.04 1.57
N GLY F 11 12.76 58.48 0.90
CA GLY F 11 14.03 57.89 1.14
C GLY F 11 14.47 57.04 0.03
N SER F 12 15.76 56.80 0.10
CA SER F 12 16.42 55.81 -0.68
C SER F 12 16.23 54.45 0.00
N GLY F 13 16.31 53.42 -0.82
CA GLY F 13 16.41 52.10 -0.25
C GLY F 13 17.85 51.86 0.21
N THR F 14 18.75 52.76 -0.25
CA THR F 14 20.24 52.59 -0.26
C THR F 14 20.75 51.57 0.75
N ARG F 15 20.44 51.88 1.98
CA ARG F 15 20.84 51.03 3.07
C ARG F 15 20.38 49.57 2.88
N LEU F 16 19.09 49.38 2.57
CA LEU F 16 18.54 48.09 2.12
C LEU F 16 18.84 47.68 0.65
N HIS F 17 19.72 48.31 -0.01
CA HIS F 17 20.20 47.78 -1.29
C HIS F 17 21.02 46.51 -1.37
N PRO F 18 21.08 45.92 -2.59
CA PRO F 18 20.24 46.23 -3.77
C PRO F 18 18.80 45.79 -3.59
N ALA F 19 18.49 45.02 -2.57
CA ALA F 19 17.12 44.68 -2.29
C ALA F 19 16.24 45.87 -2.71
N THR F 20 16.54 47.14 -2.40
CA THR F 20 15.69 48.22 -2.94
C THR F 20 15.96 48.72 -4.37
N LEU F 21 16.70 48.02 -5.22
CA LEU F 21 16.74 48.50 -6.63
C LEU F 21 15.43 48.03 -7.31
N ALA F 22 14.59 47.36 -6.54
CA ALA F 22 13.33 46.78 -7.03
C ALA F 22 12.01 47.46 -6.55
N ILE F 23 12.02 48.10 -5.35
CA ILE F 23 10.86 48.70 -4.67
C ILE F 23 11.17 49.58 -3.48
N SER F 24 10.55 50.74 -3.31
CA SER F 24 10.87 51.52 -2.11
C SER F 24 10.69 50.65 -0.87
N LYS F 25 11.50 50.95 0.12
CA LYS F 25 11.49 50.34 1.41
C LYS F 25 10.07 50.21 1.94
N GLN F 26 9.29 51.26 1.83
CA GLN F 26 7.98 51.28 2.49
C GLN F 26 6.95 50.45 1.75
N LEU F 27 7.38 49.78 0.69
CA LEU F 27 6.45 48.86 0.04
C LEU F 27 6.81 47.41 0.31
N LEU F 28 7.95 47.16 0.94
CA LEU F 28 8.28 45.80 1.25
C LEU F 28 7.32 45.35 2.31
N PRO F 29 7.03 44.08 2.36
CA PRO F 29 6.19 43.54 3.39
C PRO F 29 6.87 43.30 4.68
N VAL F 30 6.12 43.47 5.75
CA VAL F 30 6.54 43.05 7.03
C VAL F 30 5.60 41.93 7.35
N TYR F 31 6.12 40.73 7.15
CA TYR F 31 5.41 39.47 7.27
C TYR F 31 4.33 39.37 6.25
N ASP F 32 3.21 40.05 6.46
CA ASP F 32 2.08 39.73 5.58
C ASP F 32 1.32 40.89 5.07
N LYS F 33 1.86 42.09 5.22
CA LYS F 33 1.25 43.23 4.60
C LYS F 33 2.34 44.27 4.39
N PRO F 34 2.09 45.28 3.58
CA PRO F 34 3.14 46.23 3.26
C PRO F 34 3.47 47.18 4.41
N MSE F 35 4.73 47.60 4.47
CA MSE F 35 5.29 48.32 5.59
C MSE F 35 4.42 49.47 5.94
O MSE F 35 4.05 49.65 7.10
CB MSE F 35 6.70 48.79 5.28
CG MSE F 35 7.41 49.28 6.53
SE MSE F 35 9.09 50.07 5.97
CE MSE F 35 9.80 48.80 5.38
N ILE F 36 4.00 50.18 4.92
CA ILE F 36 3.33 51.42 5.19
C ILE F 36 2.01 51.27 5.89
N TYR F 37 1.43 50.07 5.83
CA TYR F 37 0.24 49.82 6.60
C TYR F 37 0.42 50.10 8.10
N TYR F 38 1.63 49.89 8.61
CA TYR F 38 1.82 49.97 10.07
C TYR F 38 1.58 51.41 10.58
N PRO F 39 2.41 52.31 10.10
CA PRO F 39 2.33 53.72 10.48
C PRO F 39 1.01 54.34 10.07
N LEU F 40 0.49 53.86 8.98
CA LEU F 40 -0.82 54.27 8.59
C LEU F 40 -1.82 53.86 9.62
N SER F 41 -1.75 52.62 10.02
CA SER F 41 -2.70 52.19 11.01
C SER F 41 -2.42 52.90 12.36
N THR F 42 -1.20 53.33 12.61
CA THR F 42 -0.94 54.10 13.81
C THR F 42 -1.72 55.42 13.84
N LEU F 43 -1.54 56.25 12.81
CA LEU F 43 -2.34 57.44 12.74
C LEU F 43 -3.83 57.09 12.85
N MSE F 44 -4.27 56.02 12.21
CA MSE F 44 -5.69 55.66 12.30
C MSE F 44 -6.09 55.47 13.79
O MSE F 44 -7.06 56.05 14.27
CB MSE F 44 -6.02 54.46 11.44
CG MSE F 44 -6.04 54.77 9.95
SE MSE F 44 -5.99 53.30 8.80
CE MSE F 44 -7.55 52.87 9.05
N LEU F 45 -5.30 54.72 14.53
CA LEU F 45 -5.63 54.54 15.94
C LEU F 45 -5.58 55.81 16.73
N ALA F 46 -4.88 56.82 16.24
CA ALA F 46 -4.95 58.10 16.94
C ALA F 46 -6.15 58.89 16.51
N GLY F 47 -7.04 58.32 15.72
CA GLY F 47 -8.22 59.07 15.35
C GLY F 47 -8.03 60.00 14.19
N ILE F 48 -6.96 59.87 13.45
CA ILE F 48 -6.77 60.75 12.35
C ILE F 48 -7.23 60.14 11.04
N ARG F 49 -8.08 60.83 10.30
CA ARG F 49 -8.62 60.31 9.04
C ARG F 49 -8.08 60.97 7.79
N GLU F 50 -7.49 62.15 7.94
CA GLU F 50 -7.03 62.90 6.81
C GLU F 50 -5.52 62.96 6.84
N ILE F 51 -4.90 62.29 5.87
CA ILE F 51 -3.49 62.02 5.89
C ILE F 51 -2.78 62.27 4.59
N LEU F 52 -1.60 62.84 4.70
CA LEU F 52 -0.77 63.12 3.57
C LEU F 52 0.40 62.17 3.57
N ILE F 53 0.68 61.64 2.40
CA ILE F 53 1.77 60.72 2.25
C ILE F 53 2.84 61.31 1.39
N ILE F 54 4.02 61.39 1.96
CA ILE F 54 5.13 62.01 1.28
C ILE F 54 6.09 60.95 0.82
N SER F 55 6.51 61.04 -0.41
CA SER F 55 7.46 60.08 -0.83
C SER F 55 8.30 60.57 -1.99
N THR F 56 9.19 59.70 -2.47
CA THR F 56 10.03 60.12 -3.59
C THR F 56 9.08 60.16 -4.75
N PRO F 57 9.49 60.93 -5.73
CA PRO F 57 8.78 61.10 -7.00
C PRO F 57 8.61 59.76 -7.71
N GLN F 58 9.65 58.95 -7.81
CA GLN F 58 9.47 57.62 -8.34
C GLN F 58 8.42 56.84 -7.48
N ASP F 59 8.42 56.96 -6.15
CA ASP F 59 7.60 56.03 -5.35
C ASP F 59 6.12 56.41 -5.35
N THR F 60 5.84 57.69 -5.44
CA THR F 60 4.46 58.24 -5.27
C THR F 60 3.35 57.53 -5.98
N PRO F 61 3.50 57.47 -7.26
CA PRO F 61 2.57 56.70 -8.08
C PRO F 61 2.31 55.29 -7.59
N ARG F 62 3.31 54.62 -7.01
CA ARG F 62 3.06 53.28 -6.47
C ARG F 62 2.23 53.33 -5.20
N PHE F 63 2.63 54.17 -4.25
CA PHE F 63 1.85 54.29 -3.07
C PHE F 63 0.41 54.51 -3.51
N GLN F 64 0.28 55.31 -4.54
CA GLN F 64 -1.02 55.76 -4.96
C GLN F 64 -1.78 54.65 -5.57
N GLN F 65 -1.06 53.86 -6.33
CA GLN F 65 -1.64 52.68 -6.91
C GLN F 65 -2.18 51.73 -5.82
N LEU F 66 -1.56 51.75 -4.64
CA LEU F 66 -1.89 50.84 -3.55
C LEU F 66 -2.98 51.34 -2.59
N LEU F 67 -2.93 52.60 -2.20
CA LEU F 67 -3.92 53.12 -1.23
C LEU F 67 -5.06 53.91 -1.80
N GLY F 68 -4.90 54.37 -3.03
CA GLY F 68 -5.91 55.20 -3.64
C GLY F 68 -6.06 56.51 -2.91
N ASP F 69 -7.29 56.98 -2.79
CA ASP F 69 -7.54 58.22 -2.13
C ASP F 69 -8.02 57.94 -0.73
N GLY F 70 -8.17 56.67 -0.37
CA GLY F 70 -8.60 56.35 0.98
C GLY F 70 -10.06 56.18 1.25
N SER F 71 -10.88 56.55 0.26
CA SER F 71 -12.33 56.47 0.44
C SER F 71 -12.81 55.08 0.78
N ASN F 72 -12.19 54.05 0.24
CA ASN F 72 -12.59 52.70 0.59
C ASN F 72 -12.30 52.34 2.03
N TRP F 73 -11.42 53.08 2.73
CA TRP F 73 -11.22 52.80 4.13
C TRP F 73 -11.79 53.91 5.02
N GLY F 74 -12.61 54.78 4.45
CA GLY F 74 -13.10 55.91 5.20
C GLY F 74 -12.04 56.96 5.50
N LEU F 75 -11.01 57.01 4.67
CA LEU F 75 -9.97 57.98 4.92
C LEU F 75 -10.03 59.00 3.86
N ASP F 76 -9.14 59.98 3.97
CA ASP F 76 -8.95 60.98 2.95
C ASP F 76 -7.47 61.11 2.76
N LEU F 77 -6.97 60.41 1.77
CA LEU F 77 -5.56 60.40 1.54
C LEU F 77 -5.11 61.37 0.48
N GLN F 78 -3.98 62.01 0.72
CA GLN F 78 -3.37 62.83 -0.30
C GLN F 78 -1.91 62.55 -0.44
N TYR F 79 -1.28 63.07 -1.47
CA TYR F 79 0.10 62.71 -1.75
C TYR F 79 0.98 63.93 -2.04
N ALA F 80 2.26 63.80 -1.76
CA ALA F 80 3.18 64.85 -2.02
C ALA F 80 4.55 64.28 -2.08
N VAL F 81 5.44 65.03 -2.67
CA VAL F 81 6.74 64.52 -3.01
C VAL F 81 7.91 65.15 -2.24
N GLN F 82 8.89 64.33 -1.95
CA GLN F 82 10.11 64.84 -1.36
C GLN F 82 11.26 64.48 -2.31
N PRO F 83 11.68 65.44 -3.12
CA PRO F 83 12.62 65.17 -4.20
C PRO F 83 13.80 64.51 -3.61
N SER F 84 14.29 65.23 -2.63
CA SER F 84 15.54 64.88 -2.02
C SER F 84 15.41 64.85 -0.50
N PRO F 85 16.12 63.92 0.11
CA PRO F 85 16.08 63.66 1.56
C PRO F 85 16.83 64.67 2.43
N ASP F 86 16.26 65.85 2.60
CA ASP F 86 16.97 66.96 3.27
C ASP F 86 16.61 67.14 4.75
N GLY F 87 16.08 66.09 5.37
CA GLY F 87 15.58 66.15 6.75
C GLY F 87 14.08 65.90 6.87
N LEU F 88 13.65 65.29 7.96
CA LEU F 88 12.25 65.04 8.20
C LEU F 88 11.51 66.34 8.39
N ALA F 89 12.19 67.33 8.95
CA ALA F 89 11.54 68.63 9.13
C ALA F 89 11.00 69.22 7.83
N GLN F 90 11.59 68.88 6.70
CA GLN F 90 11.03 69.34 5.44
C GLN F 90 9.57 68.92 5.27
N ALA F 91 9.16 67.90 6.00
CA ALA F 91 7.78 67.45 5.87
C ALA F 91 6.79 68.53 6.15
N PHE F 92 7.17 69.42 7.06
CA PHE F 92 6.28 70.52 7.39
C PHE F 92 6.25 71.60 6.38
N LEU F 93 7.33 71.74 5.63
CA LEU F 93 7.34 72.67 4.52
C LEU F 93 6.58 72.10 3.36
N ILE F 94 6.90 70.87 3.04
CA ILE F 94 6.21 70.20 1.98
C ILE F 94 4.78 70.02 2.29
N GLY F 95 4.45 69.99 3.56
CA GLY F 95 3.07 69.82 3.96
C GLY F 95 2.37 71.04 4.54
N GLU F 96 3.01 72.20 4.39
CA GLU F 96 2.40 73.46 4.79
C GLU F 96 0.98 73.67 4.31
N SER F 97 0.67 73.45 3.06
CA SER F 97 -0.65 73.79 2.62
C SER F 97 -1.68 72.79 2.91
N PHE F 98 -1.26 71.54 3.07
CA PHE F 98 -2.13 70.47 3.50
C PHE F 98 -2.48 70.63 4.97
N ILE F 99 -1.59 71.19 5.76
CA ILE F 99 -1.88 71.43 7.16
C ILE F 99 -2.80 72.61 7.45
N GLY F 100 -2.57 73.70 6.73
CA GLY F 100 -3.34 74.89 6.94
C GLY F 100 -3.22 75.38 8.34
N ASN F 101 -4.33 75.73 8.95
CA ASN F 101 -4.33 76.18 10.31
C ASN F 101 -4.68 75.12 11.35
N ASP F 102 -4.50 73.85 11.00
CA ASP F 102 -4.85 72.75 11.89
C ASP F 102 -3.73 72.14 12.72
N LEU F 103 -4.12 71.36 13.72
CA LEU F 103 -3.18 70.56 14.49
C LEU F 103 -2.62 69.47 13.58
N SER F 104 -1.49 68.91 13.93
CA SER F 104 -0.98 67.84 13.11
C SER F 104 -0.19 66.76 13.83
N ALA F 105 0.19 65.79 13.03
CA ALA F 105 0.95 64.65 13.52
C ALA F 105 1.75 64.11 12.37
N LEU F 106 2.98 63.74 12.71
CA LEU F 106 3.94 63.17 11.78
C LEU F 106 4.41 61.77 12.20
N VAL F 107 4.32 60.80 11.32
CA VAL F 107 4.87 59.50 11.63
C VAL F 107 5.79 58.98 10.50
N LEU F 108 6.94 58.41 10.84
CA LEU F 108 7.88 57.93 9.85
C LEU F 108 7.50 56.60 9.36
N GLY F 109 7.61 56.40 8.06
CA GLY F 109 7.16 55.18 7.43
C GLY F 109 7.75 53.84 7.79
N ASP F 110 8.84 53.80 8.52
CA ASP F 110 9.45 52.55 8.86
C ASP F 110 9.45 52.36 10.37
N ASN F 111 8.53 53.03 11.04
CA ASN F 111 8.41 52.85 12.47
C ASN F 111 7.23 51.99 12.67
N LEU F 112 7.37 50.99 13.52
CA LEU F 112 6.33 50.03 13.78
C LEU F 112 6.06 49.96 15.29
N TYR F 113 4.82 50.14 15.72
CA TYR F 113 4.43 50.18 17.13
C TYR F 113 3.43 49.06 17.52
N TYR F 114 3.59 48.38 18.67
CA TYR F 114 2.68 47.32 19.15
C TYR F 114 2.54 47.33 20.65
N GLY F 115 1.32 47.08 21.13
CA GLY F 115 1.08 47.11 22.56
C GLY F 115 -0.26 47.51 23.09
N HIS F 116 -0.50 47.04 24.30
CA HIS F 116 -1.75 47.22 25.02
C HIS F 116 -2.06 48.65 25.33
N ASP F 117 -3.28 49.07 25.00
CA ASP F 117 -3.73 50.44 25.21
C ASP F 117 -3.03 51.47 24.36
N PHE F 118 -2.30 51.01 23.37
CA PHE F 118 -1.63 51.94 22.49
C PHE F 118 -2.54 53.11 22.13
N HIS F 119 -3.80 52.85 22.12
CA HIS F 119 -4.66 53.84 21.64
C HIS F 119 -5.04 54.88 22.69
N GLU F 120 -5.06 54.51 23.93
CA GLU F 120 -5.23 55.52 24.95
C GLU F 120 -3.98 56.39 24.99
N LEU F 121 -2.82 55.76 24.87
CA LEU F 121 -1.55 56.48 24.84
C LEU F 121 -1.57 57.52 23.72
N LEU F 122 -1.91 57.08 22.51
CA LEU F 122 -1.99 58.01 21.41
C LEU F 122 -2.97 59.10 21.80
N GLY F 123 -4.14 58.68 22.27
CA GLY F 123 -5.19 59.60 22.61
C GLY F 123 -4.76 60.76 23.48
N SER F 124 -3.91 60.52 24.47
CA SER F 124 -3.55 61.61 25.36
C SER F 124 -2.95 62.71 24.55
N ALA F 125 -1.91 62.37 23.80
CA ALA F 125 -1.26 63.35 22.96
C ALA F 125 -2.17 63.99 21.96
N SER F 126 -3.01 63.20 21.29
CA SER F 126 -3.77 63.75 20.18
C SER F 126 -4.68 64.83 20.69
N GLN F 127 -5.15 64.62 21.88
CA GLN F 127 -6.24 65.46 22.35
C GLN F 127 -5.69 66.75 22.93
N ARG F 128 -4.38 66.84 22.95
CA ARG F 128 -3.83 68.10 23.42
C ARG F 128 -3.87 69.10 22.32
N GLN F 129 -4.15 70.31 22.67
CA GLN F 129 -4.32 71.30 21.63
C GLN F 129 -3.27 72.39 21.62
N THR F 130 -2.23 72.24 22.39
CA THR F 130 -1.19 73.25 22.35
C THR F 130 0.14 72.66 22.68
N GLY F 131 1.18 73.16 22.08
CA GLY F 131 2.49 72.63 22.34
C GLY F 131 2.67 71.42 21.46
N ALA F 132 3.68 70.62 21.76
CA ALA F 132 3.92 69.42 21.02
C ALA F 132 4.08 68.26 22.00
N SER F 133 3.74 67.05 21.57
CA SER F 133 4.10 65.86 22.36
C SER F 133 4.95 64.84 21.58
N VAL F 134 5.96 64.23 22.23
CA VAL F 134 6.74 63.13 21.65
C VAL F 134 6.84 61.98 22.65
N PHE F 135 7.41 60.85 22.25
CA PHE F 135 7.45 59.71 23.12
C PHE F 135 8.88 59.30 23.26
N ALA F 136 9.19 58.70 24.40
CA ALA F 136 10.56 58.26 24.64
C ALA F 136 10.61 56.80 25.07
N TYR F 137 11.54 56.08 24.47
CA TYR F 137 11.60 54.64 24.62
C TYR F 137 13.00 54.21 24.92
N HIS F 138 13.22 53.54 26.05
CA HIS F 138 14.54 53.04 26.37
C HIS F 138 15.05 52.15 25.24
N VAL F 139 16.30 52.29 24.85
CA VAL F 139 16.84 51.39 23.80
C VAL F 139 18.28 51.07 24.03
N LEU F 140 18.79 50.06 23.36
CA LEU F 140 20.19 49.66 23.52
C LEU F 140 21.21 50.60 22.88
N ASP F 141 20.84 51.21 21.78
CA ASP F 141 21.78 52.04 21.04
C ASP F 141 21.27 53.42 20.75
N PRO F 142 21.17 54.23 21.77
CA PRO F 142 20.59 55.55 21.63
C PRO F 142 21.31 56.41 20.62
N GLU F 143 22.62 56.18 20.50
CA GLU F 143 23.43 56.93 19.59
C GLU F 143 22.81 57.05 18.22
N ARG F 144 21.98 56.07 17.81
CA ARG F 144 21.37 56.05 16.47
C ARG F 144 20.21 57.01 16.32
N TYR F 145 19.72 57.54 17.43
CA TYR F 145 18.49 58.34 17.44
C TYR F 145 18.58 59.72 18.08
N GLY F 146 17.46 60.44 17.98
CA GLY F 146 17.31 61.66 18.76
C GLY F 146 17.21 61.18 20.21
N VAL F 147 17.99 61.76 21.11
CA VAL F 147 18.06 61.28 22.48
C VAL F 147 17.58 62.37 23.37
N VAL F 148 16.74 62.02 24.36
CA VAL F 148 16.21 62.99 25.32
C VAL F 148 16.68 62.67 26.73
N GLU F 149 17.04 63.70 27.50
CA GLU F 149 17.55 63.53 28.84
C GLU F 149 16.56 64.00 29.87
N PHE F 150 16.43 63.30 30.99
CA PHE F 150 15.47 63.75 31.98
C PHE F 150 16.24 64.16 33.22
N ASP F 151 15.61 64.91 34.09
CA ASP F 151 16.20 65.17 35.36
C ASP F 151 15.65 64.19 36.36
N GLN F 152 16.10 64.30 37.60
CA GLN F 152 15.65 63.46 38.70
C GLN F 152 14.18 63.56 38.93
N GLY F 153 13.56 64.58 38.39
CA GLY F 153 12.15 64.67 38.63
C GLY F 153 11.33 64.12 37.51
N GLY F 154 11.95 63.46 36.54
CA GLY F 154 11.16 62.94 35.44
C GLY F 154 10.96 63.83 34.24
N LYS F 155 11.29 65.09 34.37
CA LYS F 155 11.17 66.01 33.28
C LYS F 155 12.23 65.98 32.21
N ALA F 156 11.87 66.41 31.03
CA ALA F 156 12.84 66.52 29.96
C ALA F 156 13.65 67.79 30.03
N ILE F 157 14.96 67.69 29.91
CA ILE F 157 15.80 68.87 29.90
C ILE F 157 16.70 69.02 28.69
N SER F 158 16.83 68.02 27.83
CA SER F 158 17.55 68.24 26.60
C SER F 158 17.29 67.19 25.56
N LEU F 159 17.62 67.55 24.33
CA LEU F 159 17.50 66.69 23.21
C LEU F 159 18.77 66.81 22.38
N GLU F 160 19.44 65.70 22.07
CA GLU F 160 20.52 65.71 21.09
C GLU F 160 20.28 64.69 19.98
N GLU F 161 20.54 65.04 18.73
CA GLU F 161 20.38 64.09 17.63
C GLU F 161 21.63 63.28 17.48
N LYS F 162 21.50 61.96 17.46
CA LYS F 162 22.63 61.08 17.16
C LYS F 162 23.91 61.52 17.84
N PRO F 163 23.89 61.66 19.13
CA PRO F 163 25.10 62.01 19.86
C PRO F 163 26.14 60.90 20.00
N LEU F 164 27.41 61.28 20.04
CA LEU F 164 28.46 60.28 20.25
C LEU F 164 28.47 59.79 21.68
N GLU F 165 28.01 60.65 22.58
CA GLU F 165 27.89 60.31 23.98
C GLU F 165 26.54 60.62 24.56
N PRO F 166 25.60 59.70 24.41
CA PRO F 166 24.24 59.92 24.84
C PRO F 166 24.14 60.22 26.28
N LYS F 167 23.25 61.09 26.64
CA LYS F 167 23.11 61.36 28.05
C LYS F 167 22.12 60.42 28.67
N SER F 168 21.42 59.62 27.88
CA SER F 168 20.58 58.59 28.48
C SER F 168 20.41 57.51 27.50
N ASN F 169 19.57 56.56 27.87
CA ASN F 169 19.17 55.50 26.98
C ASN F 169 17.78 55.69 26.44
N TYR F 170 17.23 56.88 26.55
CA TYR F 170 15.90 57.12 25.97
C TYR F 170 15.94 57.75 24.59
N ALA F 171 15.36 57.06 23.61
CA ALA F 171 15.30 57.57 22.28
C ALA F 171 13.92 58.19 22.06
N VAL F 172 13.83 59.18 21.20
CA VAL F 172 12.56 59.74 20.85
C VAL F 172 12.14 59.01 19.60
N THR F 173 10.96 58.43 19.57
CA THR F 173 10.57 57.66 18.40
C THR F 173 10.05 58.50 17.28
N GLY F 174 9.72 57.85 16.19
CA GLY F 174 9.27 58.56 15.01
C GLY F 174 7.79 58.78 14.89
N LEU F 175 7.20 59.26 15.95
CA LEU F 175 5.82 59.63 15.96
C LEU F 175 5.73 61.01 16.65
N TYR F 176 5.21 62.03 16.00
CA TYR F 176 5.23 63.34 16.66
C TYR F 176 3.88 64.07 16.55
N PHE F 177 3.43 64.72 17.64
CA PHE F 177 2.18 65.53 17.64
C PHE F 177 2.48 67.08 17.78
N TYR F 178 1.94 67.91 16.87
CA TYR F 178 2.21 69.33 16.90
C TYR F 178 0.96 70.19 16.81
N ASP F 179 1.08 71.38 17.40
CA ASP F 179 0.04 72.41 17.32
C ASP F 179 0.36 73.32 16.17
N GLN F 180 -0.28 74.45 16.10
CA GLN F 180 -0.13 75.31 14.95
C GLN F 180 1.16 76.05 14.83
N GLN F 181 2.07 75.95 15.77
CA GLN F 181 3.31 76.67 15.60
C GLN F 181 4.35 75.93 14.74
N VAL F 182 4.11 74.68 14.37
CA VAL F 182 5.18 73.91 13.76
C VAL F 182 5.70 74.43 12.42
N VAL F 183 4.80 74.69 11.49
CA VAL F 183 5.19 75.19 10.21
C VAL F 183 6.15 76.38 10.36
N ASP F 184 5.74 77.40 11.11
CA ASP F 184 6.59 78.57 11.27
C ASP F 184 7.90 78.22 11.90
N ILE F 185 7.86 77.41 12.94
CA ILE F 185 9.11 76.97 13.47
C ILE F 185 9.95 76.33 12.40
N ALA F 186 9.38 75.46 11.60
CA ALA F 186 10.15 74.79 10.61
C ALA F 186 10.73 75.77 9.62
N ARG F 187 10.00 76.86 9.36
CA ARG F 187 10.43 77.86 8.36
C ARG F 187 11.72 78.57 8.76
N ASP F 188 12.03 78.62 10.02
CA ASP F 188 13.32 79.17 10.40
C ASP F 188 14.44 78.19 10.66
N LEU F 189 14.26 76.92 10.41
CA LEU F 189 15.43 76.10 10.63
C LEU F 189 16.52 76.32 9.60
N LYS F 190 17.73 75.94 9.99
CA LYS F 190 18.83 75.93 9.07
C LYS F 190 19.35 74.55 9.08
N PRO F 191 19.79 74.12 7.93
CA PRO F 191 20.24 72.78 7.77
C PRO F 191 21.32 72.52 8.78
N SER F 192 21.33 71.29 9.24
CA SER F 192 22.31 70.90 10.19
C SER F 192 23.62 70.76 9.43
N PRO F 193 24.68 70.46 10.17
CA PRO F 193 25.96 70.14 9.54
C PRO F 193 25.81 68.88 8.73
N ARG F 194 25.02 67.98 9.25
CA ARG F 194 24.70 66.73 8.60
C ARG F 194 23.98 67.09 7.31
N GLY F 195 23.65 68.38 7.18
CA GLY F 195 22.96 68.90 6.02
C GLY F 195 21.50 68.49 5.94
N GLU F 196 20.76 68.57 7.02
CA GLU F 196 19.36 68.24 6.94
C GLU F 196 18.56 69.14 7.85
N LEU F 197 17.27 69.32 7.57
CA LEU F 197 16.40 70.03 8.49
C LEU F 197 15.85 69.01 9.47
N GLU F 198 16.28 69.12 10.72
CA GLU F 198 16.02 68.13 11.73
C GLU F 198 14.82 68.31 12.59
N ILE F 199 14.03 67.24 12.67
CA ILE F 199 12.91 67.21 13.57
C ILE F 199 13.42 67.42 14.99
N THR F 200 14.59 66.94 15.27
CA THR F 200 15.09 67.22 16.59
C THR F 200 15.15 68.71 16.90
N ASP F 201 15.48 69.55 15.91
CA ASP F 201 15.55 70.99 16.14
C ASP F 201 14.14 71.55 16.32
N VAL F 202 13.20 71.01 15.56
CA VAL F 202 11.87 71.44 15.79
C VAL F 202 11.50 71.13 17.23
N ASN F 203 11.80 69.93 17.68
CA ASN F 203 11.33 69.54 19.00
C ASN F 203 11.98 70.39 20.07
N ARG F 204 13.22 70.75 19.82
CA ARG F 204 14.00 71.53 20.76
C ARG F 204 13.41 72.92 20.85
N ALA F 205 12.92 73.39 19.74
CA ALA F 205 12.28 74.69 19.75
C ALA F 205 11.12 74.70 20.75
N TYR F 206 10.29 73.68 20.72
CA TYR F 206 9.19 73.63 21.65
C TYR F 206 9.69 73.48 23.11
N LEU F 207 10.79 72.77 23.22
CA LEU F 207 11.37 72.58 24.52
C LEU F 207 11.80 73.91 25.10
N GLU F 208 12.63 74.65 24.37
CA GLU F 208 13.12 75.97 24.80
C GLU F 208 11.98 76.96 25.15
N ARG F 209 10.76 76.70 24.69
CA ARG F 209 9.62 77.49 25.15
C ARG F 209 8.80 76.90 26.26
N GLY F 210 9.14 75.72 26.74
CA GLY F 210 8.36 75.20 27.83
C GLY F 210 7.12 74.56 27.30
N GLN F 211 7.14 74.19 26.03
CA GLN F 211 5.98 73.55 25.48
C GLN F 211 6.12 72.18 24.86
N LEU F 212 7.08 71.38 25.31
CA LEU F 212 7.31 70.07 24.72
C LEU F 212 6.83 69.10 25.73
N SER F 213 5.97 68.22 25.33
CA SER F 213 5.56 67.21 26.24
C SER F 213 6.16 65.86 25.85
N VAL F 214 6.79 65.19 26.79
CA VAL F 214 7.53 63.95 26.49
C VAL F 214 7.01 62.82 27.32
N GLU F 215 6.22 61.95 26.77
CA GLU F 215 5.66 60.89 27.56
C GLU F 215 6.51 59.67 27.39
N ILE F 216 6.61 58.88 28.42
CA ILE F 216 7.30 57.61 28.30
C ILE F 216 6.47 56.52 27.69
N MSE F 217 7.03 55.85 26.69
CA MSE F 217 6.47 54.65 26.15
C MSE F 217 7.30 53.54 26.83
O MSE F 217 8.46 53.29 26.51
CB MSE F 217 6.64 54.66 24.63
CG MSE F 217 6.19 53.42 23.88
SE MSE F 217 6.69 53.45 22.05
CE MSE F 217 5.47 54.39 21.75
N GLY F 218 6.69 52.91 27.85
CA GLY F 218 7.24 51.77 28.55
C GLY F 218 7.73 50.55 27.77
N ARG F 219 8.50 49.74 28.47
CA ARG F 219 9.16 48.58 27.92
C ARG F 219 8.13 47.51 27.57
N GLY F 220 6.90 47.72 28.01
CA GLY F 220 5.78 46.89 27.62
C GLY F 220 5.27 47.07 26.22
N TYR F 221 5.66 48.13 25.55
CA TYR F 221 5.34 48.28 24.16
C TYR F 221 6.58 47.91 23.39
N ALA F 222 6.37 47.80 22.10
CA ALA F 222 7.37 47.40 21.17
C ALA F 222 7.42 48.44 20.09
N TRP F 223 8.58 49.02 19.98
CA TRP F 223 8.85 49.99 18.98
C TRP F 223 10.02 49.48 18.19
N LEU F 224 9.79 49.17 16.93
CA LEU F 224 10.81 48.59 16.07
C LEU F 224 10.98 49.38 14.82
N ASP F 225 12.19 49.49 14.33
CA ASP F 225 12.29 50.18 13.04
C ASP F 225 12.75 49.23 11.97
N THR F 226 12.14 49.29 10.83
CA THR F 226 12.42 48.36 9.79
C THR F 226 13.34 48.88 8.74
N GLY F 227 14.45 49.45 9.14
CA GLY F 227 15.32 50.06 8.17
C GLY F 227 16.44 49.24 7.59
N THR F 228 16.84 48.17 8.26
CA THR F 228 17.92 47.34 7.77
C THR F 228 17.41 45.95 7.44
N HIS F 229 18.17 45.22 6.64
CA HIS F 229 17.78 43.89 6.32
C HIS F 229 17.44 43.11 7.59
N ASP F 230 18.27 43.23 8.61
CA ASP F 230 18.07 42.44 9.80
C ASP F 230 16.89 42.88 10.55
N SER F 231 16.72 44.19 10.70
CA SER F 231 15.61 44.65 11.49
C SER F 231 14.28 44.36 10.82
N LEU F 232 14.29 44.41 9.49
CA LEU F 232 13.13 44.06 8.68
C LEU F 232 12.76 42.60 8.92
N LEU F 233 13.75 41.74 8.92
CA LEU F 233 13.53 40.37 9.26
C LEU F 233 13.06 40.12 10.67
N GLU F 234 13.62 40.83 11.64
CA GLU F 234 13.19 40.62 12.99
C GLU F 234 11.74 41.02 13.17
N ALA F 235 11.36 42.08 12.50
CA ALA F 235 10.03 42.65 12.69
C ALA F 235 9.03 41.74 12.02
N GLY F 236 9.44 41.22 10.88
CA GLY F 236 8.65 40.19 10.22
C GLY F 236 8.36 38.99 11.11
N GLN F 237 9.36 38.56 11.87
CA GLN F 237 9.18 37.40 12.75
C GLN F 237 8.36 37.78 13.92
N PHE F 238 8.45 39.04 14.29
CA PHE F 238 7.75 39.49 15.50
C PHE F 238 6.24 39.47 15.26
N ILE F 239 5.82 40.04 14.14
CA ILE F 239 4.43 40.07 13.79
C ILE F 239 3.90 38.65 13.54
N ALA F 240 4.66 37.84 12.82
CA ALA F 240 4.21 36.51 12.55
C ALA F 240 4.03 35.75 13.84
N THR F 241 4.90 35.93 14.81
CA THR F 241 4.63 35.24 16.05
C THR F 241 3.30 35.72 16.64
N LEU F 242 3.06 36.99 16.75
CA LEU F 242 1.81 37.40 17.32
C LEU F 242 0.62 36.95 16.51
N GLU F 243 0.66 37.16 15.21
CA GLU F 243 -0.56 36.93 14.41
C GLU F 243 -0.94 35.45 14.41
N ASN F 244 0.06 34.56 14.33
CA ASN F 244 -0.22 33.11 14.33
C ASN F 244 -0.69 32.56 15.66
N ARG F 245 -0.37 33.26 16.72
CA ARG F 245 -0.82 32.83 18.00
C ARG F 245 -2.20 33.30 18.29
N GLN F 246 -2.56 34.47 17.77
CA GLN F 246 -3.82 35.09 18.15
C GLN F 246 -4.97 34.81 17.19
N GLY F 247 -4.60 34.50 15.95
CA GLY F 247 -5.59 34.49 14.89
C GLY F 247 -6.11 35.91 14.60
N LEU F 248 -5.39 36.95 15.01
CA LEU F 248 -5.82 38.31 14.71
C LEU F 248 -4.70 38.98 13.98
N LYS F 249 -4.93 40.09 13.31
CA LYS F 249 -3.81 40.72 12.60
C LYS F 249 -3.32 41.97 13.33
N VAL F 250 -2.08 42.36 13.13
CA VAL F 250 -1.68 43.66 13.66
C VAL F 250 -1.68 44.66 12.50
N ALA F 251 -2.12 45.88 12.75
CA ALA F 251 -2.17 46.93 11.74
C ALA F 251 -2.87 46.58 10.44
N CYS F 252 -4.10 46.11 10.54
CA CYS F 252 -4.91 45.86 9.37
C CYS F 252 -5.91 47.00 9.31
N PRO F 253 -5.68 47.90 8.37
CA PRO F 253 -6.46 49.11 8.21
C PRO F 253 -7.92 48.91 7.97
N GLU F 254 -8.30 47.87 7.28
CA GLU F 254 -9.71 47.65 7.13
C GLU F 254 -10.42 47.42 8.46
N GLU F 255 -9.77 46.63 9.31
CA GLU F 255 -10.33 46.23 10.59
C GLU F 255 -10.48 47.45 11.46
N ILE F 256 -9.47 48.29 11.43
CA ILE F 256 -9.50 49.45 12.28
C ILE F 256 -10.59 50.40 11.83
N ALA F 257 -10.68 50.65 10.51
CA ALA F 257 -11.78 51.49 9.99
C ALA F 257 -13.11 50.90 10.42
N TYR F 258 -13.21 49.59 10.33
CA TYR F 258 -14.47 49.00 10.69
C TYR F 258 -14.72 49.28 12.16
N ARG F 259 -13.71 49.18 13.01
CA ARG F 259 -14.00 49.30 14.44
C ARG F 259 -14.27 50.70 14.84
N GLN F 260 -13.76 51.67 14.09
CA GLN F 260 -14.03 53.06 14.39
C GLN F 260 -15.30 53.52 13.72
N LYS F 261 -16.00 52.61 13.08
CA LYS F 261 -17.21 52.96 12.38
C LYS F 261 -16.96 53.95 11.28
N TRP F 262 -15.79 53.93 10.66
CA TRP F 262 -15.54 54.80 9.52
C TRP F 262 -16.03 54.12 8.24
N ILE F 263 -16.27 52.83 8.31
CA ILE F 263 -16.87 52.13 7.19
C ILE F 263 -17.81 51.23 7.95
N ASP F 264 -18.77 50.64 7.24
CA ASP F 264 -19.75 49.74 7.86
C ASP F 264 -19.64 48.30 7.39
N ALA F 265 -20.46 47.43 7.95
CA ALA F 265 -20.40 46.01 7.59
C ALA F 265 -20.47 45.78 6.11
N ALA F 266 -21.27 46.57 5.43
CA ALA F 266 -21.40 46.38 3.99
C ALA F 266 -20.09 46.71 3.29
N GLN F 267 -19.44 47.81 3.69
CA GLN F 267 -18.23 48.24 2.98
C GLN F 267 -17.18 47.20 3.20
N LEU F 268 -17.16 46.74 4.43
CA LEU F 268 -16.21 45.75 4.81
C LEU F 268 -16.35 44.50 3.94
N GLU F 269 -17.58 44.08 3.69
CA GLU F 269 -17.77 42.94 2.84
C GLU F 269 -17.29 43.16 1.41
N LYS F 270 -17.59 44.32 0.88
CA LYS F 270 -17.06 44.65 -0.45
C LYS F 270 -15.53 44.58 -0.46
N LEU F 271 -14.87 45.03 0.60
CA LEU F 271 -13.42 45.01 0.66
C LEU F 271 -12.84 43.62 0.64
N ALA F 272 -13.54 42.70 1.28
CA ALA F 272 -13.12 41.31 1.33
C ALA F 272 -13.29 40.49 0.05
N ALA F 273 -14.38 40.70 -0.67
CA ALA F 273 -14.64 39.90 -1.87
C ALA F 273 -13.42 39.67 -2.73
N PRO F 274 -12.84 40.73 -3.22
CA PRO F 274 -11.71 40.60 -4.12
C PRO F 274 -10.57 39.90 -3.49
N LEU F 275 -10.57 39.74 -2.17
CA LEU F 275 -9.46 39.10 -1.48
C LEU F 275 -9.82 37.69 -1.01
N ALA F 276 -11.01 37.23 -1.32
CA ALA F 276 -11.49 35.97 -0.76
C ALA F 276 -10.65 34.72 -1.02
N LYS F 277 -9.87 34.72 -2.08
CA LYS F 277 -9.05 33.55 -2.33
C LYS F 277 -7.94 33.43 -1.32
N ASN F 278 -7.70 34.44 -0.50
CA ASN F 278 -6.64 34.29 0.49
C ASN F 278 -7.07 34.66 1.89
N GLY F 279 -6.13 34.37 2.79
CA GLY F 279 -6.36 34.56 4.18
C GLY F 279 -6.69 35.95 4.57
N TYR F 280 -6.17 36.93 3.87
CA TYR F 280 -6.40 38.30 4.28
C TYR F 280 -7.90 38.52 4.18
N GLY F 281 -8.44 38.25 3.02
CA GLY F 281 -9.87 38.39 2.82
C GLY F 281 -10.64 37.45 3.73
N GLN F 282 -10.12 36.25 3.91
CA GLN F 282 -10.76 35.31 4.82
C GLN F 282 -10.80 35.97 6.19
N TYR F 283 -9.77 36.73 6.52
CA TYR F 283 -9.70 37.38 7.84
C TYR F 283 -10.77 38.45 7.87
N LEU F 284 -10.82 39.26 6.85
CA LEU F 284 -11.77 40.32 6.85
C LEU F 284 -13.16 39.78 7.00
N LYS F 285 -13.44 38.66 6.35
CA LYS F 285 -14.78 38.10 6.44
C LYS F 285 -15.11 37.63 7.81
N ARG F 286 -14.18 36.94 8.43
CA ARG F 286 -14.44 36.44 9.77
C ARG F 286 -14.77 37.56 10.75
N LEU F 287 -14.22 38.75 10.50
CA LEU F 287 -14.43 39.88 11.37
C LEU F 287 -15.85 40.36 11.44
N LEU F 288 -16.65 40.09 10.39
CA LEU F 288 -18.06 40.43 10.45
C LEU F 288 -18.91 39.55 11.37
N THR F 289 -18.36 38.41 11.79
CA THR F 289 -19.15 37.47 12.55
C THR F 289 -18.55 37.12 13.87
N GLU F 290 -17.56 37.86 14.32
CA GLU F 290 -16.97 37.50 15.60
C GLU F 290 -16.73 38.75 16.38
N THR F 291 -17.13 38.74 17.63
CA THR F 291 -16.85 39.84 18.44
C THR F 291 -15.42 39.71 18.90
N VAL F 292 -14.66 40.80 18.82
CA VAL F 292 -13.30 40.78 19.27
C VAL F 292 -13.11 41.89 20.24
N TYR F 293 -12.83 41.58 21.48
CA TYR F 293 -12.76 42.60 22.50
C TYR F 293 -11.48 43.41 22.50
N LYS G 2 -2.67 38.76 51.87
CA LYS G 2 -1.53 37.92 51.49
C LYS G 2 -2.02 36.77 50.67
N ARG G 3 -1.47 36.70 49.46
CA ARG G 3 -1.62 35.60 48.55
C ARG G 3 -0.35 34.82 48.37
N LYS G 4 -0.49 33.52 48.27
CA LYS G 4 0.64 32.70 48.08
C LYS G 4 0.59 32.17 46.71
N GLY G 5 1.74 31.76 46.20
CA GLY G 5 1.83 31.31 44.83
C GLY G 5 2.31 29.91 44.61
N ILE G 6 1.83 29.32 43.52
CA ILE G 6 2.33 28.03 43.08
C ILE G 6 2.74 28.03 41.61
N ILE G 7 3.92 27.53 41.34
CA ILE G 7 4.33 27.25 39.97
C ILE G 7 4.31 25.76 39.79
N LEU G 8 3.45 25.31 38.92
CA LEU G 8 3.35 23.93 38.60
C LEU G 8 4.26 23.74 37.43
N ALA G 9 5.40 23.10 37.66
CA ALA G 9 6.41 22.93 36.62
C ALA G 9 6.74 21.51 36.42
N GLY G 10 5.78 20.66 36.54
CA GLY G 10 6.11 19.27 36.48
C GLY G 10 5.89 18.82 35.07
N GLY G 11 4.95 17.89 34.92
CA GLY G 11 4.75 17.20 33.66
C GLY G 11 6.04 16.55 33.13
N SER G 12 5.87 15.41 32.44
CA SER G 12 6.97 14.70 31.77
C SER G 12 7.55 15.43 30.56
N GLY G 13 6.72 16.27 29.91
CA GLY G 13 7.10 17.01 28.70
C GLY G 13 7.52 16.12 27.52
N THR G 14 6.58 15.29 27.02
CA THR G 14 6.86 14.27 25.99
C THR G 14 7.00 14.97 24.63
N ARG G 15 6.08 15.92 24.39
CA ARG G 15 6.08 16.77 23.20
C ARG G 15 7.50 17.39 23.05
N LEU G 16 8.28 17.20 24.13
CA LEU G 16 9.67 17.64 24.20
C LEU G 16 10.77 16.54 24.11
N HIS G 17 10.41 15.28 23.94
CA HIS G 17 11.46 14.28 23.69
C HIS G 17 12.30 14.42 22.39
N PRO G 18 13.62 14.16 22.43
CA PRO G 18 14.40 13.71 23.60
C PRO G 18 15.42 14.71 24.17
N ALA G 19 15.14 16.00 23.99
CA ALA G 19 15.95 17.10 24.51
C ALA G 19 15.70 17.16 26.01
N THR G 20 14.43 16.96 26.32
CA THR G 20 13.90 16.84 27.67
C THR G 20 14.35 15.53 28.41
N LEU G 21 14.97 14.55 27.75
CA LEU G 21 15.52 13.37 28.50
C LEU G 21 16.71 13.87 29.35
N ALA G 22 17.23 15.01 28.91
CA ALA G 22 18.40 15.69 29.48
C ALA G 22 18.02 16.49 30.72
N ILE G 23 16.90 17.14 30.56
CA ILE G 23 16.42 17.97 31.60
C ILE G 23 14.96 18.18 31.52
N SER G 24 14.42 18.83 32.51
CA SER G 24 13.01 19.18 32.39
C SER G 24 12.86 20.41 31.55
N LYS G 25 11.72 20.47 30.93
CA LYS G 25 11.31 21.51 30.04
C LYS G 25 11.43 22.89 30.64
N GLN G 26 11.12 22.98 31.90
CA GLN G 26 11.16 24.28 32.54
C GLN G 26 12.58 24.71 32.94
N LEU G 27 13.59 23.91 32.62
CA LEU G 27 14.96 24.38 32.79
C LEU G 27 15.56 24.84 31.50
N LEU G 28 14.93 24.53 30.37
CA LEU G 28 15.55 24.91 29.12
C LEU G 28 15.47 26.42 29.07
N PRO G 29 16.38 27.03 28.36
CA PRO G 29 16.31 28.47 28.20
C PRO G 29 15.28 28.94 27.23
N VAL G 30 14.81 30.16 27.48
CA VAL G 30 14.04 30.88 26.50
C VAL G 30 14.87 32.11 26.20
N TYR G 31 15.61 32.02 25.12
CA TYR G 31 16.61 32.99 24.76
C TYR G 31 17.79 33.03 25.70
N ASP G 32 17.71 33.75 26.79
CA ASP G 32 18.87 33.95 27.60
C ASP G 32 18.73 33.67 29.07
N LYS G 33 17.63 33.07 29.49
CA LYS G 33 17.49 32.72 30.88
C LYS G 33 16.53 31.53 30.92
N PRO G 34 16.50 30.82 32.01
CA PRO G 34 15.68 29.61 32.09
C PRO G 34 14.21 29.89 32.09
N MSE G 35 13.45 28.97 31.50
CA MSE G 35 12.02 29.13 31.31
C MSE G 35 11.32 29.50 32.58
O MSE G 35 10.47 30.35 32.62
CB MSE G 35 11.41 27.85 30.78
CG MSE G 35 10.02 28.03 30.26
SE MSE G 35 9.12 26.37 29.90
CE MSE G 35 10.11 25.74 28.63
N ILE G 36 11.73 28.87 33.67
CA ILE G 36 10.99 29.05 34.87
C ILE G 36 11.07 30.46 35.35
N TYR G 37 12.05 31.22 34.89
CA TYR G 37 12.15 32.61 35.33
C TYR G 37 10.94 33.40 34.93
N TYR G 38 10.34 33.07 33.81
CA TYR G 38 9.21 33.84 33.32
C TYR G 38 8.01 33.84 34.25
N PRO G 39 7.44 32.69 34.48
CA PRO G 39 6.29 32.55 35.38
C PRO G 39 6.63 32.95 36.81
N LEU G 40 7.83 32.61 37.21
CA LEU G 40 8.29 33.14 38.46
C LEU G 40 8.15 34.64 38.51
N SER G 41 8.66 35.31 37.51
CA SER G 41 8.64 36.75 37.48
C SER G 41 7.19 37.28 37.39
N THR G 42 6.32 36.50 36.79
CA THR G 42 4.91 36.86 36.77
C THR G 42 4.31 36.93 38.16
N LEU G 43 4.46 35.89 38.96
CA LEU G 43 3.95 35.96 40.31
C LEU G 43 4.62 37.14 41.00
N MSE G 44 5.91 37.30 40.81
CA MSE G 44 6.59 38.42 41.46
C MSE G 44 5.85 39.76 41.09
O MSE G 44 5.44 40.51 41.97
CB MSE G 44 8.09 38.44 41.11
CG MSE G 44 8.97 37.39 41.78
SE MSE G 44 10.61 37.01 40.95
CE MSE G 44 11.29 38.41 41.68
N LEU G 45 5.62 40.02 39.82
CA LEU G 45 4.90 41.23 39.48
C LEU G 45 3.50 41.27 40.07
N ALA G 46 2.95 40.14 40.45
CA ALA G 46 1.63 40.25 41.11
C ALA G 46 1.75 40.53 42.57
N GLY G 47 2.95 40.83 43.07
CA GLY G 47 3.09 41.09 44.47
C GLY G 47 3.26 39.86 45.30
N ILE G 48 3.46 38.70 44.72
CA ILE G 48 3.61 37.50 45.51
C ILE G 48 5.02 37.11 45.84
N ARG G 49 5.35 36.96 47.11
CA ARG G 49 6.74 36.65 47.52
C ARG G 49 6.94 35.24 48.01
N GLU G 50 5.86 34.60 48.40
CA GLU G 50 5.99 33.30 49.00
C GLU G 50 5.38 32.30 48.03
N ILE G 51 6.27 31.49 47.45
CA ILE G 51 5.95 30.63 46.34
C ILE G 51 6.40 29.20 46.45
N LEU G 52 5.48 28.30 46.15
CA LEU G 52 5.77 26.88 46.15
C LEU G 52 5.94 26.35 44.76
N ILE G 53 7.05 25.67 44.53
CA ILE G 53 7.34 25.13 43.21
C ILE G 53 7.23 23.62 43.14
N ILE G 54 6.35 23.16 42.28
CA ILE G 54 6.03 21.75 42.22
C ILE G 54 6.55 21.12 40.97
N SER G 55 7.25 20.02 41.10
CA SER G 55 7.76 19.40 39.94
C SER G 55 7.88 17.90 40.07
N THR G 56 8.52 17.27 39.10
CA THR G 56 8.75 15.85 39.19
C THR G 56 9.85 15.61 40.17
N PRO G 57 9.94 14.36 40.61
CA PRO G 57 10.90 13.92 41.59
C PRO G 57 12.30 14.09 41.10
N GLN G 58 12.46 13.77 39.84
CA GLN G 58 13.78 13.94 39.25
C GLN G 58 14.14 15.42 39.00
N ASP G 59 13.15 16.28 38.80
CA ASP G 59 13.43 17.68 38.52
C ASP G 59 13.52 18.65 39.70
N THR G 60 12.84 18.35 40.81
CA THR G 60 12.90 19.14 42.03
C THR G 60 14.27 19.56 42.47
N PRO G 61 15.15 18.60 42.69
CA PRO G 61 16.50 18.96 43.12
C PRO G 61 17.11 20.03 42.25
N ARG G 62 16.87 19.92 40.97
CA ARG G 62 17.50 20.85 40.06
C ARG G 62 16.98 22.23 40.20
N PHE G 63 15.67 22.34 40.22
CA PHE G 63 15.08 23.62 40.46
C PHE G 63 15.67 24.18 41.71
N GLN G 64 15.75 23.34 42.74
CA GLN G 64 16.28 23.76 44.00
C GLN G 64 17.73 24.20 43.85
N GLN G 65 18.49 23.46 43.07
CA GLN G 65 19.88 23.80 42.83
C GLN G 65 19.99 25.15 42.16
N LEU G 66 18.97 25.51 41.42
CA LEU G 66 19.00 26.78 40.73
C LEU G 66 18.47 28.02 41.48
N LEU G 67 17.37 27.88 42.19
CA LEU G 67 16.75 29.03 42.85
C LEU G 67 16.96 29.13 44.30
N GLY G 68 17.39 28.08 44.95
CA GLY G 68 17.61 28.15 46.36
C GLY G 68 16.32 28.37 47.09
N ASP G 69 16.41 28.96 48.26
CA ASP G 69 15.27 29.19 49.07
C ASP G 69 14.67 30.56 48.75
N GLY G 70 15.23 31.26 47.80
CA GLY G 70 14.74 32.59 47.46
C GLY G 70 15.18 33.80 48.25
N SER G 71 15.85 33.57 49.35
CA SER G 71 16.29 34.68 50.19
C SER G 71 17.14 35.70 49.43
N ASN G 72 18.02 35.25 48.56
CA ASN G 72 18.81 36.22 47.79
C ASN G 72 17.98 37.15 46.90
N TRP G 73 16.78 36.75 46.48
CA TRP G 73 15.91 37.64 45.75
C TRP G 73 14.76 38.21 46.58
N GLY G 74 14.85 38.16 47.90
CA GLY G 74 13.73 38.60 48.71
C GLY G 74 12.49 37.71 48.63
N LEU G 75 12.65 36.48 48.17
CA LEU G 75 11.51 35.64 48.19
C LEU G 75 11.61 34.58 49.25
N ASP G 76 10.55 33.82 49.34
CA ASP G 76 10.52 32.65 50.16
C ASP G 76 10.04 31.51 49.28
N LEU G 77 10.97 30.70 48.82
CA LEU G 77 10.63 29.58 47.98
C LEU G 77 10.66 28.21 48.59
N GLN G 78 9.61 27.45 48.33
CA GLN G 78 9.56 26.11 48.82
C GLN G 78 9.30 25.15 47.70
N TYR G 79 9.56 23.87 47.94
CA TYR G 79 9.43 22.84 46.90
C TYR G 79 8.57 21.63 47.29
N ALA G 80 8.02 20.99 46.30
CA ALA G 80 7.18 19.85 46.54
C ALA G 80 7.20 19.07 45.27
N VAL G 81 6.76 17.85 45.34
CA VAL G 81 6.80 16.94 44.24
C VAL G 81 5.46 16.44 43.77
N GLN G 82 5.35 16.22 42.46
CA GLN G 82 4.16 15.67 41.84
C GLN G 82 4.60 14.36 41.23
N PRO G 83 4.46 13.28 41.97
CA PRO G 83 4.91 11.96 41.54
C PRO G 83 4.43 11.54 40.19
N SER G 84 3.24 11.99 39.83
CA SER G 84 2.67 11.62 38.54
C SER G 84 1.65 12.61 38.01
N PRO G 85 1.70 12.87 36.71
CA PRO G 85 0.94 13.95 36.09
C PRO G 85 -0.54 13.65 36.00
N ASP G 86 -1.23 13.78 37.13
CA ASP G 86 -2.67 13.55 37.24
C ASP G 86 -3.61 14.75 37.22
N GLY G 87 -3.12 15.88 36.69
CA GLY G 87 -3.91 17.10 36.54
C GLY G 87 -3.32 18.27 37.32
N LEU G 88 -3.36 19.45 36.72
CA LEU G 88 -2.97 20.65 37.42
C LEU G 88 -3.70 20.81 38.72
N ALA G 89 -4.92 20.32 38.80
CA ALA G 89 -5.68 20.57 40.02
C ALA G 89 -5.05 19.91 41.24
N GLN G 90 -4.28 18.87 41.01
CA GLN G 90 -3.57 18.25 42.10
C GLN G 90 -2.68 19.25 42.84
N ALA G 91 -2.26 20.26 42.14
CA ALA G 91 -1.42 21.23 42.80
C ALA G 91 -2.07 21.63 44.14
N PHE G 92 -3.38 21.81 44.15
CA PHE G 92 -4.03 22.29 45.37
C PHE G 92 -4.11 21.27 46.46
N LEU G 93 -4.11 19.99 46.12
CA LEU G 93 -3.93 18.97 47.15
C LEU G 93 -2.48 18.91 47.53
N ILE G 94 -1.61 18.68 46.57
CA ILE G 94 -0.20 18.70 46.95
C ILE G 94 0.12 19.93 47.77
N GLY G 95 -0.45 21.08 47.44
CA GLY G 95 -0.05 22.32 48.11
C GLY G 95 -0.99 22.78 49.22
N GLU G 96 -1.95 21.92 49.57
CA GLU G 96 -2.90 22.20 50.67
C GLU G 96 -2.31 22.77 51.94
N SER G 97 -1.23 22.21 52.45
CA SER G 97 -0.79 22.79 53.71
C SER G 97 -0.01 24.06 53.48
N PHE G 98 0.65 24.19 52.34
CA PHE G 98 1.47 25.36 52.08
C PHE G 98 0.52 26.54 51.98
N ILE G 99 -0.65 26.30 51.44
CA ILE G 99 -1.62 27.37 51.32
C ILE G 99 -2.22 27.75 52.67
N GLY G 100 -2.57 26.75 53.47
CA GLY G 100 -3.26 26.99 54.70
C GLY G 100 -4.54 27.75 54.49
N ASN G 101 -4.77 28.74 55.32
CA ASN G 101 -5.98 29.52 55.15
C ASN G 101 -5.82 30.83 54.36
N ASP G 102 -4.86 30.90 53.45
CA ASP G 102 -4.67 32.08 52.63
C ASP G 102 -5.26 32.07 51.21
N LEU G 103 -5.20 33.23 50.55
CA LEU G 103 -5.57 33.40 49.15
C LEU G 103 -4.40 32.87 48.37
N SER G 104 -4.62 32.49 47.12
CA SER G 104 -3.52 31.89 46.35
C SER G 104 -3.60 32.15 44.87
N ALA G 105 -2.55 31.72 44.20
CA ALA G 105 -2.47 31.86 42.79
C ALA G 105 -1.62 30.72 42.26
N LEU G 106 -1.98 30.29 41.05
CA LEU G 106 -1.33 29.18 40.38
C LEU G 106 -0.92 29.60 38.99
N VAL G 107 0.34 29.39 38.67
CA VAL G 107 0.76 29.64 37.31
C VAL G 107 1.53 28.42 36.74
N LEU G 108 1.28 28.09 35.49
CA LEU G 108 1.95 26.98 34.85
C LEU G 108 3.29 27.36 34.36
N GLY G 109 4.25 26.45 34.47
CA GLY G 109 5.63 26.73 34.14
C GLY G 109 6.04 27.01 32.72
N ASP G 110 5.15 26.86 31.77
CA ASP G 110 5.54 27.08 30.39
C ASP G 110 4.68 28.15 29.75
N ASN G 111 4.14 29.01 30.59
CA ASN G 111 3.36 30.09 30.11
C ASN G 111 4.22 31.28 30.29
N LEU G 112 4.19 32.13 29.29
CA LEU G 112 5.08 33.26 29.22
C LEU G 112 4.22 34.47 28.80
N TYR G 113 4.33 35.56 29.56
CA TYR G 113 3.49 36.73 29.44
C TYR G 113 4.31 38.02 29.22
N TYR G 114 3.91 38.88 28.31
CA TYR G 114 4.61 40.16 28.03
C TYR G 114 3.64 41.28 27.59
N GLY G 115 3.93 42.50 28.03
CA GLY G 115 3.11 43.65 27.73
C GLY G 115 2.91 44.76 28.75
N HIS G 116 2.51 45.89 28.19
CA HIS G 116 2.31 47.12 28.92
C HIS G 116 1.27 47.06 30.01
N ASP G 117 1.64 47.52 31.18
CA ASP G 117 0.76 47.51 32.34
C ASP G 117 0.37 46.16 32.85
N PHE G 118 1.12 45.14 32.47
CA PHE G 118 0.88 43.80 32.95
C PHE G 118 0.66 43.78 34.45
N HIS G 119 1.34 44.64 35.11
CA HIS G 119 1.26 44.58 36.50
C HIS G 119 0.01 45.19 37.12
N GLU G 120 -0.63 46.14 36.47
CA GLU G 120 -1.89 46.63 36.94
C GLU G 120 -2.93 45.54 36.69
N LEU G 121 -2.81 44.89 35.55
CA LEU G 121 -3.67 43.78 35.20
C LEU G 121 -3.58 42.71 36.25
N LEU G 122 -2.37 42.35 36.58
CA LEU G 122 -2.20 41.36 37.60
C LEU G 122 -2.73 41.82 38.91
N GLY G 123 -2.48 43.09 39.21
CA GLY G 123 -2.96 43.73 40.41
C GLY G 123 -4.43 43.68 40.63
N SER G 124 -5.22 43.84 39.58
CA SER G 124 -6.65 43.79 39.82
C SER G 124 -6.97 42.51 40.49
N ALA G 125 -6.68 41.43 39.79
CA ALA G 125 -7.01 40.11 40.24
C ALA G 125 -6.43 39.76 41.59
N SER G 126 -5.16 40.10 41.79
CA SER G 126 -4.49 39.75 43.04
C SER G 126 -5.09 40.39 44.26
N GLN G 127 -5.64 41.58 44.10
CA GLN G 127 -6.16 42.28 45.22
C GLN G 127 -7.56 41.90 45.52
N ARG G 128 -8.21 41.14 44.65
CA ARG G 128 -9.52 40.64 45.00
C ARG G 128 -9.34 39.65 46.12
N GLN G 129 -10.36 39.53 46.95
CA GLN G 129 -10.25 38.70 48.10
C GLN G 129 -11.33 37.65 48.16
N THR G 130 -11.92 37.34 47.04
CA THR G 130 -13.05 36.42 47.05
C THR G 130 -13.27 35.89 45.67
N GLY G 131 -13.79 34.70 45.56
CA GLY G 131 -13.96 34.14 44.26
C GLY G 131 -12.67 33.76 43.59
N ALA G 132 -12.75 33.52 42.30
CA ALA G 132 -11.57 33.29 41.51
C ALA G 132 -11.51 34.21 40.31
N SER G 133 -10.31 34.50 39.84
CA SER G 133 -10.17 35.22 38.59
C SER G 133 -9.26 34.51 37.61
N VAL G 134 -9.65 34.48 36.35
CA VAL G 134 -8.80 33.95 35.28
C VAL G 134 -8.70 34.98 34.12
N PHE G 135 -7.80 34.76 33.17
CA PHE G 135 -7.73 35.62 32.00
C PHE G 135 -8.05 34.91 30.67
N ALA G 136 -8.64 35.63 29.74
CA ALA G 136 -9.01 35.04 28.46
C ALA G 136 -8.37 35.77 27.30
N TYR G 137 -7.84 34.97 26.39
CA TYR G 137 -7.01 35.51 25.35
C TYR G 137 -7.41 34.89 24.06
N HIS G 138 -7.72 35.71 23.09
CA HIS G 138 -8.09 35.25 21.75
C HIS G 138 -6.92 34.53 21.10
N VAL G 139 -7.16 33.35 20.56
CA VAL G 139 -6.09 32.56 19.94
C VAL G 139 -6.56 31.85 18.70
N LEU G 140 -5.61 31.36 17.91
CA LEU G 140 -5.94 30.68 16.67
C LEU G 140 -6.45 29.25 16.82
N ASP G 141 -5.94 28.55 17.80
CA ASP G 141 -6.38 27.19 18.07
C ASP G 141 -6.93 26.94 19.47
N PRO G 142 -8.08 27.46 19.76
CA PRO G 142 -8.67 27.25 21.05
C PRO G 142 -8.79 25.77 21.41
N GLU G 143 -9.02 24.90 20.44
CA GLU G 143 -9.19 23.48 20.77
C GLU G 143 -8.16 22.91 21.74
N ARG G 144 -6.98 23.53 21.81
CA ARG G 144 -5.87 23.01 22.56
C ARG G 144 -5.95 23.43 24.00
N TYR G 145 -6.90 24.30 24.32
CA TYR G 145 -6.96 24.86 25.68
C TYR G 145 -8.33 24.81 26.32
N GLY G 146 -8.37 25.22 27.59
CA GLY G 146 -9.65 25.43 28.25
C GLY G 146 -10.26 26.60 27.48
N VAL G 147 -11.52 26.54 27.09
CA VAL G 147 -12.13 27.61 26.30
C VAL G 147 -13.30 28.18 27.05
N VAL G 148 -13.42 29.50 27.08
CA VAL G 148 -14.53 30.17 27.75
C VAL G 148 -15.44 30.95 26.79
N GLU G 149 -16.76 30.83 27.00
CA GLU G 149 -17.71 31.45 26.10
C GLU G 149 -18.37 32.62 26.76
N PHE G 150 -18.59 33.70 26.02
CA PHE G 150 -19.24 34.86 26.61
C PHE G 150 -20.61 35.09 25.97
N ASP G 151 -21.48 35.76 26.69
CA ASP G 151 -22.70 36.19 26.04
C ASP G 151 -22.54 37.58 25.44
N GLN G 152 -23.63 38.07 24.90
CA GLN G 152 -23.64 39.34 24.18
C GLN G 152 -23.31 40.44 25.12
N GLY G 153 -23.41 40.12 26.39
CA GLY G 153 -23.24 41.13 27.38
C GLY G 153 -21.86 41.10 27.93
N GLY G 154 -20.99 40.24 27.40
CA GLY G 154 -19.62 40.20 27.89
C GLY G 154 -19.46 39.33 29.11
N LYS G 155 -20.53 38.68 29.47
CA LYS G 155 -20.49 37.80 30.62
C LYS G 155 -20.14 36.32 30.29
N ALA G 156 -19.35 35.70 31.16
CA ALA G 156 -18.93 34.35 30.92
C ALA G 156 -20.09 33.41 31.19
N ILE G 157 -20.34 32.48 30.27
CA ILE G 157 -21.39 31.51 30.52
C ILE G 157 -21.04 30.05 30.29
N SER G 158 -19.80 29.75 29.92
CA SER G 158 -19.31 28.35 29.98
C SER G 158 -17.82 28.17 29.83
N LEU G 159 -17.37 26.97 30.18
CA LEU G 159 -16.00 26.64 30.08
C LEU G 159 -15.88 25.21 29.69
N GLU G 160 -15.16 24.91 28.62
CA GLU G 160 -14.94 23.53 28.19
C GLU G 160 -13.46 23.33 28.02
N GLU G 161 -12.91 22.21 28.45
CA GLU G 161 -11.49 21.91 28.28
C GLU G 161 -11.25 21.19 26.98
N LYS G 162 -10.37 21.71 26.14
CA LYS G 162 -10.03 21.09 24.87
C LYS G 162 -11.18 20.53 24.09
N PRO G 163 -12.14 21.33 23.78
CA PRO G 163 -13.28 20.87 22.99
C PRO G 163 -13.02 20.61 21.54
N LEU G 164 -13.64 19.61 20.93
CA LEU G 164 -13.54 19.44 19.47
C LEU G 164 -14.22 20.59 18.73
N GLU G 165 -15.26 21.18 19.33
CA GLU G 165 -15.95 22.28 18.72
C GLU G 165 -16.05 23.49 19.66
N PRO G 166 -15.00 24.30 19.70
CA PRO G 166 -14.96 25.44 20.62
C PRO G 166 -16.03 26.41 20.41
N LYS G 167 -16.62 26.91 21.46
CA LYS G 167 -17.67 27.90 21.26
C LYS G 167 -17.12 29.31 21.07
N SER G 168 -15.84 29.52 21.31
CA SER G 168 -15.26 30.78 20.96
C SER G 168 -13.83 30.56 20.67
N ASN G 169 -13.16 31.66 20.37
CA ASN G 169 -11.73 31.66 20.19
C ASN G 169 -10.98 32.19 21.44
N TYR G 170 -11.68 32.30 22.55
CA TYR G 170 -11.01 32.72 23.79
C TYR G 170 -10.51 31.56 24.66
N ALA G 171 -9.21 31.46 24.80
CA ALA G 171 -8.64 30.43 25.67
C ALA G 171 -8.42 31.01 27.04
N VAL G 172 -8.40 30.16 28.04
CA VAL G 172 -8.14 30.61 29.41
C VAL G 172 -6.69 30.30 29.64
N THR G 173 -5.89 31.26 30.04
CA THR G 173 -4.46 31.02 30.15
C THR G 173 -4.10 30.34 31.43
N GLY G 174 -2.87 29.92 31.52
CA GLY G 174 -2.42 29.24 32.70
C GLY G 174 -1.91 30.05 33.86
N LEU G 175 -2.70 31.02 34.24
CA LEU G 175 -2.48 31.85 35.39
C LEU G 175 -3.82 31.91 36.13
N TYR G 176 -3.92 31.50 37.38
CA TYR G 176 -5.22 31.48 38.04
C TYR G 176 -5.15 32.07 39.45
N PHE G 177 -6.10 32.93 39.84
CA PHE G 177 -6.14 33.49 41.20
C PHE G 177 -7.35 32.87 41.98
N TYR G 178 -7.15 32.45 43.24
CA TYR G 178 -8.18 31.77 44.03
C TYR G 178 -8.25 32.25 45.47
N ASP G 179 -9.45 32.24 46.02
CA ASP G 179 -9.72 32.55 47.41
C ASP G 179 -9.64 31.28 48.22
N GLN G 180 -10.20 31.26 49.41
CA GLN G 180 -9.98 30.12 50.29
C GLN G 180 -10.86 28.93 49.98
N GLN G 181 -11.74 29.00 49.00
CA GLN G 181 -12.54 27.83 48.68
C GLN G 181 -11.86 26.78 47.78
N VAL G 182 -10.68 27.07 47.24
CA VAL G 182 -10.13 26.20 46.21
C VAL G 182 -9.76 24.82 46.70
N VAL G 183 -9.01 24.72 47.75
CA VAL G 183 -8.62 23.43 48.24
C VAL G 183 -9.81 22.46 48.36
N ASP G 184 -10.83 22.82 49.15
CA ASP G 184 -12.01 21.95 49.28
C ASP G 184 -12.63 21.67 47.95
N ILE G 185 -12.75 22.68 47.09
CA ILE G 185 -13.28 22.37 45.79
C ILE G 185 -12.44 21.32 45.11
N ALA G 186 -11.14 21.46 45.21
CA ALA G 186 -10.32 20.48 44.57
C ALA G 186 -10.50 19.08 45.19
N ARG G 187 -10.77 19.04 46.50
CA ARG G 187 -10.93 17.77 47.20
C ARG G 187 -12.10 16.97 46.73
N ASP G 188 -13.07 17.58 46.09
CA ASP G 188 -14.18 16.80 45.54
C ASP G 188 -14.12 16.49 44.05
N LEU G 189 -13.00 16.68 43.40
CA LEU G 189 -13.02 16.48 41.97
C LEU G 189 -12.84 15.03 41.70
N LYS G 190 -13.33 14.60 40.56
CA LYS G 190 -13.09 13.24 40.13
C LYS G 190 -12.38 13.35 38.86
N PRO G 191 -11.48 12.42 38.63
CA PRO G 191 -10.61 12.46 37.47
C PRO G 191 -11.46 12.52 36.26
N SER G 192 -10.98 13.24 35.27
CA SER G 192 -11.74 13.39 34.06
C SER G 192 -11.58 12.09 33.30
N PRO G 193 -12.24 11.96 32.16
CA PRO G 193 -12.08 10.76 31.36
C PRO G 193 -10.63 10.69 31.04
N ARG G 194 -10.16 11.84 30.56
CA ARG G 194 -8.77 12.06 30.28
C ARG G 194 -7.92 11.61 31.47
N GLY G 195 -8.58 11.29 32.57
CA GLY G 195 -7.88 10.74 33.73
C GLY G 195 -7.05 11.77 34.47
N GLU G 196 -7.52 13.00 34.54
CA GLU G 196 -6.77 14.00 35.26
C GLU G 196 -7.72 14.77 36.12
N LEU G 197 -7.22 15.38 37.18
CA LEU G 197 -7.99 16.39 37.89
C LEU G 197 -7.75 17.71 37.23
N GLU G 198 -8.78 18.24 36.59
CA GLU G 198 -8.74 19.46 35.80
C GLU G 198 -9.00 20.76 36.48
N ILE G 199 -8.08 21.70 36.28
CA ILE G 199 -8.29 23.09 36.63
C ILE G 199 -9.58 23.62 36.03
N THR G 200 -9.91 23.17 34.84
CA THR G 200 -11.11 23.68 34.23
C THR G 200 -12.28 23.36 35.12
N ASP G 201 -12.34 22.15 35.68
CA ASP G 201 -13.40 21.78 36.60
C ASP G 201 -13.35 22.67 37.83
N VAL G 202 -12.17 22.93 38.35
CA VAL G 202 -12.15 23.90 39.45
C VAL G 202 -12.78 25.28 39.03
N ASN G 203 -12.43 25.76 37.84
CA ASN G 203 -12.92 27.05 37.43
C ASN G 203 -14.42 27.03 37.22
N ARG G 204 -14.89 25.89 36.78
CA ARG G 204 -16.30 25.73 36.50
C ARG G 204 -17.13 25.67 37.76
N ALA G 205 -16.55 25.07 38.76
CA ALA G 205 -17.19 25.12 40.05
C ALA G 205 -17.44 26.58 40.47
N TYR G 206 -16.43 27.46 40.39
CA TYR G 206 -16.62 28.84 40.80
C TYR G 206 -17.66 29.51 39.92
N LEU G 207 -17.70 29.04 38.68
CA LEU G 207 -18.61 29.63 37.72
C LEU G 207 -20.04 29.31 38.16
N GLU G 208 -20.29 28.02 38.33
CA GLU G 208 -21.60 27.58 38.75
C GLU G 208 -22.09 28.31 40.00
N ARG G 209 -21.19 28.86 40.81
CA ARG G 209 -21.61 29.68 41.94
C ARG G 209 -21.68 31.17 41.71
N GLY G 210 -21.49 31.63 40.50
CA GLY G 210 -21.49 33.06 40.28
C GLY G 210 -20.25 33.77 40.80
N GLN G 211 -19.16 33.04 41.01
CA GLN G 211 -17.98 33.65 41.61
C GLN G 211 -16.71 33.58 40.76
N LEU G 212 -16.87 33.39 39.46
CA LEU G 212 -15.70 33.31 38.62
C LEU G 212 -15.56 34.62 37.91
N SER G 213 -14.44 35.28 38.06
CA SER G 213 -14.20 36.49 37.34
C SER G 213 -13.23 36.25 36.17
N VAL G 214 -13.67 36.67 34.99
CA VAL G 214 -12.93 36.40 33.80
C VAL G 214 -12.61 37.70 33.12
N GLU G 215 -11.35 38.14 33.20
CA GLU G 215 -10.91 39.36 32.56
C GLU G 215 -10.30 39.10 31.21
N ILE G 216 -10.55 40.00 30.29
CA ILE G 216 -9.92 39.86 29.01
C ILE G 216 -8.49 40.31 28.98
N MSE G 217 -7.58 39.50 28.47
CA MSE G 217 -6.22 39.92 28.17
C MSE G 217 -6.23 40.26 26.68
O MSE G 217 -6.29 39.40 25.80
CB MSE G 217 -5.26 38.79 28.47
CG MSE G 217 -3.85 39.08 28.26
SE MSE G 217 -2.79 37.56 28.52
CE MSE G 217 -2.73 37.76 30.11
N GLY G 218 -6.20 41.55 26.37
CA GLY G 218 -6.17 42.04 25.00
C GLY G 218 -5.00 41.65 24.12
N ARG G 219 -5.24 41.84 22.84
CA ARG G 219 -4.36 41.40 21.77
C ARG G 219 -3.08 42.16 21.78
N GLY G 220 -3.07 43.19 22.60
CA GLY G 220 -1.87 43.91 22.86
C GLY G 220 -0.90 43.27 23.80
N TYR G 221 -1.29 42.21 24.51
CA TYR G 221 -0.34 41.45 25.25
C TYR G 221 0.04 40.25 24.40
N ALA G 222 1.08 39.58 24.86
CA ALA G 222 1.58 38.37 24.25
C ALA G 222 1.59 37.33 25.29
N TRP G 223 0.92 36.23 24.96
CA TRP G 223 0.82 35.07 25.79
C TRP G 223 1.33 33.96 24.88
N LEU G 224 2.44 33.38 25.26
CA LEU G 224 3.02 32.29 24.50
C LEU G 224 3.19 31.09 25.35
N ASP G 225 3.03 29.90 24.81
CA ASP G 225 3.42 28.76 25.64
C ASP G 225 4.60 28.08 24.98
N THR G 226 5.46 27.56 25.82
CA THR G 226 6.69 27.06 25.34
C THR G 226 6.72 25.59 25.40
N GLY G 227 5.62 24.95 25.00
CA GLY G 227 5.54 23.52 25.12
C GLY G 227 6.12 22.64 24.06
N THR G 228 6.27 23.12 22.83
CA THR G 228 6.84 22.36 21.74
C THR G 228 8.16 22.95 21.32
N HIS G 229 8.95 22.17 20.60
CA HIS G 229 10.17 22.65 20.05
C HIS G 229 9.93 23.93 19.30
N ASP G 230 8.94 23.95 18.42
CA ASP G 230 8.71 25.12 17.68
C ASP G 230 8.42 26.28 18.52
N SER G 231 7.47 26.12 19.43
CA SER G 231 6.98 27.29 20.15
C SER G 231 8.10 27.83 21.00
N LEU G 232 8.90 26.93 21.51
CA LEU G 232 10.05 27.28 22.31
C LEU G 232 10.93 28.19 21.51
N LEU G 233 11.18 27.77 20.30
CA LEU G 233 11.98 28.53 19.41
C LEU G 233 11.37 29.85 19.02
N GLU G 234 10.06 29.90 18.83
CA GLU G 234 9.46 31.18 18.49
C GLU G 234 9.57 32.17 19.66
N ALA G 235 9.44 31.66 20.88
CA ALA G 235 9.44 32.49 22.05
C ALA G 235 10.82 33.04 22.28
N GLY G 236 11.78 32.17 22.02
CA GLY G 236 13.16 32.57 22.16
C GLY G 236 13.47 33.73 21.25
N GLN G 237 12.99 33.66 20.01
CA GLN G 237 13.21 34.77 19.07
C GLN G 237 12.38 36.01 19.42
N PHE G 238 11.27 35.82 20.10
CA PHE G 238 10.44 36.93 20.50
C PHE G 238 11.10 37.77 21.58
N ILE G 239 11.56 37.09 22.62
CA ILE G 239 12.28 37.77 23.68
C ILE G 239 13.56 38.41 23.13
N ALA G 240 14.35 37.67 22.38
CA ALA G 240 15.55 38.26 21.79
C ALA G 240 15.29 39.54 21.00
N THR G 241 14.23 39.58 20.21
CA THR G 241 13.98 40.81 19.47
C THR G 241 13.74 41.95 20.47
N LEU G 242 12.89 41.73 21.47
CA LEU G 242 12.61 42.76 22.44
C LEU G 242 13.84 43.16 23.20
N GLU G 243 14.54 42.17 23.76
CA GLU G 243 15.69 42.52 24.59
C GLU G 243 16.78 43.25 23.81
N ASN G 244 17.10 42.80 22.60
CA ASN G 244 18.11 43.49 21.81
C ASN G 244 17.79 44.89 21.36
N ARG G 245 16.51 45.20 21.30
CA ARG G 245 16.11 46.50 20.86
C ARG G 245 16.14 47.46 22.03
N GLN G 246 15.77 47.00 23.21
CA GLN G 246 15.55 47.89 24.34
C GLN G 246 16.77 48.04 25.25
N GLY G 247 17.65 47.06 25.22
CA GLY G 247 18.72 47.07 26.20
C GLY G 247 18.15 46.77 27.58
N LEU G 248 16.98 46.14 27.65
CA LEU G 248 16.38 45.79 28.91
C LEU G 248 16.04 44.33 28.86
N LYS G 249 15.86 43.69 29.99
CA LYS G 249 15.55 42.30 29.95
C LYS G 249 14.08 42.03 30.28
N VAL G 250 13.51 40.94 29.80
CA VAL G 250 12.17 40.58 30.21
C VAL G 250 12.32 39.52 31.24
N ALA G 251 11.47 39.57 32.25
CA ALA G 251 11.48 38.61 33.33
C ALA G 251 12.81 38.32 34.02
N CYS G 252 13.49 39.37 34.47
CA CYS G 252 14.72 39.19 35.22
C CYS G 252 14.35 39.40 36.65
N PRO G 253 14.29 38.32 37.39
CA PRO G 253 13.85 38.35 38.77
C PRO G 253 14.65 39.25 39.67
N GLU G 254 15.94 39.42 39.41
CA GLU G 254 16.68 40.30 40.24
C GLU G 254 16.21 41.72 40.11
N GLU G 255 15.96 42.11 38.89
CA GLU G 255 15.58 43.47 38.63
C GLU G 255 14.26 43.72 39.28
N ILE G 256 13.40 42.74 39.27
CA ILE G 256 12.06 42.99 39.73
C ILE G 256 12.05 43.17 41.20
N ALA G 257 12.75 42.27 41.89
CA ALA G 257 12.97 42.37 43.32
C ALA G 257 13.55 43.71 43.68
N TYR G 258 14.53 44.15 42.94
CA TYR G 258 15.11 45.44 43.19
C TYR G 258 14.05 46.53 42.98
N ARG G 259 13.16 46.40 42.03
CA ARG G 259 12.23 47.49 41.85
C ARG G 259 11.14 47.53 42.87
N GLN G 260 10.76 46.38 43.38
CA GLN G 260 9.78 46.34 44.45
C GLN G 260 10.39 46.60 45.80
N LYS G 261 11.65 46.97 45.84
CA LYS G 261 12.34 47.11 47.12
C LYS G 261 12.32 45.86 47.97
N TRP G 262 12.37 44.66 47.39
CA TRP G 262 12.48 43.44 48.19
C TRP G 262 13.92 43.18 48.45
N ILE G 263 14.80 43.84 47.74
CA ILE G 263 16.19 43.70 48.03
C ILE G 263 16.66 45.11 47.81
N ASP G 264 17.86 45.45 48.26
CA ASP G 264 18.37 46.83 48.10
C ASP G 264 19.61 46.90 47.20
N ALA G 265 20.08 48.10 46.92
CA ALA G 265 21.23 48.26 46.03
C ALA G 265 22.40 47.36 46.40
N ALA G 266 22.62 47.20 47.69
CA ALA G 266 23.73 46.38 48.10
C ALA G 266 23.51 44.93 47.71
N GLN G 267 22.31 44.41 47.95
CA GLN G 267 22.05 43.01 47.65
C GLN G 267 22.21 42.78 46.18
N LEU G 268 21.75 43.76 45.44
CA LEU G 268 21.83 43.67 44.01
C LEU G 268 23.26 43.58 43.55
N GLU G 269 24.12 44.38 44.16
CA GLU G 269 25.52 44.34 43.79
C GLU G 269 26.15 42.99 44.05
N LYS G 270 25.77 42.42 45.17
CA LYS G 270 26.27 41.13 45.55
C LYS G 270 25.81 40.10 44.54
N LEU G 271 24.56 40.18 44.11
CA LEU G 271 24.06 39.28 43.07
C LEU G 271 24.77 39.41 41.72
N ALA G 272 25.23 40.61 41.40
CA ALA G 272 25.92 40.84 40.16
C ALA G 272 27.36 40.38 40.10
N ALA G 273 28.07 40.41 41.21
CA ALA G 273 29.50 40.08 41.22
C ALA G 273 29.86 38.76 40.55
N PRO G 274 29.26 37.70 41.01
CA PRO G 274 29.52 36.39 40.46
C PRO G 274 29.12 36.26 39.04
N LEU G 275 28.31 37.18 38.54
CA LEU G 275 27.95 37.12 37.14
C LEU G 275 28.70 38.12 36.24
N ALA G 276 29.68 38.82 36.80
CA ALA G 276 30.29 39.95 36.08
C ALA G 276 30.95 39.63 34.74
N LYS G 277 31.41 38.41 34.56
CA LYS G 277 32.05 38.05 33.32
C LYS G 277 31.07 38.04 32.16
N ASN G 278 29.78 37.97 32.43
CA ASN G 278 28.82 38.07 31.33
C ASN G 278 27.73 39.10 31.45
N GLY G 279 27.06 39.29 30.32
CA GLY G 279 26.06 40.31 30.13
C GLY G 279 24.98 40.37 31.15
N TYR G 280 24.60 39.23 31.68
CA TYR G 280 23.56 39.19 32.68
C TYR G 280 23.95 40.04 33.86
N GLY G 281 25.14 39.76 34.39
CA GLY G 281 25.66 40.54 35.50
C GLY G 281 26.01 41.95 35.07
N GLN G 282 26.48 42.09 33.85
CA GLN G 282 26.75 43.44 33.35
C GLN G 282 25.41 44.18 33.42
N TYR G 283 24.31 43.50 33.07
CA TYR G 283 23.01 44.12 33.05
C TYR G 283 22.61 44.49 34.48
N LEU G 284 22.84 43.56 35.39
CA LEU G 284 22.46 43.84 36.76
C LEU G 284 23.15 45.04 37.29
N LYS G 285 24.44 45.17 36.98
CA LYS G 285 25.20 46.34 37.42
C LYS G 285 24.67 47.63 36.85
N ARG G 286 24.40 47.63 35.56
CA ARG G 286 23.98 48.86 34.93
C ARG G 286 22.69 49.39 35.56
N LEU G 287 21.93 48.46 36.13
CA LEU G 287 20.67 48.80 36.71
C LEU G 287 20.83 49.66 37.92
N LEU G 288 21.98 49.60 38.57
CA LEU G 288 22.18 50.41 39.76
C LEU G 288 22.51 51.84 39.46
N THR G 289 22.79 52.16 38.20
CA THR G 289 23.10 53.53 37.81
C THR G 289 22.22 54.16 36.76
N GLU G 290 21.07 53.61 36.46
CA GLU G 290 20.28 54.19 35.40
C GLU G 290 18.92 54.12 35.89
N THR G 291 18.19 55.17 35.70
CA THR G 291 16.81 55.14 36.04
C THR G 291 16.08 54.54 34.87
N VAL G 292 15.13 53.65 35.13
CA VAL G 292 14.35 53.04 34.07
C VAL G 292 12.90 53.18 34.41
N TYR G 293 12.21 54.00 33.67
CA TYR G 293 10.83 54.28 33.99
C TYR G 293 9.94 53.15 33.60
N LYS H 2 42.08 1.67 13.21
CA LYS H 2 41.06 2.04 14.21
C LYS H 2 41.46 3.31 14.87
N ARG H 3 40.59 4.30 14.74
CA ARG H 3 40.68 5.59 15.37
C ARG H 3 39.70 5.67 16.48
N LYS H 4 40.10 6.34 17.55
CA LYS H 4 39.24 6.50 18.69
C LYS H 4 38.89 7.92 18.77
N GLY H 5 37.78 8.20 19.45
CA GLY H 5 37.26 9.55 19.50
C GLY H 5 37.07 10.14 20.86
N ILE H 6 37.16 11.46 20.92
CA ILE H 6 36.97 12.17 22.17
C ILE H 6 36.07 13.35 21.97
N ILE H 7 35.14 13.51 22.89
CA ILE H 7 34.30 14.69 22.87
C ILE H 7 34.62 15.44 24.09
N LEU H 8 35.14 16.64 23.91
CA LEU H 8 35.49 17.47 25.01
C LEU H 8 34.28 18.30 25.22
N ALA H 9 33.57 18.02 26.30
CA ALA H 9 32.32 18.71 26.57
C ALA H 9 32.34 19.30 27.92
N GLY H 10 33.42 19.95 28.26
CA GLY H 10 33.49 20.46 29.60
C GLY H 10 33.04 21.91 29.62
N GLY H 11 33.78 22.69 30.39
CA GLY H 11 33.50 24.10 30.52
C GLY H 11 32.46 24.57 31.53
N SER H 12 32.55 25.88 31.66
CA SER H 12 31.64 26.74 32.39
C SER H 12 30.22 26.80 31.85
N GLY H 13 30.14 27.14 30.58
CA GLY H 13 28.91 27.58 29.99
C GLY H 13 28.64 28.97 30.58
N THR H 14 29.68 29.69 31.03
CA THR H 14 29.49 31.04 31.62
C THR H 14 28.82 31.96 30.62
N ARG H 15 29.20 31.85 29.35
CA ARG H 15 28.65 32.71 28.28
C ARG H 15 27.14 32.50 28.14
N LEU H 16 26.69 31.38 28.68
CA LEU H 16 25.30 31.04 28.64
C LEU H 16 24.61 31.19 30.03
N HIS H 17 25.29 31.68 31.05
CA HIS H 17 24.55 32.03 32.27
C HIS H 17 23.36 32.99 32.12
N PRO H 18 22.30 32.81 32.92
CA PRO H 18 22.16 31.82 33.97
C PRO H 18 21.49 30.59 33.40
N ALA H 19 21.23 30.68 32.10
CA ALA H 19 20.54 29.61 31.43
C ALA H 19 21.20 28.33 31.95
N THR H 20 22.52 28.31 31.92
CA THR H 20 23.28 27.15 32.34
C THR H 20 23.55 27.09 33.81
N LEU H 21 22.70 27.63 34.66
CA LEU H 21 23.15 27.69 36.02
C LEU H 21 23.32 26.30 36.53
N ALA H 22 22.22 25.68 36.90
CA ALA H 22 22.41 24.33 37.39
C ALA H 22 22.98 23.37 36.19
N ILE H 23 22.49 23.43 34.88
CA ILE H 23 22.80 22.42 33.82
C ILE H 23 23.76 22.71 32.66
N SER H 24 24.71 21.80 32.40
CA SER H 24 25.73 22.07 31.39
C SER H 24 25.22 22.34 29.99
N LYS H 25 25.97 23.24 29.35
CA LYS H 25 25.75 23.73 28.02
C LYS H 25 25.47 22.59 27.10
N GLN H 26 26.23 21.53 27.24
CA GLN H 26 26.12 20.46 26.26
C GLN H 26 24.93 19.60 26.50
N LEU H 27 24.09 19.95 27.47
CA LEU H 27 22.84 19.21 27.65
C LEU H 27 21.69 20.02 27.15
N LEU H 28 21.87 21.31 26.95
CA LEU H 28 20.74 22.04 26.44
C LEU H 28 20.40 21.50 25.02
N PRO H 29 19.17 21.67 24.63
CA PRO H 29 18.76 21.23 23.30
C PRO H 29 19.18 22.19 22.23
N VAL H 30 19.43 21.65 21.05
CA VAL H 30 19.49 22.48 19.89
C VAL H 30 18.27 22.03 19.10
N TYR H 31 17.22 22.85 19.17
CA TYR H 31 15.93 22.54 18.58
C TYR H 31 15.29 21.37 19.23
N ASP H 32 15.68 20.17 18.87
CA ASP H 32 14.89 19.01 19.30
C ASP H 32 15.69 17.85 19.85
N LYS H 33 16.95 18.05 20.13
CA LYS H 33 17.69 16.99 20.74
C LYS H 33 18.87 17.66 21.43
N PRO H 34 19.50 16.97 22.32
CA PRO H 34 20.56 17.60 23.10
C PRO H 34 21.78 17.92 22.28
N MSE H 35 22.44 19.01 22.62
CA MSE H 35 23.56 19.49 21.88
C MSE H 35 24.53 18.39 21.61
O MSE H 35 24.98 18.23 20.47
CB MSE H 35 24.28 20.58 22.67
CG MSE H 35 25.22 21.41 21.85
SE MSE H 35 26.30 22.60 22.97
CE MSE H 35 25.13 23.72 23.39
N ILE H 36 24.85 17.65 22.64
CA ILE H 36 25.91 16.69 22.52
C ILE H 36 25.67 15.66 21.45
N TYR H 37 24.43 15.56 20.99
CA TYR H 37 24.13 14.59 19.95
C TYR H 37 24.82 14.95 18.67
N TYR H 38 25.00 16.24 18.43
CA TYR H 38 25.57 16.67 17.16
C TYR H 38 27.01 16.14 16.97
N PRO H 39 27.88 16.53 17.86
CA PRO H 39 29.29 16.14 17.74
C PRO H 39 29.44 14.65 17.89
N LEU H 40 28.61 14.10 18.72
CA LEU H 40 28.62 12.69 18.83
C LEU H 40 28.36 12.08 17.50
N SER H 41 27.31 12.55 16.85
CA SER H 41 26.93 12.01 15.56
C SER H 41 28.04 12.30 14.55
N THR H 42 28.75 13.41 14.70
CA THR H 42 29.88 13.69 13.81
C THR H 42 30.92 12.58 13.85
N LEU H 43 31.42 12.25 15.03
CA LEU H 43 32.36 11.17 15.11
C LEU H 43 31.76 9.92 14.52
N MSE H 44 30.49 9.68 14.78
CA MSE H 44 29.88 8.46 14.25
C MSE H 44 30.01 8.50 12.70
O MSE H 44 30.49 7.54 12.07
CB MSE H 44 28.43 8.32 14.71
CG MSE H 44 28.32 7.88 16.15
SE MSE H 44 26.65 8.20 16.88
CE MSE H 44 25.83 6.95 16.18
N LEU H 45 29.66 9.60 12.07
CA LEU H 45 29.78 9.63 10.63
C LEU H 45 31.20 9.41 10.20
N ALA H 46 32.17 9.70 11.06
CA ALA H 46 33.54 9.44 10.65
C ALA H 46 33.90 8.00 10.83
N GLY H 47 32.94 7.15 11.11
CA GLY H 47 33.32 5.77 11.30
C GLY H 47 33.87 5.44 12.66
N ILE H 48 33.83 6.35 13.61
CA ILE H 48 34.30 6.05 14.91
C ILE H 48 33.28 5.54 15.92
N ARG H 49 33.55 4.37 16.52
CA ARG H 49 32.60 3.74 17.48
C ARG H 49 32.99 3.71 18.92
N GLU H 50 34.24 4.03 19.20
CA GLU H 50 34.74 3.96 20.56
C GLU H 50 35.20 5.32 20.95
N ILE H 51 34.43 5.91 21.86
CA ILE H 51 34.52 7.32 22.17
C ILE H 51 34.56 7.59 23.63
N LEU H 52 35.42 8.52 23.99
CA LEU H 52 35.48 8.97 25.35
C LEU H 52 34.91 10.37 25.50
N ILE H 53 34.08 10.54 26.52
CA ILE H 53 33.45 11.81 26.74
C ILE H 53 34.01 12.45 28.00
N ILE H 54 34.49 13.67 27.86
CA ILE H 54 35.14 14.35 28.95
C ILE H 54 34.33 15.53 29.36
N SER H 55 34.10 15.64 30.65
CA SER H 55 33.34 16.77 31.10
C SER H 55 33.73 17.25 32.45
N THR H 56 32.91 18.11 33.05
CA THR H 56 33.20 18.58 34.39
C THR H 56 32.70 17.48 35.26
N PRO H 57 33.18 17.50 36.50
CA PRO H 57 32.85 16.53 37.52
C PRO H 57 31.39 16.56 37.81
N GLN H 58 30.81 17.75 37.87
CA GLN H 58 29.38 17.85 38.09
C GLN H 58 28.58 17.33 36.88
N ASP H 59 29.06 17.56 35.65
CA ASP H 59 28.30 17.14 34.45
C ASP H 59 28.40 15.64 33.99
N THR H 60 29.54 15.02 34.24
CA THR H 60 29.75 13.62 33.87
C THR H 60 28.65 12.63 34.19
N PRO H 61 28.24 12.52 35.42
CA PRO H 61 27.14 11.64 35.72
C PRO H 61 25.98 11.89 34.78
N ARG H 62 25.74 13.14 34.43
CA ARG H 62 24.53 13.41 33.70
C ARG H 62 24.66 12.86 32.33
N PHE H 63 25.81 13.10 31.73
CA PHE H 63 26.03 12.64 30.40
C PHE H 63 25.85 11.15 30.44
N GLN H 64 26.34 10.62 31.52
CA GLN H 64 26.30 9.20 31.71
C GLN H 64 24.91 8.69 31.92
N GLN H 65 24.12 9.46 32.64
CA GLN H 65 22.72 9.14 32.78
C GLN H 65 22.03 9.14 31.42
N LEU H 66 22.51 9.94 30.48
CA LEU H 66 21.84 10.14 29.20
C LEU H 66 22.28 9.13 28.13
N LEU H 67 23.58 8.85 28.05
CA LEU H 67 24.09 8.05 26.91
C LEU H 67 24.44 6.63 27.29
N GLY H 68 24.54 6.37 28.57
CA GLY H 68 24.88 5.05 28.98
C GLY H 68 26.30 4.71 28.56
N ASP H 69 26.50 3.43 28.29
CA ASP H 69 27.76 2.94 27.80
C ASP H 69 27.74 2.81 26.28
N GLY H 70 26.65 3.15 25.61
CA GLY H 70 26.64 3.15 24.15
C GLY H 70 26.20 1.90 23.44
N SER H 71 26.13 0.82 24.20
CA SER H 71 25.76 -0.47 23.65
C SER H 71 24.45 -0.44 22.94
N ASN H 72 23.50 0.33 23.43
CA ASN H 72 22.25 0.45 22.67
C ASN H 72 22.38 1.08 21.30
N TRP H 73 23.40 1.87 21.04
CA TRP H 73 23.58 2.43 19.71
C TRP H 73 24.75 1.75 18.95
N GLY H 74 25.23 0.63 19.48
CA GLY H 74 26.38 -0.02 18.88
C GLY H 74 27.68 0.71 19.13
N LEU H 75 27.71 1.58 20.12
CA LEU H 75 28.95 2.27 20.40
C LEU H 75 29.56 1.69 21.62
N ASP H 76 30.75 2.17 21.92
CA ASP H 76 31.36 1.88 23.17
C ASP H 76 31.77 3.17 23.80
N LEU H 77 31.00 3.65 24.76
CA LEU H 77 31.28 4.95 25.32
C LEU H 77 31.91 4.89 26.67
N GLN H 78 32.84 5.79 26.91
CA GLN H 78 33.48 5.89 28.20
C GLN H 78 33.59 7.32 28.66
N TYR H 79 33.83 7.51 29.95
CA TYR H 79 33.77 8.86 30.52
C TYR H 79 34.99 9.24 31.34
N ALA H 80 35.24 10.52 31.42
CA ALA H 80 36.40 11.00 32.16
C ALA H 80 36.15 12.42 32.50
N VAL H 81 36.86 12.91 33.47
CA VAL H 81 36.63 14.21 34.00
C VAL H 81 37.72 15.22 33.79
N GLN H 82 37.33 16.49 33.62
CA GLN H 82 38.29 17.57 33.47
C GLN H 82 38.00 18.50 34.62
N PRO H 83 38.74 18.32 35.70
CA PRO H 83 38.54 19.08 36.94
C PRO H 83 38.51 20.56 36.71
N SER H 84 39.35 21.03 35.80
CA SER H 84 39.39 22.46 35.52
C SER H 84 39.82 22.82 34.10
N PRO H 85 39.23 23.88 33.55
CA PRO H 85 39.37 24.21 32.13
C PRO H 85 40.73 24.80 31.80
N ASP H 86 41.71 23.92 31.68
CA ASP H 86 43.08 24.34 31.41
C ASP H 86 43.58 24.23 29.96
N GLY H 87 42.64 24.12 29.02
CA GLY H 87 42.93 23.95 27.62
C GLY H 87 42.39 22.65 27.04
N LEU H 88 41.86 22.72 25.83
CA LEU H 88 41.46 21.53 25.10
C LEU H 88 42.59 20.50 25.06
N ALA H 89 43.82 20.96 24.89
CA ALA H 89 44.92 20.01 24.74
C ALA H 89 45.01 19.04 25.92
N GLN H 90 44.51 19.47 27.06
CA GLN H 90 44.52 18.54 28.18
C GLN H 90 43.82 17.24 27.82
N ALA H 91 42.93 17.35 26.85
CA ALA H 91 42.11 16.20 26.53
C ALA H 91 43.02 15.03 26.30
N PHE H 92 44.13 15.30 25.63
CA PHE H 92 45.06 14.23 25.31
C PHE H 92 45.78 13.67 26.50
N LEU H 93 45.92 14.46 27.55
CA LEU H 93 46.53 13.94 28.75
C LEU H 93 45.48 13.18 29.46
N ILE H 94 44.40 13.85 29.76
CA ILE H 94 43.36 13.14 30.45
C ILE H 94 43.02 11.86 29.70
N GLY H 95 43.17 11.83 28.38
CA GLY H 95 42.73 10.68 27.61
C GLY H 95 43.82 9.76 27.13
N GLU H 96 45.02 10.02 27.64
CA GLU H 96 46.20 9.23 27.28
C GLU H 96 46.05 7.73 27.34
N SER H 97 45.42 7.21 28.36
CA SER H 97 45.34 5.78 28.44
C SER H 97 44.20 5.22 27.62
N PHE H 98 43.18 6.03 27.36
CA PHE H 98 42.05 5.60 26.56
C PHE H 98 42.53 5.51 25.13
N ILE H 99 43.38 6.42 24.74
CA ILE H 99 43.90 6.36 23.37
C ILE H 99 44.87 5.18 23.16
N GLY H 100 45.77 4.97 24.11
CA GLY H 100 46.74 3.90 23.95
C GLY H 100 47.59 4.16 22.74
N ASN H 101 47.86 3.14 21.97
CA ASN H 101 48.68 3.35 20.80
C ASN H 101 47.94 3.58 19.47
N ASP H 102 46.70 4.06 19.54
CA ASP H 102 45.87 4.21 18.38
C ASP H 102 45.75 5.62 17.83
N LEU H 103 45.21 5.71 16.61
CA LEU H 103 44.89 6.97 15.98
C LEU H 103 43.73 7.56 16.75
N SER H 104 43.51 8.86 16.64
CA SER H 104 42.42 9.48 17.38
C SER H 104 41.84 10.68 16.72
N ALA H 105 40.80 11.18 17.35
CA ALA H 105 40.10 12.34 16.85
C ALA H 105 39.48 13.05 18.02
N LEU H 106 39.40 14.36 17.91
CA LEU H 106 38.86 15.17 18.99
C LEU H 106 37.87 16.16 18.48
N VAL H 107 36.68 16.16 19.04
CA VAL H 107 35.69 17.13 18.61
C VAL H 107 35.13 17.83 19.86
N LEU H 108 35.00 19.16 19.78
CA LEU H 108 34.43 19.97 20.85
C LEU H 108 32.94 19.91 20.89
N GLY H 109 32.39 19.86 22.09
CA GLY H 109 30.97 19.68 22.30
C GLY H 109 29.97 20.71 21.83
N ASP H 110 30.41 21.88 21.43
CA ASP H 110 29.43 22.86 20.99
C ASP H 110 29.64 23.24 19.53
N ASN H 111 30.27 22.34 18.77
CA ASN H 111 30.47 22.56 17.36
C ASN H 111 29.47 21.71 16.67
N LEU H 112 28.83 22.34 15.70
CA LEU H 112 27.76 21.69 14.99
C LEU H 112 28.05 21.77 13.49
N TYR H 113 27.95 20.64 12.78
CA TYR H 113 28.29 20.56 11.34
C TYR H 113 27.14 20.05 10.44
N TYR H 114 26.91 20.65 9.29
CA TYR H 114 25.85 20.18 8.37
C TYR H 114 26.24 20.37 6.92
N GLY H 115 25.89 19.41 6.07
CA GLY H 115 26.21 19.52 4.67
C GLY H 115 26.46 18.27 3.87
N HIS H 116 26.21 18.41 2.57
CA HIS H 116 26.34 17.35 1.59
C HIS H 116 27.71 16.73 1.51
N ASP H 117 27.74 15.42 1.56
CA ASP H 117 28.99 14.67 1.54
C ASP H 117 29.86 14.88 2.73
N PHE H 118 29.31 15.41 3.79
CA PHE H 118 30.06 15.54 5.02
C PHE H 118 30.81 14.24 5.40
N HIS H 119 30.25 13.13 5.05
CA HIS H 119 30.84 11.88 5.33
C HIS H 119 32.06 11.48 4.58
N GLU H 120 32.11 11.79 3.30
CA GLU H 120 33.27 11.59 2.53
C GLU H 120 34.35 12.49 3.09
N LEU H 121 34.01 13.76 3.37
CA LEU H 121 34.96 14.75 3.89
C LEU H 121 35.60 14.24 5.16
N LEU H 122 34.76 13.70 6.03
CA LEU H 122 35.25 13.13 7.24
C LEU H 122 36.08 11.94 6.98
N GLY H 123 35.62 11.08 6.08
CA GLY H 123 36.38 9.94 5.58
C GLY H 123 37.77 10.21 5.09
N SER H 124 37.99 11.25 4.29
CA SER H 124 39.32 11.48 3.86
C SER H 124 40.17 11.46 5.08
N ALA H 125 39.94 12.44 5.96
CA ALA H 125 40.79 12.62 7.11
C ALA H 125 40.95 11.37 7.96
N SER H 126 39.85 10.74 8.29
CA SER H 126 39.86 9.57 9.19
C SER H 126 40.66 8.40 8.72
N GLN H 127 40.76 8.25 7.42
CA GLN H 127 41.47 7.14 6.86
C GLN H 127 42.93 7.44 6.74
N ARG H 128 43.36 8.70 6.97
CA ARG H 128 44.78 8.96 6.93
C ARG H 128 45.31 8.29 8.14
N GLN H 129 46.56 7.87 8.07
CA GLN H 129 47.15 7.17 9.18
C GLN H 129 48.44 7.76 9.66
N THR H 130 48.66 9.03 9.40
CA THR H 130 49.89 9.66 9.80
C THR H 130 49.63 11.14 9.80
N GLY H 131 50.30 11.87 10.66
CA GLY H 131 50.14 13.30 10.70
C GLY H 131 48.82 13.68 11.33
N ALA H 132 48.44 14.92 11.11
CA ALA H 132 47.19 15.38 11.64
C ALA H 132 46.37 16.05 10.56
N SER H 133 45.06 16.08 10.74
CA SER H 133 44.27 16.83 9.78
C SER H 133 43.32 17.73 10.50
N VAL H 134 43.11 18.95 9.97
CA VAL H 134 42.11 19.88 10.51
C VAL H 134 41.31 20.55 9.37
N PHE H 135 40.23 21.22 9.65
CA PHE H 135 39.47 21.85 8.61
C PHE H 135 39.42 23.37 8.79
N ALA H 136 39.23 24.09 7.71
CA ALA H 136 39.27 25.52 7.78
C ALA H 136 38.09 26.10 7.05
N TYR H 137 37.50 27.06 7.71
CA TYR H 137 36.23 27.56 7.27
C TYR H 137 36.20 29.05 7.29
N HIS H 138 35.94 29.66 6.16
CA HIS H 138 35.84 31.10 6.08
C HIS H 138 34.75 31.62 7.00
N VAL H 139 35.04 32.65 7.78
CA VAL H 139 34.06 33.21 8.73
C VAL H 139 34.17 34.72 8.83
N LEU H 140 33.19 35.34 9.44
CA LEU H 140 33.19 36.78 9.58
C LEU H 140 34.10 37.35 10.68
N ASP H 141 34.28 36.59 11.75
CA ASP H 141 35.11 37.00 12.87
C ASP H 141 36.22 36.04 13.29
N PRO H 142 37.20 35.90 12.46
CA PRO H 142 38.27 34.97 12.73
C PRO H 142 38.93 35.25 14.07
N GLU H 143 38.95 36.49 14.52
CA GLU H 143 39.56 36.82 15.81
C GLU H 143 39.16 35.94 16.98
N ARG H 144 37.99 35.33 16.86
CA ARG H 144 37.46 34.50 17.92
C ARG H 144 37.98 33.10 17.88
N TYR H 145 38.74 32.78 16.84
CA TYR H 145 39.22 31.39 16.66
C TYR H 145 40.68 31.19 16.34
N GLY H 146 41.09 29.93 16.31
CA GLY H 146 42.42 29.59 15.85
C GLY H 146 42.36 29.92 14.36
N VAL H 147 43.27 30.74 13.86
CA VAL H 147 43.24 31.20 12.44
C VAL H 147 44.41 30.65 11.66
N VAL H 148 44.18 30.23 10.42
CA VAL H 148 45.25 29.60 9.63
C VAL H 148 45.44 30.40 8.38
N GLU H 149 46.70 30.61 8.02
CA GLU H 149 47.01 31.41 6.84
C GLU H 149 47.51 30.54 5.70
N PHE H 150 47.10 30.83 4.47
CA PHE H 150 47.60 30.05 3.32
C PHE H 150 48.46 30.90 2.40
N ASP H 151 49.33 30.26 1.63
CA ASP H 151 50.10 31.01 0.67
C ASP H 151 49.34 31.00 -0.65
N GLN H 152 49.95 31.59 -1.67
CA GLN H 152 49.35 31.68 -3.00
C GLN H 152 49.18 30.35 -3.61
N GLY H 153 49.77 29.36 -2.98
CA GLY H 153 49.74 28.05 -3.55
C GLY H 153 48.77 27.19 -2.81
N GLY H 154 48.04 27.75 -1.85
CA GLY H 154 47.02 27.01 -1.15
C GLY H 154 47.59 26.22 -0.01
N LYS H 155 48.85 26.46 0.27
CA LYS H 155 49.51 25.77 1.35
C LYS H 155 49.47 26.49 2.71
N ALA H 156 49.34 25.75 3.80
CA ALA H 156 49.21 26.38 5.09
C ALA H 156 50.59 26.79 5.57
N ILE H 157 50.72 28.03 6.05
CA ILE H 157 52.02 28.50 6.54
C ILE H 157 52.00 29.16 7.94
N SER H 158 50.83 29.27 8.58
CA SER H 158 50.80 29.63 9.99
C SER H 158 49.45 29.48 10.65
N LEU H 159 49.53 29.39 11.96
CA LEU H 159 48.40 29.24 12.80
C LEU H 159 48.52 30.20 13.95
N GLU H 160 47.53 31.01 14.21
CA GLU H 160 47.54 31.86 15.40
C GLU H 160 46.25 31.69 16.13
N GLU H 161 46.29 31.58 17.45
CA GLU H 161 45.06 31.49 18.22
C GLU H 161 44.51 32.85 18.56
N LYS H 162 43.26 33.11 18.23
CA LYS H 162 42.62 34.37 18.60
C LYS H 162 43.48 35.59 18.45
N PRO H 163 43.96 35.84 17.27
CA PRO H 163 44.77 37.02 17.03
C PRO H 163 44.03 38.32 16.96
N LEU H 164 44.64 39.42 17.40
CA LEU H 164 44.02 40.72 17.26
C LEU H 164 44.00 41.17 15.80
N GLU H 165 44.96 40.71 15.01
CA GLU H 165 45.01 41.00 13.56
C GLU H 165 45.17 39.71 12.72
N PRO H 166 44.06 39.03 12.47
CA PRO H 166 44.07 37.76 11.75
C PRO H 166 44.68 37.89 10.40
N LYS H 167 45.47 36.92 10.01
CA LYS H 167 46.08 37.01 8.68
C LYS H 167 45.14 36.47 7.60
N SER H 168 44.05 35.85 7.97
CA SER H 168 43.07 35.55 6.97
C SER H 168 41.73 35.52 7.64
N ASN H 169 40.74 35.10 6.85
CA ASN H 169 39.41 34.85 7.38
C ASN H 169 39.08 33.38 7.55
N TYR H 170 40.06 32.52 7.41
CA TYR H 170 39.83 31.10 7.67
C TYR H 170 40.08 30.70 9.12
N ALA H 171 39.03 30.21 9.78
CA ALA H 171 39.15 29.72 11.14
C ALA H 171 39.31 28.25 11.11
N VAL H 172 39.94 27.64 12.13
CA VAL H 172 40.10 26.20 12.21
C VAL H 172 38.97 25.72 13.09
N THR H 173 38.15 24.81 12.60
CA THR H 173 37.05 24.36 13.45
C THR H 173 37.43 23.37 14.51
N GLY H 174 36.46 23.00 15.31
CA GLY H 174 36.72 22.18 16.47
C GLY H 174 36.53 20.73 16.30
N LEU H 175 37.14 20.24 15.25
CA LEU H 175 37.16 18.85 14.93
C LEU H 175 38.63 18.55 14.54
N TYR H 176 39.27 17.56 15.12
CA TYR H 176 40.67 17.38 14.79
C TYR H 176 41.02 15.91 14.68
N PHE H 177 41.72 15.50 13.63
CA PHE H 177 42.22 14.12 13.53
C PHE H 177 43.77 13.98 13.85
N TYR H 178 44.17 13.01 14.68
CA TYR H 178 45.59 12.83 15.07
C TYR H 178 46.14 11.39 15.03
N ASP H 179 47.41 11.26 14.65
CA ASP H 179 48.11 9.97 14.58
C ASP H 179 48.67 9.68 15.96
N GLN H 180 49.68 8.85 16.07
CA GLN H 180 50.13 8.49 17.41
C GLN H 180 51.01 9.51 18.09
N GLN H 181 51.48 10.52 17.38
CA GLN H 181 52.36 11.47 18.03
C GLN H 181 51.69 12.45 18.99
N VAL H 182 50.36 12.55 18.98
CA VAL H 182 49.70 13.64 19.72
C VAL H 182 49.97 13.67 21.24
N VAL H 183 49.73 12.54 21.88
CA VAL H 183 49.95 12.45 23.30
C VAL H 183 51.30 13.05 23.68
N ASP H 184 52.39 12.55 23.10
CA ASP H 184 53.72 13.06 23.49
C ASP H 184 53.80 14.52 23.18
N ILE H 185 53.31 14.91 22.03
CA ILE H 185 53.36 16.34 21.75
C ILE H 185 52.65 17.12 22.83
N ALA H 186 51.51 16.60 23.26
CA ALA H 186 50.76 17.33 24.26
C ALA H 186 51.54 17.38 25.56
N ARG H 187 52.29 16.31 25.86
CA ARG H 187 53.06 16.24 27.10
C ARG H 187 54.09 17.33 27.23
N ASP H 188 54.57 17.90 26.14
CA ASP H 188 55.55 18.99 26.26
C ASP H 188 54.99 20.37 26.12
N LEU H 189 53.69 20.55 26.18
CA LEU H 189 53.23 21.91 26.01
C LEU H 189 53.34 22.67 27.28
N LYS H 190 53.53 23.96 27.17
CA LYS H 190 53.47 24.83 28.33
C LYS H 190 52.32 25.74 28.20
N PRO H 191 51.65 25.94 29.30
CA PRO H 191 50.42 26.70 29.31
C PRO H 191 50.68 27.97 28.60
N SER H 192 49.68 28.49 27.93
CA SER H 192 49.84 29.70 27.16
C SER H 192 49.78 30.79 28.19
N PRO H 193 49.89 32.04 27.75
CA PRO H 193 49.75 33.13 28.69
C PRO H 193 48.35 33.01 29.17
N ARG H 194 47.47 32.83 28.20
CA ARG H 194 46.05 32.66 28.43
C ARG H 194 45.89 31.56 29.46
N GLY H 195 47.01 31.00 29.87
CA GLY H 195 47.03 29.97 30.89
C GLY H 195 46.25 28.74 30.49
N GLU H 196 46.41 28.30 29.26
CA GLU H 196 45.76 27.06 28.88
C GLU H 196 46.70 26.26 28.01
N LEU H 197 46.48 24.95 27.96
CA LEU H 197 47.18 24.13 26.99
C LEU H 197 46.39 24.09 25.68
N GLU H 198 46.89 24.80 24.69
CA GLU H 198 46.22 25.04 23.42
C GLU H 198 46.35 24.04 22.31
N ILE H 199 45.20 23.68 21.75
CA ILE H 199 45.16 22.78 20.63
C ILE H 199 45.87 23.45 19.47
N THR H 200 45.81 24.76 19.45
CA THR H 200 46.52 25.41 18.40
C THR H 200 48.00 25.05 18.45
N ASP H 201 48.57 25.01 19.64
CA ASP H 201 49.99 24.68 19.76
C ASP H 201 50.20 23.26 19.28
N VAL H 202 49.31 22.36 19.67
CA VAL H 202 49.45 21.01 19.16
C VAL H 202 49.49 21.04 17.61
N ASN H 203 48.56 21.78 17.02
CA ASN H 203 48.47 21.79 15.58
C ASN H 203 49.72 22.36 14.93
N ARG H 204 50.24 23.38 15.58
CA ARG H 204 51.44 24.04 15.13
C ARG H 204 52.68 23.15 15.18
N ALA H 205 52.71 22.33 16.21
CA ALA H 205 53.77 21.39 16.26
C ALA H 205 53.71 20.51 14.99
N TYR H 206 52.56 19.97 14.64
CA TYR H 206 52.52 19.13 13.45
C TYR H 206 52.90 19.96 12.20
N LEU H 207 52.59 21.25 12.27
CA LEU H 207 52.84 22.11 11.13
C LEU H 207 54.35 22.30 10.95
N GLU H 208 55.02 22.61 12.06
CA GLU H 208 56.47 22.78 12.06
C GLU H 208 57.18 21.54 11.50
N ARG H 209 56.59 20.35 11.63
CA ARG H 209 57.17 19.14 11.02
C ARG H 209 56.71 18.78 9.63
N GLY H 210 55.93 19.62 9.00
CA GLY H 210 55.49 19.27 7.67
C GLY H 210 54.41 18.21 7.70
N GLN H 211 53.75 18.01 8.82
CA GLN H 211 52.78 16.94 8.87
C GLN H 211 51.35 17.35 9.19
N LEU H 212 50.99 18.61 8.99
CA LEU H 212 49.65 19.05 9.29
C LEU H 212 48.89 19.19 8.03
N SER H 213 47.80 18.44 7.89
CA SER H 213 46.95 18.59 6.73
C SER H 213 45.71 19.44 6.99
N VAL H 214 45.53 20.44 6.16
CA VAL H 214 44.49 21.40 6.39
C VAL H 214 43.55 21.42 5.24
N GLU H 215 42.37 20.81 5.36
CA GLU H 215 41.45 20.75 4.23
C GLU H 215 40.46 21.86 4.36
N ILE H 216 40.15 22.51 3.25
CA ILE H 216 39.11 23.52 3.28
C ILE H 216 37.72 22.94 3.38
N MSE H 217 36.92 23.43 4.33
CA MSE H 217 35.49 23.14 4.39
C MSE H 217 34.81 24.31 3.72
O MSE H 217 34.75 25.40 4.25
CB MSE H 217 35.05 23.01 5.84
CG MSE H 217 33.64 22.71 6.08
SE MSE H 217 33.28 22.64 7.94
CE MSE H 217 33.84 21.19 8.18
N GLY H 218 34.36 24.12 2.49
CA GLY H 218 33.64 25.12 1.74
C GLY H 218 32.38 25.75 2.28
N ARG H 219 32.00 26.84 1.64
CA ARG H 219 30.93 27.70 2.12
C ARG H 219 29.57 26.98 1.94
N GLY H 220 29.65 25.83 1.28
CA GLY H 220 28.52 24.96 1.12
C GLY H 220 28.23 24.14 2.32
N TYR H 221 29.09 24.13 3.31
CA TYR H 221 28.74 23.51 4.53
C TYR H 221 28.43 24.63 5.53
N ALA H 222 27.87 24.20 6.65
CA ALA H 222 27.49 25.03 7.74
C ALA H 222 28.18 24.53 8.98
N TRP H 223 28.97 25.42 9.58
CA TRP H 223 29.65 25.15 10.80
C TRP H 223 29.18 26.25 11.72
N LEU H 224 28.51 25.85 12.79
CA LEU H 224 28.03 26.78 13.75
C LEU H 224 28.53 26.43 15.12
N ASP H 225 28.76 27.40 15.98
CA ASP H 225 29.06 27.00 17.34
C ASP H 225 27.94 27.51 18.25
N THR H 226 27.57 26.71 19.23
CA THR H 226 26.44 27.02 20.05
C THR H 226 26.83 27.56 21.41
N GLY H 227 27.77 28.48 21.45
CA GLY H 227 28.30 28.93 22.73
C GLY H 227 27.74 30.16 23.39
N THR H 228 26.90 30.91 22.66
CA THR H 228 26.21 32.05 23.23
C THR H 228 24.75 31.91 23.06
N HIS H 229 23.99 32.64 23.85
CA HIS H 229 22.55 32.57 23.79
C HIS H 229 22.13 32.80 22.35
N ASP H 230 22.73 33.76 21.70
CA ASP H 230 22.27 34.04 20.37
C ASP H 230 22.61 32.98 19.37
N SER H 231 23.83 32.48 19.44
CA SER H 231 24.21 31.49 18.49
C SER H 231 23.40 30.23 18.76
N LEU H 232 23.12 29.94 20.02
CA LEU H 232 22.31 28.78 20.36
C LEU H 232 21.01 28.92 19.63
N LEU H 233 20.44 30.09 19.72
CA LEU H 233 19.15 30.34 19.12
C LEU H 233 19.14 30.29 17.62
N GLU H 234 20.19 30.80 17.02
CA GLU H 234 20.25 30.73 15.60
C GLU H 234 20.38 29.29 15.09
N ALA H 235 21.09 28.49 15.83
CA ALA H 235 21.32 27.13 15.41
C ALA H 235 20.02 26.40 15.48
N GLY H 236 19.33 26.65 16.58
CA GLY H 236 18.09 25.94 16.80
C GLY H 236 17.16 26.19 15.64
N GLN H 237 17.15 27.42 15.18
CA GLN H 237 16.29 27.77 14.08
C GLN H 237 16.80 27.15 12.81
N PHE H 238 18.10 26.97 12.74
CA PHE H 238 18.68 26.45 11.52
C PHE H 238 18.30 24.99 11.32
N ILE H 239 18.47 24.20 12.37
CA ILE H 239 18.07 22.81 12.30
C ILE H 239 16.55 22.68 12.08
N ALA H 240 15.76 23.49 12.76
CA ALA H 240 14.31 23.37 12.66
C ALA H 240 13.93 23.67 11.22
N THR H 241 14.64 24.57 10.57
CA THR H 241 14.21 24.89 9.24
C THR H 241 14.41 23.67 8.38
N LEU H 242 15.60 23.11 8.43
CA LEU H 242 15.89 21.92 7.69
C LEU H 242 15.03 20.77 8.07
N GLU H 243 14.92 20.45 9.35
CA GLU H 243 14.17 19.26 9.69
C GLU H 243 12.72 19.36 9.23
N ASN H 244 12.07 20.51 9.39
CA ASN H 244 10.67 20.62 9.04
C ASN H 244 10.41 20.62 7.57
N ARG H 245 11.42 20.99 6.81
CA ARG H 245 11.27 20.96 5.39
C ARG H 245 11.46 19.54 4.84
N GLN H 246 12.38 18.77 5.44
CA GLN H 246 12.73 17.46 4.90
C GLN H 246 11.98 16.28 5.43
N GLY H 247 11.46 16.41 6.64
CA GLY H 247 10.88 15.26 7.32
C GLY H 247 11.98 14.30 7.71
N LEU H 248 13.20 14.81 7.90
CA LEU H 248 14.31 14.00 8.27
C LEU H 248 15.04 14.70 9.36
N LYS H 249 15.76 13.98 10.19
CA LYS H 249 16.42 14.64 11.30
C LYS H 249 17.91 14.92 11.01
N VAL H 250 18.51 15.89 11.65
CA VAL H 250 19.94 16.04 11.51
C VAL H 250 20.55 15.47 12.76
N ALA H 251 21.66 14.79 12.65
CA ALA H 251 22.36 14.21 13.80
C ALA H 251 21.51 13.36 14.74
N CYS H 252 20.74 12.45 14.18
CA CYS H 252 20.05 11.50 15.02
C CYS H 252 20.89 10.24 15.12
N PRO H 253 21.51 10.01 16.28
CA PRO H 253 22.39 8.86 16.47
C PRO H 253 21.80 7.51 16.15
N GLU H 254 20.55 7.31 16.47
CA GLU H 254 19.97 6.01 16.20
C GLU H 254 19.92 5.73 14.75
N GLU H 255 19.65 6.75 13.97
CA GLU H 255 19.48 6.55 12.55
C GLU H 255 20.84 6.23 11.98
N ILE H 256 21.84 6.93 12.45
CA ILE H 256 23.14 6.75 11.87
C ILE H 256 23.68 5.38 12.22
N ALA H 257 23.48 4.97 13.45
CA ALA H 257 23.85 3.59 13.80
C ALA H 257 23.14 2.59 12.90
N TYR H 258 21.87 2.82 12.66
CA TYR H 258 21.09 1.95 11.82
C TYR H 258 21.62 1.97 10.41
N ARG H 259 22.09 3.10 9.93
CA ARG H 259 22.55 3.07 8.56
C ARG H 259 23.90 2.47 8.39
N GLN H 260 24.72 2.52 9.41
CA GLN H 260 26.03 1.90 9.32
C GLN H 260 25.98 0.46 9.72
N LYS H 261 24.79 -0.06 9.94
CA LYS H 261 24.66 -1.46 10.35
C LYS H 261 25.38 -1.72 11.64
N TRP H 262 25.42 -0.77 12.57
CA TRP H 262 25.97 -1.03 13.89
C TRP H 262 24.89 -1.57 14.78
N ILE H 263 23.65 -1.44 14.37
CA ILE H 263 22.58 -2.01 15.14
C ILE H 263 21.67 -2.44 14.02
N ASP H 264 20.74 -3.34 14.30
CA ASP H 264 19.82 -3.86 13.29
C ASP H 264 18.33 -3.46 13.45
N ALA H 265 17.52 -3.86 12.49
CA ALA H 265 16.15 -3.39 12.53
C ALA H 265 15.55 -3.71 13.87
N ALA H 266 15.90 -4.86 14.42
CA ALA H 266 15.25 -5.22 15.67
C ALA H 266 15.67 -4.24 16.75
N GLN H 267 16.94 -3.93 16.83
CA GLN H 267 17.42 -3.04 17.90
C GLN H 267 16.75 -1.69 17.78
N LEU H 268 16.62 -1.28 16.53
CA LEU H 268 16.04 -0.02 16.24
C LEU H 268 14.62 0.03 16.74
N GLU H 269 13.92 -1.08 16.63
CA GLU H 269 12.52 -1.09 17.05
C GLU H 269 12.43 -0.98 18.54
N LYS H 270 13.31 -1.69 19.20
CA LYS H 270 13.42 -1.57 20.64
C LYS H 270 13.68 -0.12 21.05
N LEU H 271 14.59 0.55 20.37
CA LEU H 271 14.89 1.91 20.72
C LEU H 271 13.70 2.83 20.60
N ALA H 272 12.86 2.58 19.59
CA ALA H 272 11.70 3.43 19.35
C ALA H 272 10.54 3.25 20.35
N ALA H 273 10.34 2.03 20.84
CA ALA H 273 9.15 1.73 21.65
C ALA H 273 8.93 2.77 22.73
N PRO H 274 9.93 2.93 23.55
CA PRO H 274 9.84 3.83 24.69
C PRO H 274 9.60 5.24 24.28
N LEU H 275 9.91 5.57 23.04
CA LEU H 275 9.69 6.94 22.63
C LEU H 275 8.41 7.12 21.81
N ALA H 276 7.62 6.05 21.65
CA ALA H 276 6.48 6.07 20.71
C ALA H 276 5.43 7.19 20.88
N LYS H 277 5.32 7.72 22.09
CA LYS H 277 4.34 8.76 22.33
C LYS H 277 4.75 10.04 21.64
N ASN H 278 6.02 10.15 21.25
CA ASN H 278 6.40 11.38 20.54
C ASN H 278 7.06 11.18 19.20
N GLY H 279 7.20 12.32 18.52
CA GLY H 279 7.73 12.38 17.16
C GLY H 279 9.07 11.75 16.98
N TYR H 280 9.93 11.75 17.99
CA TYR H 280 11.27 11.21 17.85
C TYR H 280 11.14 9.72 17.60
N GLY H 281 10.42 9.07 18.48
CA GLY H 281 10.18 7.66 18.28
C GLY H 281 9.38 7.45 17.00
N GLN H 282 8.43 8.33 16.71
CA GLN H 282 7.62 8.16 15.52
C GLN H 282 8.64 8.16 14.35
N TYR H 283 9.60 9.08 14.44
CA TYR H 283 10.60 9.21 13.40
C TYR H 283 11.40 7.90 13.29
N LEU H 284 11.91 7.44 14.41
CA LEU H 284 12.66 6.20 14.35
C LEU H 284 11.85 5.08 13.72
N LYS H 285 10.55 4.99 14.01
CA LYS H 285 9.75 3.88 13.47
C LYS H 285 9.67 4.03 11.99
N ARG H 286 9.38 5.23 11.54
CA ARG H 286 9.19 5.42 10.10
C ARG H 286 10.41 5.02 9.33
N LEU H 287 11.56 5.14 9.98
CA LEU H 287 12.79 4.80 9.33
C LEU H 287 12.88 3.35 8.90
N LEU H 288 12.16 2.44 9.54
CA LEU H 288 12.26 1.02 9.22
C LEU H 288 11.45 0.65 7.98
N THR H 289 10.61 1.57 7.55
CA THR H 289 9.79 1.32 6.38
C THR H 289 9.96 2.29 5.22
N GLU H 290 11.07 3.01 5.16
CA GLU H 290 11.24 3.96 4.09
C GLU H 290 12.68 3.94 3.71
N THR H 291 12.90 4.00 2.43
CA THR H 291 14.26 4.02 1.99
C THR H 291 14.64 5.47 1.90
N VAL H 292 15.77 5.84 2.47
CA VAL H 292 16.19 7.23 2.41
C VAL H 292 17.56 7.30 1.75
N TYR H 293 17.64 7.89 0.57
CA TYR H 293 18.90 7.84 -0.14
C TYR H 293 19.84 8.86 0.40
C1 G1P I . -37.87 -32.09 -25.00
C2 G1P I . -39.17 -32.85 -25.09
C3 G1P I . -39.23 -33.75 -23.88
C4 G1P I . -37.98 -34.61 -23.91
C5 G1P I . -36.73 -33.84 -23.73
C6 G1P I . -35.48 -34.71 -23.96
O1 G1P I . -37.87 -31.36 -23.78
O2 G1P I . -40.32 -31.97 -25.09
O3 G1P I . -40.46 -34.53 -24.03
O4 G1P I . -38.00 -35.51 -22.81
O5 G1P I . -36.67 -32.74 -24.60
O6 G1P I . -34.24 -33.95 -23.89
P G1P I . -37.22 -29.88 -23.99
O1P G1P I . -35.67 -29.92 -24.50
O2P G1P I . -37.98 -28.96 -25.18
O3P G1P I . -37.54 -29.11 -22.50
S SO4 J . -19.64 -51.96 -29.19
O1 SO4 J . -19.69 -50.61 -29.67
O2 SO4 J . -18.53 -52.60 -29.88
O3 SO4 J . -19.28 -52.16 -27.77
O4 SO4 J . -20.92 -52.53 -29.56
C1 G1P K . 3.09 -17.46 -26.45
C2 G1P K . 4.42 -16.82 -26.20
C3 G1P K . 5.11 -17.54 -25.08
C4 G1P K . 4.21 -17.49 -23.86
C5 G1P K . 3.00 -18.35 -24.11
C6 G1P K . 1.93 -18.04 -23.03
O1 G1P K . 3.49 -18.73 -26.92
O2 G1P K . 5.26 -16.92 -27.35
O3 G1P K . 6.34 -16.87 -24.77
O4 G1P K . 4.87 -18.02 -22.68
O5 G1P K . 2.45 -18.19 -25.42
O6 G1P K . 0.68 -18.71 -23.29
P G1P K . 2.35 -19.40 -27.83
O1P G1P K . 0.88 -19.32 -27.14
O2P G1P K . 2.40 -18.49 -29.28
O3P G1P K . 2.76 -21.04 -28.00
S SO4 L . -9.73 -10.86 -3.39
O1 SO4 L . -10.27 -11.36 -4.60
O2 SO4 L . -10.84 -10.12 -2.82
O3 SO4 L . -9.33 -11.98 -2.52
O4 SO4 L . -8.69 -9.92 -3.76
C1 G1P M . -1.79 -57.05 -14.35
C2 G1P M . -1.57 -58.12 -15.40
C3 G1P M . -1.58 -57.46 -16.75
C4 G1P M . -2.96 -56.89 -16.94
C5 G1P M . -3.24 -55.84 -15.87
C6 G1P M . -4.73 -55.52 -15.87
O1 G1P M . -0.74 -56.09 -14.61
O2 G1P M . -0.26 -58.70 -15.40
O3 G1P M . -1.37 -58.47 -17.74
O4 G1P M . -3.15 -56.32 -18.27
O5 G1P M . -2.82 -56.11 -14.54
O6 G1P M . -4.98 -54.42 -14.94
P G1P M . -0.28 -55.28 -13.31
O1P G1P M . -1.61 -54.66 -12.58
O2P G1P M . 0.37 -56.49 -12.28
O3P G1P M . 0.85 -54.10 -13.84
S SO4 N . -28.35 -53.17 -18.92
O1 SO4 N . -27.58 -53.24 -17.72
O2 SO4 N . -29.76 -53.27 -18.52
O3 SO4 N . -28.08 -51.92 -19.61
O4 SO4 N . -27.95 -54.26 -19.79
C1 G1P O . -18.88 -26.76 11.67
C2 G1P O . -19.24 -25.51 12.45
C3 G1P O . -19.83 -24.52 11.55
C4 G1P O . -18.74 -24.23 10.54
C5 G1P O . -18.41 -25.45 9.69
C6 G1P O . -17.13 -25.14 8.88
O1 G1P O . -20.08 -27.17 11.05
O2 G1P O . -20.28 -25.68 13.44
O3 G1P O . -20.03 -23.35 12.41
O4 G1P O . -19.07 -23.10 9.69
O5 G1P O . -18.27 -26.69 10.39
O6 G1P O . -16.71 -26.32 8.14
P G1P O . -20.20 -28.74 11.00
O1P G1P O . -18.88 -29.34 10.27
O2P G1P O . -20.18 -29.23 12.65
O3P G1P O . -21.65 -29.09 10.18
S SO4 P . 2.07 -17.50 -2.53
O1 SO4 P . 1.84 -18.86 -2.17
O2 SO4 P . 3.46 -17.57 -2.89
O3 SO4 P . 1.33 -16.94 -3.67
O4 SO4 P . 1.84 -16.73 -1.34
S SO4 Q . -2.94 -7.50 20.56
O1 SO4 Q . -3.23 -6.43 19.57
O2 SO4 Q . -2.04 -8.50 19.97
O3 SO4 Q . -2.27 -6.98 21.76
O4 SO4 Q . -4.22 -8.06 20.97
C1 G1P R . 5.48 23.57 -9.70
C2 G1P R . 5.49 22.21 -10.41
C3 G1P R . 5.57 21.16 -9.36
C4 G1P R . 6.89 21.41 -8.60
C5 G1P R . 6.88 22.70 -7.82
C6 G1P R . 8.34 23.11 -7.49
O1 G1P R . 4.33 23.52 -8.85
O2 G1P R . 4.26 21.80 -11.03
O3 G1P R . 5.60 19.96 -10.16
O4 G1P R . 7.27 20.41 -7.64
O5 G1P R . 6.27 23.79 -8.52
O6 G1P R . 8.45 24.44 -6.86
P G1P R . 3.68 24.94 -8.52
O1P G1P R . 4.84 25.95 -8.02
O2P G1P R . 3.12 25.51 -10.02
O3P G1P R . 2.45 24.62 -7.35
S SO4 S . 31.42 24.65 -1.96
O1 SO4 S . 30.77 25.85 -2.38
O2 SO4 S . 32.75 25.11 -1.66
O3 SO4 S . 31.08 24.04 -0.69
O4 SO4 S . 31.52 23.67 -3.02
S SO4 T . 5.37 50.48 -11.77
O1 SO4 T . 4.75 51.81 -12.04
O2 SO4 T . 6.82 50.64 -11.57
O3 SO4 T . 4.75 49.83 -10.56
O4 SO4 T . 5.12 49.62 -12.96
C1 G1P U . 14.94 59.86 12.26
C2 G1P U . 15.07 61.03 13.22
C3 G1P U . 15.56 60.59 14.55
C4 G1P U . 14.61 59.51 15.05
C5 G1P U . 14.66 58.27 14.14
C6 G1P U . 13.50 57.32 14.44
O1 G1P U . 16.28 59.49 12.07
O2 G1P U . 16.12 61.98 12.86
O3 G1P U . 15.52 61.85 15.24
O4 G1P U . 14.93 59.16 16.43
O5 G1P U . 14.73 58.54 12.72
O6 G1P U . 13.48 56.19 13.53
P G1P U . 16.71 58.89 10.67
O1P G1P U . 15.55 57.81 10.25
O2P G1P U . 16.70 60.19 9.55
O3P G1P U . 18.27 58.29 10.99
S SO4 V . -5.51 46.19 23.47
O1 SO4 V . -4.93 46.17 22.15
O2 SO4 V . -6.88 45.84 23.15
O3 SO4 V . -4.82 45.35 24.43
O4 SO4 V . -5.50 47.48 24.12
S SO4 W . -4.05 71.79 26.18
O1 SO4 W . -3.61 73.18 26.13
O2 SO4 W . -2.79 71.05 25.95
O3 SO4 W . -4.57 71.42 27.52
O4 SO4 W . -5.20 71.62 25.26
S SO4 X . 18.47 54.87 4.23
O1 SO4 X . 17.72 56.11 4.07
O2 SO4 X . 19.85 55.10 4.70
O3 SO4 X . 17.72 54.16 5.31
O4 SO4 X . 18.54 54.18 2.93
C1 G1P Y . -3.48 23.31 30.74
C2 G1P Y . -4.86 23.54 31.24
C3 G1P Y . -5.62 24.16 30.11
C4 G1P Y . -4.94 25.48 29.82
C5 G1P Y . -3.58 25.23 29.22
C6 G1P Y . -2.81 26.56 29.18
O1 G1P Y . -3.60 22.46 29.60
O2 G1P Y . -5.45 22.28 31.56
O3 G1P Y . -6.96 24.44 30.57
O4 G1P Y . -5.72 26.30 28.90
O5 G1P Y . -2.83 24.29 29.98
O6 G1P Y . -1.41 26.30 28.85
P G1P Y . -2.32 21.49 29.45
O1P G1P Y . -0.94 22.35 29.54
O2P G1P Y . -2.40 20.40 30.77
O3P G1P Y . -2.56 20.70 27.97
S SO4 Z . 5.36 48.99 31.12
O1 SO4 Z . 6.42 48.21 31.69
O2 SO4 Z . 5.62 50.36 31.38
O3 SO4 Z . 5.41 48.89 29.67
O4 SO4 Z . 4.06 48.78 31.76
S SO4 AA . 20.98 15.85 38.54
O1 SO4 AA . 21.99 16.91 38.32
O2 SO4 AA . 21.64 14.54 38.51
O3 SO4 AA . 20.32 16.01 39.86
O4 SO4 AA . 19.98 15.80 37.48
C1 G1P BA . 38.58 26.52 20.80
C2 G1P BA . 39.96 26.44 20.21
C3 G1P BA . 39.98 27.37 19.02
C4 G1P BA . 38.90 26.92 18.03
C5 G1P BA . 37.51 27.05 18.62
C6 G1P BA . 36.45 26.28 17.84
O1 G1P BA . 38.35 27.92 21.13
O2 G1P BA . 40.97 26.88 21.15
O3 G1P BA . 41.28 27.27 18.40
O4 G1P BA . 38.99 27.76 16.85
O5 G1P BA . 37.45 26.54 19.96
O6 G1P BA . 35.14 26.39 18.50
P G1P BA . 37.51 28.10 22.51
O1P G1P BA . 36.11 27.27 22.51
O2P G1P BA . 38.35 27.37 23.77
O3P G1P BA . 37.21 29.74 22.77
S SO4 CA . 24.10 14.01 1.42
O1 SO4 CA . 23.72 13.71 2.78
O2 SO4 CA . 23.55 13.02 0.49
O3 SO4 CA . 23.57 15.30 0.97
O4 SO4 CA . 25.55 13.91 1.38
#